data_3F45
# 
_entry.id   3F45 
# 
_audit_conform.dict_name       mmcif_pdbx.dic 
_audit_conform.dict_version    5.380 
_audit_conform.dict_location   http://mmcif.pdb.org/dictionaries/ascii/mmcif_pdbx.dic 
# 
loop_
_database_2.database_id 
_database_2.database_code 
_database_2.pdbx_database_accession 
_database_2.pdbx_DOI 
PDB   3F45         pdb_00003f45 10.2210/pdb3f45/pdb 
RCSB  RCSB050123   ?            ?                   
WWPDB D_1000050123 ?            ?                   
# 
_pdbx_database_status.status_code                     REL 
_pdbx_database_status.entry_id                        3F45 
_pdbx_database_status.recvd_initial_deposition_date   2008-10-31 
_pdbx_database_status.deposit_site                    RCSB 
_pdbx_database_status.process_site                    PDBJ 
_pdbx_database_status.status_code_sf                  REL 
_pdbx_database_status.status_code_mr                  ? 
_pdbx_database_status.SG_entry                        ? 
_pdbx_database_status.pdb_format_compatible           Y 
_pdbx_database_status.status_code_cs                  ? 
_pdbx_database_status.status_code_nmr_data            ? 
_pdbx_database_status.methods_development_category    ? 
# 
loop_
_audit_author.name 
_audit_author.pdbx_ordinal 
'Hoh, F.'     1 
'Padilla, A.' 2 
# 
_citation.id                        primary 
_citation.title                     
'Removing the invariant salt bridge of parvalbumin increases flexibility in the AB-loop structure' 
_citation.journal_abbrev            'Acta Crystallogr.,Sect.D' 
_citation.journal_volume            65 
_citation.page_first                733 
_citation.page_last                 743 
_citation.year                      2009 
_citation.journal_id_ASTM           ABCRE6 
_citation.country                   DK 
_citation.journal_id_ISSN           0907-4449 
_citation.journal_id_CSD            0766 
_citation.book_publisher            ? 
_citation.pdbx_database_id_PubMed   19622856 
_citation.pdbx_database_id_DOI      10.1107/S0907444909011482 
# 
loop_
_citation_author.citation_id 
_citation_author.name 
_citation_author.ordinal 
_citation_author.identifier_ORCID 
primary 'Hoh, F.'       1 ? 
primary 'Cave, A.'      2 ? 
primary 'Strub, M.P.'   3 ? 
primary 'Baneres, J.L.' 4 ? 
primary 'Padilla, A.'   5 ? 
# 
_cell.entry_id           3F45 
_cell.length_a           27.315 
_cell.length_b           55.050 
_cell.length_c           28.768 
_cell.angle_alpha        90.00 
_cell.angle_beta         105.56 
_cell.angle_gamma        90.00 
_cell.Z_PDB              2 
_cell.pdbx_unique_axis   ? 
_cell.length_a_esd       ? 
_cell.length_b_esd       ? 
_cell.length_c_esd       ? 
_cell.angle_alpha_esd    ? 
_cell.angle_beta_esd     ? 
_cell.angle_gamma_esd    ? 
# 
_symmetry.entry_id                         3F45 
_symmetry.space_group_name_H-M             'P 1 21 1' 
_symmetry.pdbx_full_space_group_name_H-M   ? 
_symmetry.cell_setting                     ? 
_symmetry.Int_Tables_number                4 
_symmetry.space_group_name_Hall            ? 
# 
loop_
_entity.id 
_entity.type 
_entity.src_method 
_entity.pdbx_description 
_entity.formula_weight 
_entity.pdbx_number_of_molecules 
_entity.pdbx_ec 
_entity.pdbx_mutation 
_entity.pdbx_fragment 
_entity.details 
1 polymer     man 'Parvalbumin alpha' 11727.225 1   ? R75A ? ? 
2 non-polymer syn 'CALCIUM ION'       40.078    2   ? ?    ? ? 
3 non-polymer syn 'SULFATE ION'       96.063    2   ? ?    ? ? 
4 water       nat water               18.015    155 ? ?    ? ? 
# 
_entity_poly.entity_id                      1 
_entity_poly.type                           'polypeptide(L)' 
_entity_poly.nstd_linkage                   no 
_entity_poly.nstd_monomer                   no 
_entity_poly.pdbx_seq_one_letter_code       
;SMTDLLSAEDIKKAIGAFTAADSFDHKKFFQMVGLKKKSADDVKKVFHILDKDKSGFIEEDELGSILKGFSSDAADLSAK
ETKTLMAAGDKDGDGKIGVEEFSTLVAES
;
_entity_poly.pdbx_seq_one_letter_code_can   
;SMTDLLSAEDIKKAIGAFTAADSFDHKKFFQMVGLKKKSADDVKKVFHILDKDKSGFIEEDELGSILKGFSSDAADLSAK
ETKTLMAAGDKDGDGKIGVEEFSTLVAES
;
_entity_poly.pdbx_strand_id                 A 
_entity_poly.pdbx_target_identifier         ? 
# 
loop_
_entity_poly_seq.entity_id 
_entity_poly_seq.num 
_entity_poly_seq.mon_id 
_entity_poly_seq.hetero 
1 1   SER n 
1 2   MET n 
1 3   THR n 
1 4   ASP n 
1 5   LEU n 
1 6   LEU n 
1 7   SER n 
1 8   ALA n 
1 9   GLU n 
1 10  ASP n 
1 11  ILE n 
1 12  LYS n 
1 13  LYS n 
1 14  ALA n 
1 15  ILE n 
1 16  GLY n 
1 17  ALA n 
1 18  PHE n 
1 19  THR n 
1 20  ALA n 
1 21  ALA n 
1 22  ASP n 
1 23  SER n 
1 24  PHE n 
1 25  ASP n 
1 26  HIS n 
1 27  LYS n 
1 28  LYS n 
1 29  PHE n 
1 30  PHE n 
1 31  GLN n 
1 32  MET n 
1 33  VAL n 
1 34  GLY n 
1 35  LEU n 
1 36  LYS n 
1 37  LYS n 
1 38  LYS n 
1 39  SER n 
1 40  ALA n 
1 41  ASP n 
1 42  ASP n 
1 43  VAL n 
1 44  LYS n 
1 45  LYS n 
1 46  VAL n 
1 47  PHE n 
1 48  HIS n 
1 49  ILE n 
1 50  LEU n 
1 51  ASP n 
1 52  LYS n 
1 53  ASP n 
1 54  LYS n 
1 55  SER n 
1 56  GLY n 
1 57  PHE n 
1 58  ILE n 
1 59  GLU n 
1 60  GLU n 
1 61  ASP n 
1 62  GLU n 
1 63  LEU n 
1 64  GLY n 
1 65  SER n 
1 66  ILE n 
1 67  LEU n 
1 68  LYS n 
1 69  GLY n 
1 70  PHE n 
1 71  SER n 
1 72  SER n 
1 73  ASP n 
1 74  ALA n 
1 75  ALA n 
1 76  ASP n 
1 77  LEU n 
1 78  SER n 
1 79  ALA n 
1 80  LYS n 
1 81  GLU n 
1 82  THR n 
1 83  LYS n 
1 84  THR n 
1 85  LEU n 
1 86  MET n 
1 87  ALA n 
1 88  ALA n 
1 89  GLY n 
1 90  ASP n 
1 91  LYS n 
1 92  ASP n 
1 93  GLY n 
1 94  ASP n 
1 95  GLY n 
1 96  LYS n 
1 97  ILE n 
1 98  GLY n 
1 99  VAL n 
1 100 GLU n 
1 101 GLU n 
1 102 PHE n 
1 103 SER n 
1 104 THR n 
1 105 LEU n 
1 106 VAL n 
1 107 ALA n 
1 108 GLU n 
1 109 SER n 
# 
_entity_src_gen.entity_id                          1 
_entity_src_gen.pdbx_src_id                        1 
_entity_src_gen.pdbx_alt_source_flag               sample 
_entity_src_gen.pdbx_seq_type                      ? 
_entity_src_gen.pdbx_beg_seq_num                   ? 
_entity_src_gen.pdbx_end_seq_num                   ? 
_entity_src_gen.gene_src_common_name               Rat 
_entity_src_gen.gene_src_genus                     ? 
_entity_src_gen.pdbx_gene_src_gene                 'Pvalb, Pva' 
_entity_src_gen.gene_src_species                   ? 
_entity_src_gen.gene_src_strain                    ? 
_entity_src_gen.gene_src_tissue                    ? 
_entity_src_gen.gene_src_tissue_fraction           ? 
_entity_src_gen.gene_src_details                   ? 
_entity_src_gen.pdbx_gene_src_fragment             ? 
_entity_src_gen.pdbx_gene_src_scientific_name      'Rattus norvegicus' 
_entity_src_gen.pdbx_gene_src_ncbi_taxonomy_id     10116 
_entity_src_gen.pdbx_gene_src_variant              ? 
_entity_src_gen.pdbx_gene_src_cell_line            ? 
_entity_src_gen.pdbx_gene_src_atcc                 ? 
_entity_src_gen.pdbx_gene_src_organ                ? 
_entity_src_gen.pdbx_gene_src_organelle            ? 
_entity_src_gen.pdbx_gene_src_cell                 ? 
_entity_src_gen.pdbx_gene_src_cellular_location    ? 
_entity_src_gen.host_org_common_name               ? 
_entity_src_gen.pdbx_host_org_scientific_name      'Escherichia coli' 
_entity_src_gen.pdbx_host_org_ncbi_taxonomy_id     469008 
_entity_src_gen.host_org_genus                     ? 
_entity_src_gen.pdbx_host_org_gene                 ? 
_entity_src_gen.pdbx_host_org_organ                ? 
_entity_src_gen.host_org_species                   ? 
_entity_src_gen.pdbx_host_org_tissue               ? 
_entity_src_gen.pdbx_host_org_tissue_fraction      ? 
_entity_src_gen.pdbx_host_org_strain               'BL21(DE3)' 
_entity_src_gen.pdbx_host_org_variant              ? 
_entity_src_gen.pdbx_host_org_cell_line            ? 
_entity_src_gen.pdbx_host_org_atcc                 ? 
_entity_src_gen.pdbx_host_org_culture_collection   ? 
_entity_src_gen.pdbx_host_org_cell                 ? 
_entity_src_gen.pdbx_host_org_organelle            ? 
_entity_src_gen.pdbx_host_org_cellular_location    ? 
_entity_src_gen.pdbx_host_org_vector_type          plasmid 
_entity_src_gen.pdbx_host_org_vector               ? 
_entity_src_gen.host_org_details                   ? 
_entity_src_gen.expression_system_id               ? 
_entity_src_gen.plasmid_name                       pgemex 
_entity_src_gen.plasmid_details                    ? 
_entity_src_gen.pdbx_description                   ? 
# 
_struct_ref.id                         1 
_struct_ref.db_name                    UNP 
_struct_ref.db_code                    PRVA_RAT 
_struct_ref.pdbx_db_accession          P02625 
_struct_ref.entity_id                  1 
_struct_ref.pdbx_seq_one_letter_code   
;SMTDLLSAEDIKKAIGAFTAADSFDHKKFFQMVGLKKKSADDVKKVFHILDKDKSGFIEEDELGSILKGFSSDARDLSAK
ETKTLMAAGDKDGDGKIGVEEFSTLVAES
;
_struct_ref.pdbx_align_begin           2 
_struct_ref.pdbx_db_isoform            ? 
# 
_struct_ref_seq.align_id                      1 
_struct_ref_seq.ref_id                        1 
_struct_ref_seq.pdbx_PDB_id_code              3F45 
_struct_ref_seq.pdbx_strand_id                A 
_struct_ref_seq.seq_align_beg                 1 
_struct_ref_seq.pdbx_seq_align_beg_ins_code   ? 
_struct_ref_seq.seq_align_end                 109 
_struct_ref_seq.pdbx_seq_align_end_ins_code   ? 
_struct_ref_seq.pdbx_db_accession             P02625 
_struct_ref_seq.db_align_beg                  2 
_struct_ref_seq.pdbx_db_align_beg_ins_code    ? 
_struct_ref_seq.db_align_end                  110 
_struct_ref_seq.pdbx_db_align_end_ins_code    ? 
_struct_ref_seq.pdbx_auth_seq_align_beg       1 
_struct_ref_seq.pdbx_auth_seq_align_end       109 
# 
_struct_ref_seq_dif.align_id                     1 
_struct_ref_seq_dif.pdbx_pdb_id_code             3F45 
_struct_ref_seq_dif.mon_id                       ALA 
_struct_ref_seq_dif.pdbx_pdb_strand_id           A 
_struct_ref_seq_dif.seq_num                      75 
_struct_ref_seq_dif.pdbx_pdb_ins_code            ? 
_struct_ref_seq_dif.pdbx_seq_db_name             UNP 
_struct_ref_seq_dif.pdbx_seq_db_accession_code   P02625 
_struct_ref_seq_dif.db_mon_id                    ARG 
_struct_ref_seq_dif.pdbx_seq_db_seq_num          76 
_struct_ref_seq_dif.details                      'engineered mutation' 
_struct_ref_seq_dif.pdbx_auth_seq_num            75 
_struct_ref_seq_dif.pdbx_ordinal                 1 
# 
loop_
_chem_comp.id 
_chem_comp.type 
_chem_comp.mon_nstd_flag 
_chem_comp.name 
_chem_comp.pdbx_synonyms 
_chem_comp.formula 
_chem_comp.formula_weight 
ALA 'L-peptide linking' y ALANINE         ? 'C3 H7 N O2'     89.093  
ARG 'L-peptide linking' y ARGININE        ? 'C6 H15 N4 O2 1' 175.209 
ASP 'L-peptide linking' y 'ASPARTIC ACID' ? 'C4 H7 N O4'     133.103 
CA  non-polymer         . 'CALCIUM ION'   ? 'Ca 2'           40.078  
GLN 'L-peptide linking' y GLUTAMINE       ? 'C5 H10 N2 O3'   146.144 
GLU 'L-peptide linking' y 'GLUTAMIC ACID' ? 'C5 H9 N O4'     147.129 
GLY 'peptide linking'   y GLYCINE         ? 'C2 H5 N O2'     75.067  
HIS 'L-peptide linking' y HISTIDINE       ? 'C6 H10 N3 O2 1' 156.162 
HOH non-polymer         . WATER           ? 'H2 O'           18.015  
ILE 'L-peptide linking' y ISOLEUCINE      ? 'C6 H13 N O2'    131.173 
LEU 'L-peptide linking' y LEUCINE         ? 'C6 H13 N O2'    131.173 
LYS 'L-peptide linking' y LYSINE          ? 'C6 H15 N2 O2 1' 147.195 
MET 'L-peptide linking' y METHIONINE      ? 'C5 H11 N O2 S'  149.211 
PHE 'L-peptide linking' y PHENYLALANINE   ? 'C9 H11 N O2'    165.189 
SER 'L-peptide linking' y SERINE          ? 'C3 H7 N O3'     105.093 
SO4 non-polymer         . 'SULFATE ION'   ? 'O4 S -2'        96.063  
THR 'L-peptide linking' y THREONINE       ? 'C4 H9 N O3'     119.119 
VAL 'L-peptide linking' y VALINE          ? 'C5 H11 N O2'    117.146 
# 
_exptl.entry_id          3F45 
_exptl.method            'X-RAY DIFFRACTION' 
_exptl.crystals_number   1 
# 
_exptl_crystal.id                    1 
_exptl_crystal.density_meas          ? 
_exptl_crystal.density_Matthews      1.776738 
_exptl_crystal.density_percent_sol   30.772001 
_exptl_crystal.description           ? 
_exptl_crystal.F_000                 ? 
_exptl_crystal.preparation           ? 
# 
_exptl_crystal_grow.crystal_id      1 
_exptl_crystal_grow.method          'VAPOR DIFFUSION, HANGING DROP' 
_exptl_crystal_grow.temp            290 
_exptl_crystal_grow.temp_details    ? 
_exptl_crystal_grow.pH              6.0 
_exptl_crystal_grow.pdbx_details    
'3.2 Ammonium sulfate, 2% PEG 600, 100mM MES, pH 6.0, VAPOR DIFFUSION, HANGING DROP, temperature 290K' 
_exptl_crystal_grow.pdbx_pH_range   . 
# 
_diffrn.id                     1 
_diffrn.ambient_temp           100 
_diffrn.ambient_temp_details   ? 
_diffrn.crystal_id             1 
# 
_diffrn_detector.diffrn_id              1 
_diffrn_detector.detector               'IMAGE PLATE' 
_diffrn_detector.type                   MARRESEARCH 
_diffrn_detector.pdbx_collection_date   2005-10-18 
_diffrn_detector.details                'osmic mirrors' 
# 
_diffrn_radiation.diffrn_id                        1 
_diffrn_radiation.wavelength_id                    1 
_diffrn_radiation.pdbx_monochromatic_or_laue_m_l   M 
_diffrn_radiation.monochromator                    ? 
_diffrn_radiation.pdbx_diffrn_protocol             'SINGLE WAVELENGTH' 
_diffrn_radiation.pdbx_scattering_type             x-ray 
# 
_diffrn_radiation_wavelength.id           1 
_diffrn_radiation_wavelength.wavelength   1.542 
_diffrn_radiation_wavelength.wt           1.0 
# 
_diffrn_source.diffrn_id                   1 
_diffrn_source.source                      'ROTATING ANODE' 
_diffrn_source.type                        RIGAKU 
_diffrn_source.pdbx_synchrotron_site       ? 
_diffrn_source.pdbx_synchrotron_beamline   ? 
_diffrn_source.pdbx_wavelength             ? 
_diffrn_source.pdbx_wavelength_list        1.542 
# 
_reflns.entry_id                     3F45 
_reflns.observed_criterion_sigma_I   2.0 
_reflns.observed_criterion_sigma_F   ? 
_reflns.d_resolution_low             27.71 
_reflns.d_resolution_high            2.0 
_reflns.number_obs                   5621 
_reflns.number_all                   ? 
_reflns.pdbx_number_measured_all     20256 
_reflns.percent_possible_obs         97.5 
_reflns.pdbx_Rmerge_I_obs            0.047 
_reflns.pdbx_Rsym_value              ? 
_reflns.pdbx_netI_over_sigmaI        ? 
_reflns.B_iso_Wilson_estimate        ? 
_reflns.pdbx_redundancy              3.8 
_reflns.R_free_details               ? 
_reflns.limit_h_max                  ? 
_reflns.limit_h_min                  ? 
_reflns.limit_k_max                  ? 
_reflns.limit_k_min                  ? 
_reflns.limit_l_max                  ? 
_reflns.limit_l_min                  ? 
_reflns.observed_criterion_F_max     ? 
_reflns.observed_criterion_F_min     ? 
_reflns.pdbx_chi_squared             ? 
_reflns.pdbx_scaling_rejects         ? 
_reflns.pdbx_diffrn_id               1 
_reflns.pdbx_ordinal                 1 
# 
_refine.entry_id                                 3F45 
_refine.ls_number_reflns_obs                     5480 
_refine.ls_number_reflns_all                     5621 
_refine.pdbx_ls_sigma_I                          ? 
_refine.pdbx_ls_sigma_F                          0 
_refine.pdbx_data_cutoff_high_absF               ? 
_refine.pdbx_data_cutoff_low_absF                ? 
_refine.pdbx_data_cutoff_high_rms_absF           ? 
_refine.ls_d_res_low                             27.71 
_refine.ls_d_res_high                            2.00 
_refine.ls_percent_reflns_obs                    97.54 
_refine.ls_R_factor_obs                          0.14726 
_refine.ls_R_factor_all                          0.158 
_refine.ls_R_factor_R_work                       0.14436 
_refine.ls_R_factor_R_free                       0.20485 
_refine.ls_R_factor_R_free_error                 ? 
_refine.ls_R_factor_R_free_error_details         ? 
_refine.ls_percent_reflns_R_free                 4.6 
_refine.ls_number_reflns_R_free                  251 
_refine.ls_number_parameters                     ? 
_refine.ls_number_restraints                     ? 
_refine.occupancy_min                            ? 
_refine.occupancy_max                            ? 
_refine.correlation_coeff_Fo_to_Fc               0.957 
_refine.correlation_coeff_Fo_to_Fc_free          0.916 
_refine.B_iso_mean                               12.078 
_refine.aniso_B[1][1]                            0.0 
_refine.aniso_B[2][2]                            0.00 
_refine.aniso_B[3][3]                            0.0 
_refine.aniso_B[1][2]                            0.00 
_refine.aniso_B[1][3]                            0.00 
_refine.aniso_B[2][3]                            0.00 
_refine.solvent_model_details                    MASK 
_refine.solvent_model_param_ksol                 ? 
_refine.solvent_model_param_bsol                 ? 
_refine.pdbx_solvent_vdw_probe_radii             1.20 
_refine.pdbx_solvent_ion_probe_radii             0.80 
_refine.pdbx_solvent_shrinkage_radii             0.80 
_refine.pdbx_ls_cross_valid_method               THROUGHOUT 
_refine.details                                  'HYDROGENS HAVE BEEN ADDED IN THE RIDING POSITIONS' 
_refine.pdbx_starting_model                      'PDB ENTRY 1RTP' 
_refine.pdbx_method_to_determine_struct          MIR 
_refine.pdbx_isotropic_thermal_model             ? 
_refine.pdbx_stereochemistry_target_values       'MAXIMUM LIKELIHOOD' 
_refine.pdbx_stereochem_target_val_spec_case     ? 
_refine.pdbx_R_Free_selection_details            RANDOM 
_refine.pdbx_overall_ESU_R                       0.260 
_refine.pdbx_overall_ESU_R_Free                  0.182 
_refine.overall_SU_ML                            0.124 
_refine.overall_SU_B                             4.497 
_refine.ls_redundancy_reflns_obs                 ? 
_refine.B_iso_min                                ? 
_refine.B_iso_max                                ? 
_refine.overall_SU_R_Cruickshank_DPI             ? 
_refine.overall_SU_R_free                        ? 
_refine.ls_wR_factor_R_free                      ? 
_refine.ls_wR_factor_R_work                      ? 
_refine.overall_FOM_free_R_set                   ? 
_refine.overall_FOM_work_R_set                   ? 
_refine.pdbx_refine_id                           'X-RAY DIFFRACTION' 
_refine.pdbx_overall_phase_error                 ? 
_refine.pdbx_diffrn_id                           1 
_refine.pdbx_TLS_residual_ADP_flag               ? 
_refine.pdbx_overall_SU_R_free_Cruickshank_DPI   ? 
_refine.pdbx_overall_SU_R_Blow_DPI               ? 
_refine.pdbx_overall_SU_R_free_Blow_DPI          ? 
# 
_refine_hist.pdbx_refine_id                   'X-RAY DIFFRACTION' 
_refine_hist.cycle_id                         LAST 
_refine_hist.pdbx_number_atoms_protein        822 
_refine_hist.pdbx_number_atoms_nucleic_acid   0 
_refine_hist.pdbx_number_atoms_ligand         12 
_refine_hist.number_atoms_solvent             155 
_refine_hist.number_atoms_total               989 
_refine_hist.d_res_high                       2.00 
_refine_hist.d_res_low                        27.71 
# 
loop_
_refine_ls_restr.type 
_refine_ls_restr.dev_ideal 
_refine_ls_restr.dev_ideal_target 
_refine_ls_restr.weight 
_refine_ls_restr.number 
_refine_ls_restr.pdbx_refine_id 
_refine_ls_restr.pdbx_restraint_function 
r_bond_refined_d         0.016  0.022  ? 839  'X-RAY DIFFRACTION' ? 
r_angle_refined_deg      1.595  1.989  ? 1119 'X-RAY DIFFRACTION' ? 
r_dihedral_angle_1_deg   5.909  5.000  ? 108  'X-RAY DIFFRACTION' ? 
r_dihedral_angle_2_deg   30.878 26.970 ? 33   'X-RAY DIFFRACTION' ? 
r_dihedral_angle_3_deg   13.568 15.000 ? 166  'X-RAY DIFFRACTION' ? 
r_chiral_restr           0.096  0.200  ? 125  'X-RAY DIFFRACTION' ? 
r_gen_planes_refined     0.005  0.020  ? 596  'X-RAY DIFFRACTION' ? 
r_nbd_refined            0.225  0.200  ? 520  'X-RAY DIFFRACTION' ? 
r_nbtor_refined          0.306  0.200  ? 606  'X-RAY DIFFRACTION' ? 
r_xyhbond_nbd_refined    0.188  0.200  ? 136  'X-RAY DIFFRACTION' ? 
r_metal_ion_refined      0.105  0.200  ? 11   'X-RAY DIFFRACTION' ? 
r_symmetry_vdw_refined   0.165  0.200  ? 54   'X-RAY DIFFRACTION' ? 
r_symmetry_hbond_refined 0.217  0.200  ? 35   'X-RAY DIFFRACTION' ? 
r_mcbond_it              0.908  1.500  ? 553  'X-RAY DIFFRACTION' ? 
r_mcangle_it             1.426  2.000  ? 848  'X-RAY DIFFRACTION' ? 
r_scbond_it              2.492  3.000  ? 314  'X-RAY DIFFRACTION' ? 
r_scangle_it             3.551  4.500  ? 271  'X-RAY DIFFRACTION' ? 
# 
_refine_ls_shell.pdbx_total_number_of_bins_used   20 
_refine_ls_shell.d_res_high                       1.996 
_refine_ls_shell.d_res_low                        2.048 
_refine_ls_shell.number_reflns_R_work             327 
_refine_ls_shell.R_factor_R_work                  0.200 
_refine_ls_shell.percent_reflns_obs               87.79 
_refine_ls_shell.R_factor_R_free                  0.321 
_refine_ls_shell.R_factor_R_free_error            ? 
_refine_ls_shell.percent_reflns_R_free            ? 
_refine_ls_shell.number_reflns_R_free             18 
_refine_ls_shell.number_reflns_all                ? 
_refine_ls_shell.R_factor_all                     ? 
_refine_ls_shell.number_reflns_obs                327 
_refine_ls_shell.redundancy_reflns_obs            ? 
_refine_ls_shell.pdbx_refine_id                   'X-RAY DIFFRACTION' 
# 
_struct.entry_id                  3F45 
_struct.title                     'Structure of the R75A mutant of rat alpha-Parvalbumin' 
_struct.pdbx_model_details        ? 
_struct.pdbx_CASP_flag            N 
_struct.pdbx_model_type_details   ? 
# 
_struct_keywords.entry_id        3F45 
_struct_keywords.pdbx_keywords   'CALCIUM BINDING PROTEIN' 
_struct_keywords.text            'calcium binding protein, EF-hand, Acetylation, Calcium, Muscle protein, Phosphoprotein' 
# 
loop_
_struct_asym.id 
_struct_asym.pdbx_blank_PDB_chainid_flag 
_struct_asym.pdbx_modified 
_struct_asym.entity_id 
_struct_asym.details 
A N N 1 ? 
B N N 2 ? 
C N N 2 ? 
D N N 3 ? 
E N N 3 ? 
F N N 4 ? 
# 
_struct_biol.id        1 
_struct_biol.details   ? 
# 
loop_
_struct_conf.conf_type_id 
_struct_conf.id 
_struct_conf.pdbx_PDB_helix_id 
_struct_conf.beg_label_comp_id 
_struct_conf.beg_label_asym_id 
_struct_conf.beg_label_seq_id 
_struct_conf.pdbx_beg_PDB_ins_code 
_struct_conf.end_label_comp_id 
_struct_conf.end_label_asym_id 
_struct_conf.end_label_seq_id 
_struct_conf.pdbx_end_PDB_ins_code 
_struct_conf.beg_auth_comp_id 
_struct_conf.beg_auth_asym_id 
_struct_conf.beg_auth_seq_id 
_struct_conf.end_auth_comp_id 
_struct_conf.end_auth_asym_id 
_struct_conf.end_auth_seq_id 
_struct_conf.pdbx_PDB_helix_class 
_struct_conf.details 
_struct_conf.pdbx_PDB_helix_length 
HELX_P HELX_P1 1 SER A 1  ? LEU A 5   ? SER A 1  LEU A 5   5 ? 5  
HELX_P HELX_P2 2 SER A 7  ? ALA A 17  ? SER A 7  ALA A 17  1 ? 11 
HELX_P HELX_P3 3 ASP A 25 ? VAL A 33  ? ASP A 25 VAL A 33  1 ? 9  
HELX_P HELX_P4 4 GLY A 34 ? LYS A 38  ? GLY A 34 LYS A 38  5 ? 5  
HELX_P HELX_P5 5 SER A 39 ? ASP A 51  ? SER A 39 ASP A 51  1 ? 13 
HELX_P HELX_P6 6 GLU A 59 ? SER A 65  ? GLU A 59 SER A 65  1 ? 7  
HELX_P HELX_P7 7 SER A 65 ? SER A 71  ? SER A 65 SER A 71  1 ? 7  
HELX_P HELX_P8 8 SER A 78 ? ASP A 90  ? SER A 78 ASP A 90  1 ? 13 
HELX_P HELX_P9 9 GLY A 98 ? GLU A 108 ? GLY A 98 GLU A 108 1 ? 11 
# 
_struct_conf_type.id          HELX_P 
_struct_conf_type.criteria    ? 
_struct_conf_type.reference   ? 
# 
loop_
_struct_conn.id 
_struct_conn.conn_type_id 
_struct_conn.pdbx_leaving_atom_flag 
_struct_conn.pdbx_PDB_id 
_struct_conn.ptnr1_label_asym_id 
_struct_conn.ptnr1_label_comp_id 
_struct_conn.ptnr1_label_seq_id 
_struct_conn.ptnr1_label_atom_id 
_struct_conn.pdbx_ptnr1_label_alt_id 
_struct_conn.pdbx_ptnr1_PDB_ins_code 
_struct_conn.pdbx_ptnr1_standard_comp_id 
_struct_conn.ptnr1_symmetry 
_struct_conn.ptnr2_label_asym_id 
_struct_conn.ptnr2_label_comp_id 
_struct_conn.ptnr2_label_seq_id 
_struct_conn.ptnr2_label_atom_id 
_struct_conn.pdbx_ptnr2_label_alt_id 
_struct_conn.pdbx_ptnr2_PDB_ins_code 
_struct_conn.ptnr1_auth_asym_id 
_struct_conn.ptnr1_auth_comp_id 
_struct_conn.ptnr1_auth_seq_id 
_struct_conn.ptnr2_auth_asym_id 
_struct_conn.ptnr2_auth_comp_id 
_struct_conn.ptnr2_auth_seq_id 
_struct_conn.ptnr2_symmetry 
_struct_conn.pdbx_ptnr3_label_atom_id 
_struct_conn.pdbx_ptnr3_label_seq_id 
_struct_conn.pdbx_ptnr3_label_comp_id 
_struct_conn.pdbx_ptnr3_label_asym_id 
_struct_conn.pdbx_ptnr3_label_alt_id 
_struct_conn.pdbx_ptnr3_PDB_ins_code 
_struct_conn.details 
_struct_conn.pdbx_dist_value 
_struct_conn.pdbx_value_order 
_struct_conn.pdbx_role 
metalc1  metalc ? ? A ASP 51  OD1 ? ? ? 1_555 B CA  . CA ? ? A ASP 51  A CA  110 1_555 ? ? ? ? ? ? ? 2.287 ? ? 
metalc2  metalc ? ? A ASP 53  OD1 ? ? ? 1_555 B CA  . CA ? ? A ASP 53  A CA  110 1_555 ? ? ? ? ? ? ? 2.286 ? ? 
metalc3  metalc ? ? A SER 55  OG  ? ? ? 1_555 B CA  . CA ? ? A SER 55  A CA  110 1_555 ? ? ? ? ? ? ? 2.643 ? ? 
metalc4  metalc ? ? A PHE 57  O   ? ? ? 1_555 B CA  . CA ? ? A PHE 57  A CA  110 1_555 ? ? ? ? ? ? ? 2.321 ? ? 
metalc5  metalc ? ? A GLU 59  OE1 ? ? ? 1_555 B CA  . CA ? ? A GLU 59  A CA  110 1_555 ? ? ? ? ? ? ? 2.303 ? ? 
metalc6  metalc ? ? A GLU 62  OE1 ? ? ? 1_555 B CA  . CA ? ? A GLU 62  A CA  110 1_555 ? ? ? ? ? ? ? 2.324 ? ? 
metalc7  metalc ? ? A GLU 62  OE2 ? ? ? 1_555 B CA  . CA ? ? A GLU 62  A CA  110 1_555 ? ? ? ? ? ? ? 2.457 ? ? 
metalc8  metalc ? ? A ASP 90  OD1 ? ? ? 1_555 C CA  . CA ? ? A ASP 90  A CA  111 1_555 ? ? ? ? ? ? ? 2.362 ? ? 
metalc9  metalc ? ? A ASP 92  OD1 ? ? ? 1_555 C CA  . CA ? ? A ASP 92  A CA  111 1_555 ? ? ? ? ? ? ? 2.358 ? ? 
metalc10 metalc ? ? A ASP 94  OD1 ? ? ? 1_555 C CA  . CA ? ? A ASP 94  A CA  111 1_555 ? ? ? ? ? ? ? 2.227 ? ? 
metalc11 metalc ? ? A LYS 96  O   ? ? ? 1_555 C CA  . CA ? ? A LYS 96  A CA  111 1_555 ? ? ? ? ? ? ? 2.392 ? ? 
metalc12 metalc ? ? A GLU 101 OE1 ? ? ? 1_555 C CA  . CA ? ? A GLU 101 A CA  111 1_555 ? ? ? ? ? ? ? 2.362 ? ? 
metalc13 metalc ? ? A GLU 101 OE2 ? ? ? 1_555 C CA  . CA ? ? A GLU 101 A CA  111 1_555 ? ? ? ? ? ? ? 2.571 ? ? 
metalc14 metalc ? ? C CA  .   CA  ? ? ? 1_555 F HOH . O  ? ? A CA  111 A HOH 158 1_555 ? ? ? ? ? ? ? 2.357 ? ? 
# 
_struct_conn_type.id          metalc 
_struct_conn_type.criteria    ? 
_struct_conn_type.reference   ? 
# 
loop_
_struct_site.id 
_struct_site.pdbx_evidence_code 
_struct_site.pdbx_auth_asym_id 
_struct_site.pdbx_auth_comp_id 
_struct_site.pdbx_auth_seq_id 
_struct_site.pdbx_auth_ins_code 
_struct_site.pdbx_num_residues 
_struct_site.details 
AC1 Software A CA  110 ? 6 'BINDING SITE FOR RESIDUE CA A 110'  
AC2 Software A CA  111 ? 6 'BINDING SITE FOR RESIDUE CA A 111'  
AC3 Software A SO4 112 ? 9 'BINDING SITE FOR RESIDUE SO4 A 112' 
AC4 Software A SO4 113 ? 5 'BINDING SITE FOR RESIDUE SO4 A 113' 
# 
loop_
_struct_site_gen.id 
_struct_site_gen.site_id 
_struct_site_gen.pdbx_num_res 
_struct_site_gen.label_comp_id 
_struct_site_gen.label_asym_id 
_struct_site_gen.label_seq_id 
_struct_site_gen.pdbx_auth_ins_code 
_struct_site_gen.auth_comp_id 
_struct_site_gen.auth_asym_id 
_struct_site_gen.auth_seq_id 
_struct_site_gen.label_atom_id 
_struct_site_gen.label_alt_id 
_struct_site_gen.symmetry 
_struct_site_gen.details 
1  AC1 6 ASP A 51  ? ASP A 51  . ? 1_555 ? 
2  AC1 6 ASP A 53  ? ASP A 53  . ? 1_555 ? 
3  AC1 6 SER A 55  ? SER A 55  . ? 1_555 ? 
4  AC1 6 PHE A 57  ? PHE A 57  . ? 1_555 ? 
5  AC1 6 GLU A 59  ? GLU A 59  . ? 1_555 ? 
6  AC1 6 GLU A 62  ? GLU A 62  . ? 1_555 ? 
7  AC2 6 ASP A 90  ? ASP A 90  . ? 1_555 ? 
8  AC2 6 ASP A 92  ? ASP A 92  . ? 1_555 ? 
9  AC2 6 ASP A 94  ? ASP A 94  . ? 1_555 ? 
10 AC2 6 LYS A 96  ? LYS A 96  . ? 1_555 ? 
11 AC2 6 GLU A 101 ? GLU A 101 . ? 1_555 ? 
12 AC2 6 HOH F .   ? HOH A 158 . ? 1_555 ? 
13 AC3 9 SER A 78  ? SER A 78  . ? 1_555 ? 
14 AC3 9 ALA A 79  ? ALA A 79  . ? 1_555 ? 
15 AC3 9 GLY A 98  ? GLY A 98  . ? 1_554 ? 
16 AC3 9 VAL A 99  ? VAL A 99  . ? 1_554 ? 
17 AC3 9 GLU A 100 ? GLU A 100 . ? 1_554 ? 
18 AC3 9 HOH F .   ? HOH A 125 . ? 1_555 ? 
19 AC3 9 HOH F .   ? HOH A 134 . ? 1_554 ? 
20 AC3 9 HOH F .   ? HOH A 193 . ? 1_554 ? 
21 AC3 9 HOH F .   ? HOH A 247 . ? 1_555 ? 
22 AC4 5 HIS A 48  ? HIS A 48  . ? 1_554 ? 
23 AC4 5 LYS A 68  ? LYS A 68  . ? 1_555 ? 
24 AC4 5 ALA A 75  ? ALA A 75  . ? 1_555 ? 
25 AC4 5 ASP A 76  ? ASP A 76  . ? 1_555 ? 
26 AC4 5 HOH F .   ? HOH A 226 . ? 1_554 ? 
# 
_atom_sites.entry_id                    3F45 
_atom_sites.fract_transf_matrix[1][1]   0.00186490 
_atom_sites.fract_transf_matrix[1][2]   -0.02803891 
_atom_sites.fract_transf_matrix[1][3]   0.02558300 
_atom_sites.fract_transf_matrix[2][1]   0.00855199 
_atom_sites.fract_transf_matrix[2][2]   0.01110840 
_atom_sites.fract_transf_matrix[2][3]   0.01155137 
_atom_sites.fract_transf_matrix[3][1]   -0.03014476 
_atom_sites.fract_transf_matrix[3][2]   0.00279289 
_atom_sites.fract_transf_matrix[3][3]   0.01963171 
_atom_sites.fract_transf_vector[1]      0.277028 
_atom_sites.fract_transf_vector[2]      0.429266 
_atom_sites.fract_transf_vector[3]      0.096098 
# 
loop_
_atom_type.symbol 
C  
CA 
N  
O  
S  
# 
loop_
_atom_site.group_PDB 
_atom_site.id 
_atom_site.type_symbol 
_atom_site.label_atom_id 
_atom_site.label_alt_id 
_atom_site.label_comp_id 
_atom_site.label_asym_id 
_atom_site.label_entity_id 
_atom_site.label_seq_id 
_atom_site.pdbx_PDB_ins_code 
_atom_site.Cartn_x 
_atom_site.Cartn_y 
_atom_site.Cartn_z 
_atom_site.occupancy 
_atom_site.B_iso_or_equiv 
_atom_site.pdbx_formal_charge 
_atom_site.auth_seq_id 
_atom_site.auth_comp_id 
_atom_site.auth_asym_id 
_atom_site.auth_atom_id 
_atom_site.pdbx_PDB_model_num 
ATOM   1   N  N   . SER A 1 1   ? -6.479  -11.545 3.949   1.00 23.58 ? 1   SER A N   1 
ATOM   2   C  CA  . SER A 1 1   ? -7.621  -11.759 2.964   1.00 22.66 ? 1   SER A CA  1 
ATOM   3   C  C   . SER A 1 1   ? -7.705  -10.733 1.784   1.00 20.77 ? 1   SER A C   1 
ATOM   4   O  O   . SER A 1 1   ? -8.802  -10.289 1.392   1.00 20.80 ? 1   SER A O   1 
ATOM   5   C  CB  . SER A 1 1   ? -8.963  -11.824 3.722   1.00 23.32 ? 1   SER A CB  1 
ATOM   6   O  OG  . SER A 1 1   ? -9.533  -10.530 3.929   1.00 25.16 ? 1   SER A OG  1 
ATOM   7   N  N   . MET A 1 2   ? -6.555  -10.373 1.221   1.00 19.22 ? 2   MET A N   1 
ATOM   8   C  CA  . MET A 1 2   ? -6.505  -9.387  0.131   1.00 16.43 ? 2   MET A CA  1 
ATOM   9   C  C   . MET A 1 2   ? -7.339  -9.797  -1.090  1.00 16.28 ? 2   MET A C   1 
ATOM   10  O  O   . MET A 1 2   ? -7.922  -8.945  -1.754  1.00 13.23 ? 2   MET A O   1 
ATOM   11  C  CB  . MET A 1 2   ? -5.075  -9.115  -0.325  1.00 16.55 ? 2   MET A CB  1 
ATOM   12  C  CG  . MET A 1 2   ? -4.954  -7.780  -1.122  1.00 12.98 ? 2   MET A CG  1 
ATOM   13  S  SD  . MET A 1 2   ? -5.406  -6.333  -0.113  1.00 11.58 ? 2   MET A SD  1 
ATOM   14  C  CE  . MET A 1 2   ? -3.988  -6.165  0.963   1.00 8.78  ? 2   MET A CE  1 
ATOM   15  N  N   . THR A 1 3   ? -7.376  -11.097 -1.399  1.00 16.57 ? 3   THR A N   1 
ATOM   16  C  CA  . THR A 1 3   ? -8.145  -11.529 -2.580  1.00 17.51 ? 3   THR A CA  1 
ATOM   17  C  C   . THR A 1 3   ? -9.668  -11.488 -2.341  1.00 17.71 ? 3   THR A C   1 
ATOM   18  O  O   . THR A 1 3   ? -10.438 -11.850 -3.213  1.00 18.14 ? 3   THR A O   1 
ATOM   19  C  CB  . THR A 1 3   ? -7.637  -12.875 -3.244  1.00 17.65 ? 3   THR A CB  1 
ATOM   20  O  OG1 . THR A 1 3   ? -7.325  -13.844 -2.244  1.00 16.62 ? 3   THR A OG1 1 
ATOM   21  C  CG2 . THR A 1 3   ? -6.303  -12.662 -4.021  1.00 17.78 ? 3   THR A CG2 1 
ATOM   22  N  N   . ASP A 1 4   ? -10.086 -10.998 -1.179  1.00 17.99 ? 4   ASP A N   1 
ATOM   23  C  CA  . ASP A 1 4   ? -11.499 -10.657 -0.950  1.00 18.74 ? 4   ASP A CA  1 
ATOM   24  C  C   . ASP A 1 4   ? -11.808 -9.277  -1.472  1.00 17.57 ? 4   ASP A C   1 
ATOM   25  O  O   . ASP A 1 4   ? -12.958 -8.954  -1.798  1.00 18.65 ? 4   ASP A O   1 
ATOM   26  C  CB  . ASP A 1 4   ? -11.810 -10.691 0.531   1.00 19.97 ? 4   ASP A CB  1 
ATOM   27  C  CG  . ASP A 1 4   ? -12.064 -12.082 1.016   1.00 24.20 ? 4   ASP A CG  1 
ATOM   28  O  OD1 . ASP A 1 4   ? -13.177 -12.588 0.720   1.00 27.33 ? 4   ASP A OD1 1 
ATOM   29  O  OD2 . ASP A 1 4   ? -11.198 -12.744 1.662   1.00 28.86 ? 4   ASP A OD2 1 
ATOM   30  N  N   . LEU A 1 5   ? -10.753 -8.476  -1.577  1.00 15.67 ? 5   LEU A N   1 
ATOM   31  C  CA  . LEU A 1 5   ? -10.857 -7.073  -1.890  1.00 13.55 ? 5   LEU A CA  1 
ATOM   32  C  C   . LEU A 1 5   ? -10.369 -6.768  -3.294  1.00 12.76 ? 5   LEU A C   1 
ATOM   33  O  O   . LEU A 1 5   ? -10.913 -5.907  -3.993  1.00 12.62 ? 5   LEU A O   1 
ATOM   34  C  CB  . LEU A 1 5   ? -10.061 -6.274  -0.829  1.00 12.96 ? 5   LEU A CB  1 
ATOM   35  C  CG  . LEU A 1 5   ? -10.596 -6.632  0.558   1.00 10.46 ? 5   LEU A CG  1 
ATOM   36  C  CD1 . LEU A 1 5   ? -9.791  -6.074  1.683   1.00 6.94  ? 5   LEU A CD1 1 
ATOM   37  C  CD2 . LEU A 1 5   ? -12.037 -6.176  0.672   1.00 11.24 ? 5   LEU A CD2 1 
ATOM   38  N  N   . LEU A 1 6   ? -9.313  -7.446  -3.701  1.00 10.99 ? 6   LEU A N   1 
ATOM   39  C  CA  . LEU A 1 6   ? -8.672  -7.144  -4.989  1.00 10.62 ? 6   LEU A CA  1 
ATOM   40  C  C   . LEU A 1 6   ? -8.427  -8.466  -5.709  1.00 9.85  ? 6   LEU A C   1 
ATOM   41  O  O   . LEU A 1 6   ? -8.312  -9.503  -5.073  1.00 9.09  ? 6   LEU A O   1 
ATOM   42  C  CB  . LEU A 1 6   ? -7.377  -6.340  -4.782  1.00 7.72  ? 6   LEU A CB  1 
ATOM   43  C  CG  . LEU A 1 6   ? -7.582  -4.977  -4.067  1.00 9.48  ? 6   LEU A CG  1 
ATOM   44  C  CD1 . LEU A 1 6   ? -6.253  -4.466  -3.470  1.00 5.83  ? 6   LEU A CD1 1 
ATOM   45  C  CD2 . LEU A 1 6   ? -8.232  -3.860  -4.913  1.00 4.12  ? 6   LEU A CD2 1 
ATOM   46  N  N   . SER A 1 7   ? -8.352  -8.437  -7.029  1.00 9.82  ? 7   SER A N   1 
ATOM   47  C  CA  . SER A 1 7   ? -8.170  -9.714  -7.778  1.00 8.38  ? 7   SER A CA  1 
ATOM   48  C  C   . SER A 1 7   ? -6.709  -10.082 -7.875  1.00 8.12  ? 7   SER A C   1 
ATOM   49  O  O   . SER A 1 7   ? -5.853  -9.206  -7.909  1.00 7.75  ? 7   SER A O   1 
ATOM   50  C  CB  . SER A 1 7   ? -8.768  -9.611  -9.167  1.00 7.62  ? 7   SER A CB  1 
ATOM   51  O  OG  . SER A 1 7   ? -8.020  -8.702  -9.941  1.00 6.39  ? 7   SER A OG  1 
ATOM   52  N  N   . ALA A 1 8   ? -6.434  -11.389 -7.894  1.00 8.83  ? 8   ALA A N   1 
ATOM   53  C  CA  . ALA A 1 8   ? -5.106  -11.928 -8.219  1.00 8.59  ? 8   ALA A CA  1 
ATOM   54  C  C   . ALA A 1 8   ? -4.552  -11.379 -9.553  1.00 7.84  ? 8   ALA A C   1 
ATOM   55  O  O   . ALA A 1 8   ? -3.344  -11.136 -9.678  1.00 7.78  ? 8   ALA A O   1 
ATOM   56  C  CB  . ALA A 1 8   ? -5.125  -13.487 -8.210  1.00 7.91  ? 8   ALA A CB  1 
ATOM   57  N  N   . GLU A 1 9   ? -5.423  -11.206 -10.548 1.00 8.33  ? 9   GLU A N   1 
ATOM   58  C  CA  . GLU A 1 9   ? -5.055  -10.592 -11.847 1.00 8.33  ? 9   GLU A CA  1 
ATOM   59  C  C   . GLU A 1 9   ? -4.482  -9.179  -11.645 1.00 8.16  ? 9   GLU A C   1 
ATOM   60  O  O   . GLU A 1 9   ? -3.372  -8.841  -12.133 1.00 8.52  ? 9   GLU A O   1 
ATOM   61  C  CB  . GLU A 1 9   ? -6.275  -10.485 -12.785 1.00 8.99  ? 9   GLU A CB  1 
ATOM   62  C  CG  . GLU A 1 9   ? -6.816  -11.795 -13.358 1.00 11.83 ? 9   GLU A CG  1 
ATOM   63  C  CD  . GLU A 1 9   ? -7.669  -12.628 -12.378 1.00 15.51 ? 9   GLU A CD  1 
ATOM   64  O  OE1 . GLU A 1 9   ? -7.736  -12.322 -11.152 1.00 12.82 ? 9   GLU A OE1 1 
ATOM   65  O  OE2 . GLU A 1 9   ? -8.283  -13.617 -12.850 1.00 14.95 ? 9   GLU A OE2 1 
ATOM   66  N  N   . ASP A 1 10  ? -5.236  -8.338  -10.936 1.00 7.42  ? 10  ASP A N   1 
ATOM   67  C  CA  . ASP A 1 10  ? -4.778  -6.988  -10.751 1.00 7.25  ? 10  ASP A CA  1 
ATOM   68  C  C   . ASP A 1 10  ? -3.510  -6.946  -9.918  1.00 7.17  ? 10  ASP A C   1 
ATOM   69  O  O   . ASP A 1 10  ? -2.642  -6.130  -10.183 1.00 7.16  ? 10  ASP A O   1 
ATOM   70  C  CB  . ASP A 1 10  ? -5.859  -6.153  -10.117 1.00 7.51  ? 10  ASP A CB  1 
ATOM   71  C  CG  . ASP A 1 10  ? -6.984  -5.804  -11.114 1.00 9.96  ? 10  ASP A CG  1 
ATOM   72  O  OD1 . ASP A 1 10  ? -6.779  -5.888  -12.366 1.00 8.44  ? 10  ASP A OD1 1 
ATOM   73  O  OD2 . ASP A 1 10  ? -8.093  -5.430  -10.697 1.00 9.77  ? 10  ASP A OD2 1 
ATOM   74  N  N   . ILE A 1 11  ? -3.414  -7.830  -8.920  1.00 7.06  ? 11  ILE A N   1 
ATOM   75  C  CA  . ILE A 1 11  ? -2.260  -7.828  -8.005  1.00 7.22  ? 11  ILE A CA  1 
ATOM   76  C  C   . ILE A 1 11  ? -0.988  -8.133  -8.764  1.00 6.76  ? 11  ILE A C   1 
ATOM   77  O  O   . ILE A 1 11  ? -0.022  -7.372  -8.639  1.00 7.35  ? 11  ILE A O   1 
ATOM   78  C  CB  . ILE A 1 11  ? -2.476  -8.783  -6.809  1.00 7.25  ? 11  ILE A CB  1 
ATOM   79  C  CG1 . ILE A 1 11  ? -3.553  -8.177  -5.892  1.00 6.28  ? 11  ILE A CG1 1 
ATOM   80  C  CG2 . ILE A 1 11  ? -1.138  -8.968  -6.006  1.00 5.81  ? 11  ILE A CG2 1 
ATOM   81  C  CD1 . ILE A 1 11  ? -4.064  -9.120  -4.784  1.00 7.01  ? 11  ILE A CD1 1 
ATOM   82  N  N   . LYS A 1 12  ? -1.020  -9.213  -9.571  1.00 6.09  ? 12  LYS A N   1 
ATOM   83  C  CA  . LYS A 1 12  ? 0.047   -9.616  -10.483 1.00 4.36  ? 12  LYS A CA  1 
ATOM   84  C  C   . LYS A 1 12  ? 0.442   -8.505  -11.444 1.00 4.59  ? 12  LYS A C   1 
ATOM   85  O  O   . LYS A 1 12  ? 1.632   -8.244  -11.623 1.00 3.70  ? 12  LYS A O   1 
ATOM   86  C  CB  . LYS A 1 12  ? -0.358  -10.860 -11.287 1.00 3.98  ? 12  LYS A CB  1 
ATOM   87  C  CG  . LYS A 1 12  ? 0.678   -11.334 -12.295 1.00 5.64  ? 12  LYS A CG  1 
ATOM   88  C  CD  . LYS A 1 12  ? 0.445   -12.785 -12.751 1.00 4.57  ? 12  LYS A CD  1 
ATOM   89  C  CE  . LYS A 1 12  ? -0.341  -12.819 -14.027 1.00 7.08  ? 12  LYS A CE  1 
ATOM   90  N  NZ  . LYS A 1 12  ? -0.635  -14.156 -14.639 1.00 4.48  ? 12  LYS A NZ  1 
ATOM   91  N  N   . LYS A 1 13  ? -0.559  -7.895  -12.089 1.00 3.95  ? 13  LYS A N   1 
ATOM   92  C  CA  . LYS A 1 13  ? -0.334  -6.815  -13.005 1.00 4.64  ? 13  LYS A CA  1 
ATOM   93  C  C   . LYS A 1 13  ? 0.396   -5.630  -12.322 1.00 5.27  ? 13  LYS A C   1 
ATOM   94  O  O   . LYS A 1 13  ? 1.412   -5.112  -12.858 1.00 5.48  ? 13  LYS A O   1 
ATOM   95  C  CB  . LYS A 1 13  ? -1.682  -6.353  -13.545 1.00 3.74  ? 13  LYS A CB  1 
ATOM   96  C  CG  . LYS A 1 13  ? -1.589  -5.127  -14.448 1.00 2.42  ? 13  LYS A CG  1 
ATOM   97  C  CD  . LYS A 1 13  ? -2.982  -4.597  -14.865 1.00 4.69  ? 13  LYS A CD  1 
ATOM   98  C  CE  . LYS A 1 13  ? -3.732  -4.064  -13.636 1.00 3.17  ? 13  LYS A CE  1 
ATOM   99  N  NZ  . LYS A 1 13  ? -4.804  -3.120  -14.028 1.00 8.54  ? 13  LYS A NZ  1 
ATOM   100 N  N   . ALA A 1 14  ? -0.115  -5.243  -11.140 1.00 5.71  ? 14  ALA A N   1 
ATOM   101 C  CA  . ALA A 1 14  ? 0.370   -4.080  -10.364 1.00 6.69  ? 14  ALA A CA  1 
ATOM   102 C  C   . ALA A 1 14  ? 1.811   -4.255  -9.903  1.00 7.85  ? 14  ALA A C   1 
ATOM   103 O  O   . ALA A 1 14  ? 2.634   -3.346  -10.065 1.00 8.39  ? 14  ALA A O   1 
ATOM   104 C  CB  . ALA A 1 14  ? -0.534  -3.819  -9.167  1.00 5.74  ? 14  ALA A CB  1 
ATOM   105 N  N   . ILE A 1 15  ? 2.111   -5.437  -9.349  1.00 8.73  ? 15  ILE A N   1 
ATOM   106 C  CA  . ILE A 1 15  ? 3.474   -5.782  -8.964  1.00 9.47  ? 15  ILE A CA  1 
ATOM   107 C  C   . ILE A 1 15  ? 4.400   -5.990  -10.157 1.00 10.85 ? 15  ILE A C   1 
ATOM   108 O  O   . ILE A 1 15  ? 5.552   -5.522  -10.130 1.00 11.62 ? 15  ILE A O   1 
ATOM   109 C  CB  . ILE A 1 15  ? 3.494   -7.008  -8.081  1.00 9.35  ? 15  ILE A CB  1 
ATOM   110 C  CG1 . ILE A 1 15  ? 2.757   -6.703  -6.769  1.00 8.34  ? 15  ILE A CG1 1 
ATOM   111 C  CG2 . ILE A 1 15  ? 4.976   -7.444  -7.834  1.00 10.29 ? 15  ILE A CG2 1 
ATOM   112 C  CD1 . ILE A 1 15  ? 2.597   -7.943  -5.824  1.00 8.59  ? 15  ILE A CD1 1 
ATOM   113 N  N   . GLY A 1 16  ? 3.893   -6.651  -11.204 1.00 10.55 ? 16  GLY A N   1 
ATOM   114 C  CA  . GLY A 1 16  ? 4.634   -6.847  -12.443 1.00 11.71 ? 16  GLY A CA  1 
ATOM   115 C  C   . GLY A 1 16  ? 4.865   -5.624  -13.303 1.00 12.95 ? 16  GLY A C   1 
ATOM   116 O  O   . GLY A 1 16  ? 5.676   -5.650  -14.215 1.00 12.59 ? 16  GLY A O   1 
ATOM   117 N  N   . ALA A 1 17  ? 4.170   -4.537  -13.019 1.00 14.66 ? 17  ALA A N   1 
ATOM   118 C  CA  . ALA A 1 17  ? 4.299   -3.349  -13.857 1.00 17.29 ? 17  ALA A CA  1 
ATOM   119 C  C   . ALA A 1 17  ? 5.576   -2.504  -13.659 1.00 19.41 ? 17  ALA A C   1 
ATOM   120 O  O   . ALA A 1 17  ? 6.020   -1.843  -14.613 1.00 20.49 ? 17  ALA A O   1 
ATOM   121 C  CB  . ALA A 1 17  ? 3.078   -2.491  -13.739 1.00 16.65 ? 17  ALA A CB  1 
ATOM   122 N  N   . PHE A 1 18  ? 6.159   -2.514  -12.455 1.00 19.59 ? 18  PHE A N   1 
ATOM   123 C  CA  . PHE A 1 18  ? 7.395   -1.762  -12.205 1.00 21.23 ? 18  PHE A CA  1 
ATOM   124 C  C   . PHE A 1 18  ? 8.659   -2.511  -12.604 1.00 20.63 ? 18  PHE A C   1 
ATOM   125 O  O   . PHE A 1 18  ? 8.864   -3.596  -12.112 1.00 21.28 ? 18  PHE A O   1 
ATOM   126 C  CB  . PHE A 1 18  ? 7.508   -1.431  -10.711 1.00 21.91 ? 18  PHE A CB  1 
ATOM   127 C  CG  . PHE A 1 18  ? 6.424   -0.567  -10.219 1.00 24.19 ? 18  PHE A CG  1 
ATOM   128 C  CD1 . PHE A 1 18  ? 6.487   0.830   -10.395 1.00 27.22 ? 18  PHE A CD1 1 
ATOM   129 C  CD2 . PHE A 1 18  ? 5.317   -1.118  -9.593  1.00 25.12 ? 18  PHE A CD2 1 
ATOM   130 C  CE1 . PHE A 1 18  ? 5.456   1.670   -9.929  1.00 26.24 ? 18  PHE A CE1 1 
ATOM   131 C  CE2 . PHE A 1 18  ? 4.276   -0.271  -9.120  1.00 26.80 ? 18  PHE A CE2 1 
ATOM   132 C  CZ  . PHE A 1 18  ? 4.354   1.117   -9.298  1.00 24.52 ? 18  PHE A CZ  1 
ATOM   133 N  N   . THR A 1 19  ? 9.491   -1.948  -13.484 1.00 20.48 ? 19  THR A N   1 
ATOM   134 C  CA  . THR A 1 19  ? 10.869  -2.455  -13.680 1.00 20.48 ? 19  THR A CA  1 
ATOM   135 C  C   . THR A 1 19  ? 11.810  -1.693  -12.751 1.00 20.09 ? 19  THR A C   1 
ATOM   136 O  O   . THR A 1 19  ? 11.389  -0.725  -12.125 1.00 17.77 ? 19  THR A O   1 
ATOM   137 C  CB  . THR A 1 19  ? 11.330  -2.242  -15.126 1.00 21.09 ? 19  THR A CB  1 
ATOM   138 O  OG1 . THR A 1 19  ? 11.403  -0.828  -15.404 1.00 21.61 ? 19  THR A OG1 1 
ATOM   139 C  CG2 . THR A 1 19  ? 10.296  -2.821  -16.126 1.00 21.76 ? 19  THR A CG2 1 
ATOM   140 N  N   . ALA A 1 20  ? 13.086  -2.088  -12.684 1.00 20.45 ? 20  ALA A N   1 
ATOM   141 C  CA  . ALA A 1 20  ? 14.048  -1.336  -11.860 1.00 21.01 ? 20  ALA A CA  1 
ATOM   142 C  C   . ALA A 1 20  ? 14.161  0.126   -12.325 1.00 21.55 ? 20  ALA A C   1 
ATOM   143 O  O   . ALA A 1 20  ? 14.315  1.023   -11.496 1.00 20.96 ? 20  ALA A O   1 
ATOM   144 C  CB  . ALA A 1 20  ? 15.427  -2.016  -11.806 1.00 20.66 ? 20  ALA A CB  1 
ATOM   145 N  N   . ALA A 1 21  ? 14.047  0.342   -13.642 1.00 22.38 ? 21  ALA A N   1 
ATOM   146 C  CA  . ALA A 1 21  ? 14.008  1.677   -14.248 1.00 23.00 ? 21  ALA A CA  1 
ATOM   147 C  C   . ALA A 1 21  ? 12.930  2.587   -13.648 1.00 24.18 ? 21  ALA A C   1 
ATOM   148 O  O   . ALA A 1 21  ? 13.156  3.797   -13.497 1.00 22.88 ? 21  ALA A O   1 
ATOM   149 C  CB  . ALA A 1 21  ? 13.809  1.555   -15.747 1.00 23.71 ? 21  ALA A CB  1 
ATOM   150 N  N   . ASP A 1 22  ? 11.769  2.000   -13.318 1.00 25.15 ? 22  ASP A N   1 
ATOM   151 C  CA  . ASP A 1 22  ? 10.633  2.702   -12.666 1.00 26.93 ? 22  ASP A CA  1 
ATOM   152 C  C   . ASP A 1 22  ? 10.814  2.950   -11.162 1.00 26.98 ? 22  ASP A C   1 
ATOM   153 O  O   . ASP A 1 22  ? 11.137  2.032   -10.409 1.00 26.64 ? 22  ASP A O   1 
ATOM   154 C  CB  . ASP A 1 22  ? 9.333   1.900   -12.858 1.00 27.60 ? 22  ASP A CB  1 
ATOM   155 C  CG  . ASP A 1 22  ? 9.003   1.657   -14.317 1.00 29.84 ? 22  ASP A CG  1 
ATOM   156 O  OD1 . ASP A 1 22  ? 9.568   2.376   -15.172 1.00 31.76 ? 22  ASP A OD1 1 
ATOM   157 O  OD2 . ASP A 1 22  ? 8.198   0.767   -14.707 1.00 33.91 ? 22  ASP A OD2 1 
ATOM   158 N  N   . SER A 1 23  ? 10.596  4.188   -10.713 1.00 27.62 ? 23  SER A N   1 
ATOM   159 C  CA  . SER A 1 23  ? 10.487  4.420   -9.269  1.00 27.98 ? 23  SER A CA  1 
ATOM   160 C  C   . SER A 1 23  ? 9.186   3.736   -8.753  1.00 27.38 ? 23  SER A C   1 
ATOM   161 O  O   . SER A 1 23  ? 8.080   4.023   -9.264  1.00 28.32 ? 23  SER A O   1 
ATOM   162 C  CB  . SER A 1 23  ? 10.477  5.923   -8.938  1.00 28.61 ? 23  SER A CB  1 
ATOM   163 O  OG  . SER A 1 23  ? 9.173   6.358   -8.530  1.00 30.06 ? 23  SER A OG  1 
ATOM   164 N  N   . PHE A 1 24  ? 9.281   2.834   -7.770  1.00 25.45 ? 24  PHE A N   1 
ATOM   165 C  CA  . PHE A 1 24  ? 8.031   2.361   -7.195  1.00 22.74 ? 24  PHE A CA  1 
ATOM   166 C  C   . PHE A 1 24  ? 7.215   3.591   -6.896  1.00 22.57 ? 24  PHE A C   1 
ATOM   167 O  O   . PHE A 1 24  ? 7.679   4.548   -6.268  1.00 22.42 ? 24  PHE A O   1 
ATOM   168 C  CB  . PHE A 1 24  ? 8.200   1.518   -5.932  1.00 22.02 ? 24  PHE A CB  1 
ATOM   169 C  CG  . PHE A 1 24  ? 6.907   1.254   -5.208  1.00 18.56 ? 24  PHE A CG  1 
ATOM   170 C  CD1 . PHE A 1 24  ? 6.011   0.299   -5.685  1.00 16.48 ? 24  PHE A CD1 1 
ATOM   171 C  CD2 . PHE A 1 24  ? 6.582   1.961   -4.061  1.00 15.78 ? 24  PHE A CD2 1 
ATOM   172 C  CE1 . PHE A 1 24  ? 4.785   0.038   -5.021  1.00 12.54 ? 24  PHE A CE1 1 
ATOM   173 C  CE2 . PHE A 1 24  ? 5.388   1.712   -3.404  1.00 17.98 ? 24  PHE A CE2 1 
ATOM   174 C  CZ  . PHE A 1 24  ? 4.476   0.730   -3.902  1.00 16.13 ? 24  PHE A CZ  1 
ATOM   175 N  N   . ASP A 1 25  ? 5.992   3.572   -7.380  1.00 22.02 ? 25  ASP A N   1 
ATOM   176 C  CA  . ASP A 1 25  ? 5.128   4.696   -7.247  1.00 21.47 ? 25  ASP A CA  1 
ATOM   177 C  C   . ASP A 1 25  ? 3.793   4.156   -6.790  1.00 20.74 ? 25  ASP A C   1 
ATOM   178 O  O   . ASP A 1 25  ? 3.084   3.504   -7.564  1.00 20.42 ? 25  ASP A O   1 
ATOM   179 C  CB  . ASP A 1 25  ? 5.011   5.399   -8.592  1.00 22.45 ? 25  ASP A CB  1 
ATOM   180 C  CG  . ASP A 1 25  ? 3.936   6.448   -8.605  1.00 24.02 ? 25  ASP A CG  1 
ATOM   181 O  OD1 . ASP A 1 25  ? 3.659   7.045   -7.534  1.00 27.66 ? 25  ASP A OD1 1 
ATOM   182 O  OD2 . ASP A 1 25  ? 3.309   6.753   -9.637  1.00 26.63 ? 25  ASP A OD2 1 
ATOM   183 N  N   . HIS A 1 26  ? 3.467   4.418   -5.526  1.00 19.67 ? 26  HIS A N   1 
ATOM   184 C  CA  . HIS A 1 26  ? 2.224   3.969   -4.928  1.00 18.87 ? 26  HIS A CA  1 
ATOM   185 C  C   . HIS A 1 26  ? 0.985   4.421   -5.697  1.00 18.19 ? 26  HIS A C   1 
ATOM   186 O  O   . HIS A 1 26  ? -0.028  3.713   -5.735  1.00 17.58 ? 26  HIS A O   1 
ATOM   187 C  CB  . HIS A 1 26  ? 2.149   4.456   -3.481  1.00 19.87 ? 26  HIS A CB  1 
ATOM   188 C  CG  . HIS A 1 26  ? 1.962   5.937   -3.349  1.00 19.86 ? 26  HIS A CG  1 
ATOM   189 N  ND1 . HIS A 1 26  ? 3.007   6.795   -3.103  1.00 19.57 ? 26  HIS A ND1 1 
ATOM   190 C  CD2 . HIS A 1 26  ? 0.853   6.709   -3.452  1.00 19.35 ? 26  HIS A CD2 1 
ATOM   191 C  CE1 . HIS A 1 26  ? 2.549   8.035   -3.060  1.00 20.35 ? 26  HIS A CE1 1 
ATOM   192 N  NE2 . HIS A 1 26  ? 1.245   8.008   -3.263  1.00 17.83 ? 26  HIS A NE2 1 
ATOM   193 N  N   . LYS A 1 27  ? 1.064   5.601   -6.305  1.00 16.96 ? 27  LYS A N   1 
ATOM   194 C  CA  . LYS A 1 27  ? -0.028  6.136   -7.090  1.00 15.93 ? 27  LYS A CA  1 
ATOM   195 C  C   . LYS A 1 27  ? -0.347  5.204   -8.260  1.00 15.66 ? 27  LYS A C   1 
ATOM   196 O  O   . LYS A 1 27  ? -1.483  4.775   -8.425  1.00 15.17 ? 27  LYS A O   1 
ATOM   197 C  CB  . LYS A 1 27  ? 0.314   7.531   -7.605  1.00 16.08 ? 27  LYS A CB  1 
ATOM   198 C  CG  . LYS A 1 27  ? 0.668   8.530   -6.504  1.00 16.68 ? 27  LYS A CG  1 
ATOM   199 C  CD  . LYS A 1 27  ? 0.750   9.943   -7.028  1.00 19.29 ? 27  LYS A CD  1 
ATOM   200 C  CE  . LYS A 1 27  ? 0.693   10.899  -5.835  1.00 21.36 ? 27  LYS A CE  1 
ATOM   201 N  NZ  . LYS A 1 27  ? 0.534   12.318  -6.226  1.00 24.68 ? 27  LYS A NZ  1 
ATOM   202 N  N   . LYS A 1 28  ? 0.669   4.904   -9.059  1.00 14.95 ? 28  LYS A N   1 
ATOM   203 C  CA  . LYS A 1 28  ? 0.562   3.927   -10.140 1.00 15.85 ? 28  LYS A CA  1 
ATOM   204 C  C   . LYS A 1 28  ? 0.143   2.579   -9.571  1.00 13.77 ? 28  LYS A C   1 
ATOM   205 O  O   . LYS A 1 28  ? -0.746  1.917   -10.112 1.00 13.48 ? 28  LYS A O   1 
ATOM   206 C  CB  . LYS A 1 28  ? 1.910   3.775   -10.866 1.00 15.18 ? 28  LYS A CB  1 
ATOM   207 C  CG  . LYS A 1 28  ? 1.782   3.081   -12.211 1.00 18.96 ? 28  LYS A CG  1 
ATOM   208 C  CD  . LYS A 1 28  ? 3.153   2.899   -12.911 1.00 19.51 ? 28  LYS A CD  1 
ATOM   209 C  CE  . LYS A 1 28  ? 3.710   1.450   -12.735 1.00 23.02 ? 28  LYS A CE  1 
ATOM   210 N  NZ  . LYS A 1 28  ? 5.086   1.277   -13.338 1.00 25.03 ? 28  LYS A NZ  1 
ATOM   211 N  N   . PHE A 1 29  ? 0.766   2.186   -8.455  1.00 13.14 ? 29  PHE A N   1 
ATOM   212 C  CA  . PHE A 1 29  ? 0.426   0.903   -7.836  1.00 11.45 ? 29  PHE A CA  1 
ATOM   213 C  C   . PHE A 1 29  ? -1.056  0.772   -7.431  1.00 11.27 ? 29  PHE A C   1 
ATOM   214 O  O   . PHE A 1 29  ? -1.741  -0.158  -7.879  1.00 10.42 ? 29  PHE A O   1 
ATOM   215 C  CB  . PHE A 1 29  ? 1.333   0.554   -6.666  1.00 11.14 ? 29  PHE A CB  1 
ATOM   216 C  CG  . PHE A 1 29  ? 0.991   -0.782  -6.062  1.00 10.98 ? 29  PHE A CG  1 
ATOM   217 C  CD1 . PHE A 1 29  ? 1.441   -1.950  -6.653  1.00 8.84  ? 29  PHE A CD1 1 
ATOM   218 C  CD2 . PHE A 1 29  ? 0.124   -0.858  -4.972  1.00 10.04 ? 29  PHE A CD2 1 
ATOM   219 C  CE1 . PHE A 1 29  ? 1.087   -3.179  -6.114  1.00 11.29 ? 29  PHE A CE1 1 
ATOM   220 C  CE2 . PHE A 1 29  ? -0.254  -2.070  -4.443  1.00 8.01  ? 29  PHE A CE2 1 
ATOM   221 C  CZ  . PHE A 1 29  ? 0.233   -3.234  -5.005  1.00 9.04  ? 29  PHE A CZ  1 
ATOM   222 N  N   . PHE A 1 30  ? -1.544  1.693   -6.586  1.00 10.67 ? 30  PHE A N   1 
ATOM   223 C  CA  . PHE A 1 30  ? -2.938  1.693   -6.158  1.00 10.34 ? 30  PHE A CA  1 
ATOM   224 C  C   . PHE A 1 30  ? -3.911  1.836   -7.303  1.00 10.22 ? 30  PHE A C   1 
ATOM   225 O  O   . PHE A 1 30  ? -5.023  1.357   -7.219  1.00 9.82  ? 30  PHE A O   1 
ATOM   226 C  CB  . PHE A 1 30  ? -3.208  2.790   -5.129  1.00 11.12 ? 30  PHE A CB  1 
ATOM   227 C  CG  . PHE A 1 30  ? -2.473  2.594   -3.828  1.00 12.33 ? 30  PHE A CG  1 
ATOM   228 C  CD1 . PHE A 1 30  ? -2.235  1.311   -3.327  1.00 13.28 ? 30  PHE A CD1 1 
ATOM   229 C  CD2 . PHE A 1 30  ? -2.035  3.686   -3.100  1.00 11.20 ? 30  PHE A CD2 1 
ATOM   230 C  CE1 . PHE A 1 30  ? -1.560  1.132   -2.136  1.00 12.11 ? 30  PHE A CE1 1 
ATOM   231 C  CE2 . PHE A 1 30  ? -1.374  3.522   -1.887  1.00 10.83 ? 30  PHE A CE2 1 
ATOM   232 C  CZ  . PHE A 1 30  ? -1.124  2.270   -1.410  1.00 11.27 ? 30  PHE A CZ  1 
ATOM   233 N  N   . GLN A 1 31  ? -3.515  2.516   -8.368  1.00 9.71  ? 31  GLN A N   1 
ATOM   234 C  CA  . GLN A 1 31  ? -4.383  2.560   -9.539  1.00 11.07 ? 31  GLN A CA  1 
ATOM   235 C  C   . GLN A 1 31  ? -4.459  1.182   -10.206 1.00 10.47 ? 31  GLN A C   1 
ATOM   236 O  O   . GLN A 1 31  ? -5.557  0.636   -10.458 1.00 11.72 ? 31  GLN A O   1 
ATOM   237 C  CB  . GLN A 1 31  ? -3.875  3.595   -10.537 1.00 10.80 ? 31  GLN A CB  1 
ATOM   238 C  CG  . GLN A 1 31  ? -4.338  3.359   -11.952 1.00 14.76 ? 31  GLN A CG  1 
ATOM   239 C  CD  . GLN A 1 31  ? -5.780  3.692   -12.160 1.00 19.66 ? 31  GLN A CD  1 
ATOM   240 O  OE1 . GLN A 1 31  ? -6.324  4.597   -11.501 1.00 20.07 ? 31  GLN A OE1 1 
ATOM   241 N  NE2 . GLN A 1 31  ? -6.423  2.970   -13.088 1.00 20.76 ? 31  GLN A NE2 1 
ATOM   242 N  N   . MET A 1 32  ? -3.291  0.604   -10.476 1.00 9.63  ? 32  MET A N   1 
ATOM   243 C  CA  . MET A 1 32  ? -3.248  -0.628  -11.262 1.00 9.78  ? 32  MET A CA  1 
ATOM   244 C  C   . MET A 1 32  ? -3.764  -1.809  -10.472 1.00 8.52  ? 32  MET A C   1 
ATOM   245 O  O   . MET A 1 32  ? -4.375  -2.712  -11.033 1.00 8.70  ? 32  MET A O   1 
ATOM   246 C  CB  . MET A 1 32  ? -1.838  -0.913  -11.799 1.00 9.80  ? 32  MET A CB  1 
ATOM   247 C  CG  . MET A 1 32  ? -1.322  0.124   -12.809 1.00 10.85 ? 32  MET A CG  1 
ATOM   248 S  SD  . MET A 1 32  ? 0.358   -0.295  -13.339 1.00 10.58 ? 32  MET A SD  1 
ATOM   249 C  CE  . MET A 1 32  ? -0.010  -1.833  -14.207 1.00 14.45 ? 32  MET A CE  1 
ATOM   250 N  N   . VAL A 1 33  ? -3.547  -1.800  -9.169  1.00 8.04  ? 33  VAL A N   1 
ATOM   251 C  CA  . VAL A 1 33  ? -4.019  -2.911  -8.346  1.00 7.09  ? 33  VAL A CA  1 
ATOM   252 C  C   . VAL A 1 33  ? -5.544  -2.898  -8.196  1.00 7.44  ? 33  VAL A C   1 
ATOM   253 O  O   . VAL A 1 33  ? -6.130  -3.886  -7.750  1.00 7.70  ? 33  VAL A O   1 
ATOM   254 C  CB  . VAL A 1 33  ? -3.328  -2.952  -6.951  1.00 7.40  ? 33  VAL A CB  1 
ATOM   255 C  CG1 . VAL A 1 33  ? -4.047  -2.022  -5.918  1.00 5.14  ? 33  VAL A CG1 1 
ATOM   256 C  CG2 . VAL A 1 33  ? -3.235  -4.391  -6.435  1.00 5.17  ? 33  VAL A CG2 1 
ATOM   257 N  N   . GLY A 1 34  ? -6.180  -1.791  -8.553  1.00 7.53  ? 34  GLY A N   1 
ATOM   258 C  CA  . GLY A 1 34  ? -7.660  -1.707  -8.462  1.00 8.90  ? 34  GLY A CA  1 
ATOM   259 C  C   . GLY A 1 34  ? -8.197  -0.951  -7.244  1.00 8.70  ? 34  GLY A C   1 
ATOM   260 O  O   . GLY A 1 34  ? -9.399  -0.806  -7.085  1.00 8.83  ? 34  GLY A O   1 
ATOM   261 N  N   . LEU A 1 35  ? -7.311  -0.474  -6.382  1.00 9.45  ? 35  LEU A N   1 
ATOM   262 C  CA  . LEU A 1 35  ? -7.724  0.109   -5.103  1.00 9.55  ? 35  LEU A CA  1 
ATOM   263 C  C   . LEU A 1 35  ? -8.434  1.458   -5.230  1.00 10.94 ? 35  LEU A C   1 
ATOM   264 O  O   . LEU A 1 35  ? -9.271  1.817   -4.377  1.00 11.11 ? 35  LEU A O   1 
ATOM   265 C  CB  . LEU A 1 35  ? -6.516  0.277   -4.188  1.00 10.17 ? 35  LEU A CB  1 
ATOM   266 C  CG  . LEU A 1 35  ? -6.729  0.413   -2.662  1.00 8.29  ? 35  LEU A CG  1 
ATOM   267 C  CD1 . LEU A 1 35  ? -7.759  -0.589  -2.090  1.00 8.57  ? 35  LEU A CD1 1 
ATOM   268 C  CD2 . LEU A 1 35  ? -5.377  0.288   -1.933  1.00 9.20  ? 35  LEU A CD2 1 
ATOM   269 N  N   . LYS A 1 36  ? -8.118  2.218   -6.275  1.00 11.64 ? 36  LYS A N   1 
ATOM   270 C  CA  . LYS A 1 36  ? -8.762  3.521   -6.462  1.00 13.32 ? 36  LYS A CA  1 
ATOM   271 C  C   . LYS A 1 36  ? -10.262 3.413   -6.727  1.00 12.73 ? 36  LYS A C   1 
ATOM   272 O  O   . LYS A 1 36  ? -11.024 4.334   -6.406  1.00 13.04 ? 36  LYS A O   1 
ATOM   273 C  CB  . LYS A 1 36  ? -8.057  4.347   -7.552  1.00 13.84 ? 36  LYS A CB  1 
ATOM   274 C  CG  . LYS A 1 36  ? -6.694  4.946   -7.089  1.00 16.10 ? 36  LYS A CG  1 
ATOM   275 C  CD  . LYS A 1 36  ? -5.891  5.541   -8.255  1.00 16.30 ? 36  LYS A CD  1 
ATOM   276 C  CE  . LYS A 1 36  ? -6.542  6.799   -8.859  1.00 21.03 ? 36  LYS A CE  1 
ATOM   277 N  NZ  . LYS A 1 36  ? -5.661  7.529   -9.860  1.00 18.23 ? 36  LYS A NZ  1 
ATOM   278 N  N   . LYS A 1 37  ? -10.698 2.292   -7.290  1.00 12.59 ? 37  LYS A N   1 
ATOM   279 C  CA  . LYS A 1 37  ? -12.115 2.124   -7.637  1.00 13.14 ? 37  LYS A CA  1 
ATOM   280 C  C   . LYS A 1 37  ? -12.936 1.512   -6.515  1.00 12.44 ? 37  LYS A C   1 
ATOM   281 O  O   . LYS A 1 37  ? -14.156 1.416   -6.614  1.00 12.96 ? 37  LYS A O   1 
ATOM   282 C  CB  . LYS A 1 37  ? -12.280 1.293   -8.910  1.00 14.05 ? 37  LYS A CB  1 
ATOM   283 C  CG  . LYS A 1 37  ? -11.527 1.837   -10.114 1.00 16.85 ? 37  LYS A CG  1 
ATOM   284 C  CD  . LYS A 1 37  ? -11.522 3.394   -10.202 1.00 21.60 ? 37  LYS A CD  1 
ATOM   285 C  CE  . LYS A 1 37  ? -10.493 3.975   -11.244 1.00 21.88 ? 37  LYS A CE  1 
ATOM   286 N  NZ  . LYS A 1 37  ? -9.008  3.587   -11.074 1.00 18.81 ? 37  LYS A NZ  1 
ATOM   287 N  N   . LYS A 1 38  ? -12.274 1.090   -5.444  1.00 11.71 ? 38  LYS A N   1 
ATOM   288 C  CA  . LYS A 1 38  ? -12.973 0.451   -4.337  1.00 10.33 ? 38  LYS A CA  1 
ATOM   289 C  C   . LYS A 1 38  ? -13.680 1.491   -3.479  1.00 9.59  ? 38  LYS A C   1 
ATOM   290 O  O   . LYS A 1 38  ? -13.272 2.675   -3.432  1.00 9.30  ? 38  LYS A O   1 
ATOM   291 C  CB  . LYS A 1 38  ? -12.004 -0.369  -3.467  1.00 10.79 ? 38  LYS A CB  1 
ATOM   292 C  CG  . LYS A 1 38  ? -11.209 -1.419  -4.224  1.00 11.07 ? 38  LYS A CG  1 
ATOM   293 C  CD  . LYS A 1 38  ? -12.062 -2.559  -4.759  1.00 15.51 ? 38  LYS A CD  1 
ATOM   294 C  CE  . LYS A 1 38  ? -12.590 -3.424  -3.603  1.00 19.08 ? 38  LYS A CE  1 
ATOM   295 N  NZ  . LYS A 1 38  ? -13.411 -4.583  -4.086  1.00 20.92 ? 38  LYS A NZ  1 
ATOM   296 N  N   . SER A 1 39  ? -14.729 1.056   -2.787  1.00 7.38  ? 39  SER A N   1 
ATOM   297 C  CA  . SER A 1 39  ? -15.332 1.907   -1.802  1.00 7.72  ? 39  SER A CA  1 
ATOM   298 C  C   . SER A 1 39  ? -14.334 2.246   -0.698  1.00 7.71  ? 39  SER A C   1 
ATOM   299 O  O   . SER A 1 39  ? -13.283 1.562   -0.486  1.00 7.35  ? 39  SER A O   1 
ATOM   300 C  CB  . SER A 1 39  ? -16.587 1.287   -1.189  1.00 7.26  ? 39  SER A CB  1 
ATOM   301 O  OG  . SER A 1 39  ? -16.220 0.174   -0.443  1.00 4.93  ? 39  SER A OG  1 
ATOM   302 N  N   . ALA A 1 40  ? -14.687 3.300   0.014   1.00 7.53  ? 40  ALA A N   1 
ATOM   303 C  CA  . ALA A 1 40  ? -13.890 3.791   1.113   1.00 8.60  ? 40  ALA A CA  1 
ATOM   304 C  C   . ALA A 1 40  ? -13.811 2.725   2.182   1.00 8.42  ? 40  ALA A C   1 
ATOM   305 O  O   . ALA A 1 40  ? -12.792 2.592   2.852   1.00 7.52  ? 40  ALA A O   1 
ATOM   306 C  CB  . ALA A 1 40  ? -14.500 5.085   1.683   1.00 7.59  ? 40  ALA A CB  1 
ATOM   307 N  N   . ASP A 1 41  ? -14.913 1.987   2.346   1.00 8.55  ? 41  ASP A N   1 
ATOM   308 C  CA  . ASP A 1 41  ? -14.971 0.887   3.292   1.00 9.28  ? 41  ASP A CA  1 
ATOM   309 C  C   . ASP A 1 41  ? -13.964 -0.239  2.926   1.00 8.79  ? 41  ASP A C   1 
ATOM   310 O  O   . ASP A 1 41  ? -13.211 -0.721  3.778   1.00 9.22  ? 41  ASP A O   1 
ATOM   311 C  CB  . ASP A 1 41  ? -16.398 0.334   3.331   1.00 9.30  ? 41  ASP A CB  1 
ATOM   312 C  CG  . ASP A 1 41  ? -16.597 -0.685  4.453   1.00 12.29 ? 41  ASP A CG  1 
ATOM   313 O  OD1 . ASP A 1 41  ? -16.512 -0.303  5.632   1.00 14.41 ? 41  ASP A OD1 1 
ATOM   314 O  OD2 . ASP A 1 41  ? -16.857 -1.883  4.253   1.00 14.22 ? 41  ASP A OD2 1 
ATOM   315 N  N   . ASP A 1 42  ? -13.959 -0.670  1.665   1.00 8.65  ? 42  ASP A N   1 
ATOM   316 C  CA  . ASP A 1 42  ? -12.938 -1.626  1.204   1.00 7.94  ? 42  ASP A CA  1 
ATOM   317 C  C   . ASP A 1 42  ? -11.493 -1.118  1.298   1.00 6.98  ? 42  ASP A C   1 
ATOM   318 O  O   . ASP A 1 42  ? -10.595 -1.901  1.549   1.00 6.37  ? 42  ASP A O   1 
ATOM   319 C  CB  . ASP A 1 42  ? -13.221 -2.072  -0.219  1.00 9.03  ? 42  ASP A CB  1 
ATOM   320 C  CG  . ASP A 1 42  ? -14.379 -3.016  -0.307  1.00 8.86  ? 42  ASP A CG  1 
ATOM   321 O  OD1 . ASP A 1 42  ? -14.825 -3.559  0.738   1.00 11.10 ? 42  ASP A OD1 1 
ATOM   322 O  OD2 . ASP A 1 42  ? -14.897 -3.274  -1.404  1.00 13.69 ? 42  ASP A OD2 1 
ATOM   323 N  N   . VAL A 1 43  ? -11.258 0.179   1.089   1.00 6.69  ? 43  VAL A N   1 
ATOM   324 C  CA  . VAL A 1 43  ? -9.915  0.731   1.286   1.00 6.28  ? 43  VAL A CA  1 
ATOM   325 C  C   . VAL A 1 43  ? -9.472  0.538   2.750   1.00 6.09  ? 43  VAL A C   1 
ATOM   326 O  O   . VAL A 1 43  ? -8.331  0.167   3.027   1.00 6.37  ? 43  VAL A O   1 
ATOM   327 C  CB  . VAL A 1 43  ? -9.799  2.231   0.822   1.00 6.50  ? 43  VAL A CB  1 
ATOM   328 C  CG1 . VAL A 1 43  ? -8.412  2.789   1.111   1.00 5.28  ? 43  VAL A CG1 1 
ATOM   329 C  CG2 . VAL A 1 43  ? -10.047 2.350   -0.696  1.00 6.86  ? 43  VAL A CG2 1 
ATOM   330 N  N   . LYS A 1 44  ? -10.386 0.768   3.677   1.00 5.06  ? 44  LYS A N   1 
ATOM   331 C  CA  . LYS A 1 44  ? -10.099 0.549   5.110   1.00 6.07  ? 44  LYS A CA  1 
ATOM   332 C  C   . LYS A 1 44  ? -9.896  -0.931  5.439   1.00 5.26  ? 44  LYS A C   1 
ATOM   333 O  O   . LYS A 1 44  ? -9.095  -1.249  6.293   1.00 4.39  ? 44  LYS A O   1 
ATOM   334 C  CB  . LYS A 1 44  ? -11.187 1.165   6.001   1.00 5.67  ? 44  LYS A CB  1 
ATOM   335 C  CG  . LYS A 1 44  ? -11.341 2.670   5.786   1.00 3.70  ? 44  LYS A CG  1 
ATOM   336 C  CD  . LYS A 1 44  ? -12.472 3.242   6.637   1.00 6.98  ? 44  LYS A CD  1 
ATOM   337 C  CE  . LYS A 1 44  ? -12.688 4.739   6.359   1.00 6.26  ? 44  LYS A CE  1 
ATOM   338 N  NZ  . LYS A 1 44  ? -13.743 5.232   7.248   1.00 13.60 ? 44  LYS A NZ  1 
ATOM   339 N  N   . LYS A 1 45  ? -10.594 -1.833  4.742   1.00 5.67  ? 45  LYS A N   1 
ATOM   340 C  CA  . LYS A 1 45  ? -10.320 -3.266  4.935   1.00 6.21  ? 45  LYS A CA  1 
ATOM   341 C  C   . LYS A 1 45  ? -8.942  -3.601  4.396   1.00 6.28  ? 45  LYS A C   1 
ATOM   342 O  O   . LYS A 1 45  ? -8.237  -4.424  4.997   1.00 7.50  ? 45  LYS A O   1 
ATOM   343 C  CB  . LYS A 1 45  ? -11.423 -4.160  4.319   1.00 6.08  ? 45  LYS A CB  1 
ATOM   344 C  CG  . LYS A 1 45  ? -12.741 -3.865  5.008   1.00 9.95  ? 45  LYS A CG  1 
ATOM   345 C  CD  . LYS A 1 45  ? -13.892 -4.776  4.719   1.00 14.55 ? 45  LYS A CD  1 
ATOM   346 C  CE  . LYS A 1 45  ? -14.956 -4.577  5.843   1.00 15.90 ? 45  LYS A CE  1 
ATOM   347 N  NZ  . LYS A 1 45  ? -15.051 -3.173  6.375   1.00 14.74 ? 45  LYS A NZ  1 
ATOM   348 N  N   . VAL A 1 46  ? -8.534  -2.950  3.305   1.00 4.84  ? 46  VAL A N   1 
ATOM   349 C  CA  . VAL A 1 46  ? -7.181  -3.141  2.801   1.00 5.12  ? 46  VAL A CA  1 
ATOM   350 C  C   . VAL A 1 46  ? -6.183  -2.615  3.839   1.00 5.34  ? 46  VAL A C   1 
ATOM   351 O  O   . VAL A 1 46  ? -5.192  -3.287  4.155   1.00 5.76  ? 46  VAL A O   1 
ATOM   352 C  CB  . VAL A 1 46  ? -6.897  -2.471  1.421   1.00 5.21  ? 46  VAL A CB  1 
ATOM   353 C  CG1 . VAL A 1 46  ? -5.358  -2.446  1.163   1.00 3.48  ? 46  VAL A CG1 1 
ATOM   354 C  CG2 . VAL A 1 46  ? -7.545  -3.223  0.301   1.00 4.27  ? 46  VAL A CG2 1 
ATOM   355 N  N   . PHE A 1 47  ? -6.456  -1.429  4.376   1.00 5.04  ? 47  PHE A N   1 
ATOM   356 C  CA  . PHE A 1 47  ? -5.640  -0.855  5.442   1.00 4.74  ? 47  PHE A CA  1 
ATOM   357 C  C   . PHE A 1 47  ? -5.413  -1.856  6.594   1.00 5.97  ? 47  PHE A C   1 
ATOM   358 O  O   . PHE A 1 47  ? -4.279  -2.075  7.020   1.00 6.47  ? 47  PHE A O   1 
ATOM   359 C  CB  . PHE A 1 47  ? -6.258  0.447   5.989   1.00 5.00  ? 47  PHE A CB  1 
ATOM   360 C  CG  . PHE A 1 47  ? -5.543  0.974   7.209   1.00 4.69  ? 47  PHE A CG  1 
ATOM   361 C  CD1 . PHE A 1 47  ? -4.467  1.860   7.067   1.00 2.30  ? 47  PHE A CD1 1 
ATOM   362 C  CD2 . PHE A 1 47  ? -5.865  0.486   8.484   1.00 2.96  ? 47  PHE A CD2 1 
ATOM   363 C  CE1 . PHE A 1 47  ? -3.780  2.344   8.205   1.00 4.76  ? 47  PHE A CE1 1 
ATOM   364 C  CE2 . PHE A 1 47  ? -5.188  0.943   9.624   1.00 4.35  ? 47  PHE A CE2 1 
ATOM   365 C  CZ  . PHE A 1 47  ? -4.155  1.863   9.493   1.00 4.62  ? 47  PHE A CZ  1 
ATOM   366 N  N   . HIS A 1 48  ? -6.481  -2.469  7.099   1.00 6.48  ? 48  HIS A N   1 
ATOM   367 C  CA  . HIS A 1 48  ? -6.343  -3.376  8.250   1.00 7.53  ? 48  HIS A CA  1 
ATOM   368 C  C   . HIS A 1 48  ? -5.528  -4.655  7.955   1.00 6.69  ? 48  HIS A C   1 
ATOM   369 O  O   . HIS A 1 48  ? -4.818  -5.126  8.831   1.00 7.00  ? 48  HIS A O   1 
ATOM   370 C  CB  . HIS A 1 48  ? -7.709  -3.637  8.905   1.00 7.62  ? 48  HIS A CB  1 
ATOM   371 C  CG  . HIS A 1 48  ? -8.363  -2.382  9.405   1.00 11.74 ? 48  HIS A CG  1 
ATOM   372 N  ND1 . HIS A 1 48  ? -7.790  -1.576  10.372  1.00 13.87 ? 48  HIS A ND1 1 
ATOM   373 C  CD2 . HIS A 1 48  ? -9.530  -1.783  9.064   1.00 15.01 ? 48  HIS A CD2 1 
ATOM   374 C  CE1 . HIS A 1 48  ? -8.577  -0.542  10.610  1.00 15.16 ? 48  HIS A CE1 1 
ATOM   375 N  NE2 . HIS A 1 48  ? -9.637  -0.641  9.823   1.00 17.11 ? 48  HIS A NE2 1 
ATOM   376 N  N   . ILE A 1 49  ? -5.581  -5.160  6.724   1.00 6.49  ? 49  ILE A N   1 
ATOM   377 C  CA  . ILE A 1 49  ? -4.717  -6.273  6.281   1.00 5.88  ? 49  ILE A CA  1 
ATOM   378 C  C   . ILE A 1 49  ? -3.240  -5.825  6.351   1.00 5.77  ? 49  ILE A C   1 
ATOM   379 O  O   . ILE A 1 49  ? -2.411  -6.523  6.917   1.00 5.01  ? 49  ILE A O   1 
ATOM   380 C  CB  . ILE A 1 49  ? -5.129  -6.742  4.865   1.00 5.31  ? 49  ILE A CB  1 
ATOM   381 C  CG1 . ILE A 1 49  ? -6.564  -7.269  4.902   1.00 6.05  ? 49  ILE A CG1 1 
ATOM   382 C  CG2 . ILE A 1 49  ? -4.138  -7.780  4.281   1.00 6.50  ? 49  ILE A CG2 1 
ATOM   383 C  CD1 . ILE A 1 49  ? -7.226  -7.442  3.532   1.00 7.29  ? 49  ILE A CD1 1 
ATOM   384 N  N   . LEU A 1 50  ? -2.947  -4.642  5.819   1.00 4.55  ? 50  LEU A N   1 
ATOM   385 C  CA  . LEU A 1 50  ? -1.605  -4.053  5.838   1.00 5.45  ? 50  LEU A CA  1 
ATOM   386 C  C   . LEU A 1 50  ? -1.052  -3.800  7.235   1.00 5.79  ? 50  LEU A C   1 
ATOM   387 O  O   . LEU A 1 50  ? 0.158   -3.834  7.469   1.00 5.61  ? 50  LEU A O   1 
ATOM   388 C  CB  . LEU A 1 50  ? -1.594  -2.755  5.031   1.00 5.55  ? 50  LEU A CB  1 
ATOM   389 C  CG  . LEU A 1 50  ? -1.974  -2.918  3.533   1.00 4.86  ? 50  LEU A CG  1 
ATOM   390 C  CD1 . LEU A 1 50  ? -1.752  -1.586  2.778   1.00 4.18  ? 50  LEU A CD1 1 
ATOM   391 C  CD2 . LEU A 1 50  ? -1.198  -4.059  2.874   1.00 5.05  ? 50  LEU A CD2 1 
ATOM   392 N  N   . ASP A 1 51  ? -1.965  -3.495  8.150   1.00 6.13  ? 51  ASP A N   1 
ATOM   393 C  CA  . ASP A 1 51  ? -1.651  -3.217  9.541   1.00 6.33  ? 51  ASP A CA  1 
ATOM   394 C  C   . ASP A 1 51  ? -1.544  -4.574  10.224  1.00 6.49  ? 51  ASP A C   1 
ATOM   395 O  O   . ASP A 1 51  ? -2.455  -5.035  10.922  1.00 6.09  ? 51  ASP A O   1 
ATOM   396 C  CB  . ASP A 1 51  ? -2.764  -2.345  10.154  1.00 5.40  ? 51  ASP A CB  1 
ATOM   397 C  CG  . ASP A 1 51  ? -2.595  -2.134  11.625  1.00 6.53  ? 51  ASP A CG  1 
ATOM   398 O  OD1 . ASP A 1 51  ? -1.470  -2.370  12.167  1.00 6.08  ? 51  ASP A OD1 1 
ATOM   399 O  OD2 . ASP A 1 51  ? -3.536  -1.727  12.329  1.00 9.03  ? 51  ASP A OD2 1 
ATOM   400 N  N   . LYS A 1 52  ? -0.416  -5.219  9.977   1.00 7.98  ? 52  LYS A N   1 
ATOM   401 C  CA  . LYS A 1 52  ? -0.231  -6.609  10.341  1.00 8.53  ? 52  LYS A CA  1 
ATOM   402 C  C   . LYS A 1 52  ? -0.356  -6.851  11.855  1.00 8.63  ? 52  LYS A C   1 
ATOM   403 O  O   . LYS A 1 52  ? -0.917  -7.867  12.274  1.00 10.03 ? 52  LYS A O   1 
ATOM   404 C  CB  . LYS A 1 52  ? 1.102   -7.105  9.785   1.00 8.81  ? 52  LYS A CB  1 
ATOM   405 C  CG  . LYS A 1 52  ? 1.125   -7.178  8.260   1.00 10.66 ? 52  LYS A CG  1 
ATOM   406 C  CD  . LYS A 1 52  ? 2.208   -8.141  7.769   1.00 16.47 ? 52  LYS A CD  1 
ATOM   407 C  CE  . LYS A 1 52  ? 3.622   -7.601  8.049   1.00 17.27 ? 52  LYS A CE  1 
ATOM   408 N  NZ  . LYS A 1 52  ? 4.668   -8.508  7.468   1.00 17.78 ? 52  LYS A NZ  1 
ATOM   409 N  N   . ASP A 1 53  ? 0.113   -5.911  12.668  1.00 7.92  ? 53  ASP A N   1 
ATOM   410 C  CA  . ASP A 1 53  ? 0.097   -6.123  14.102  1.00 7.98  ? 53  ASP A CA  1 
ATOM   411 C  C   . ASP A 1 53  ? -1.144  -5.501  14.730  1.00 8.21  ? 53  ASP A C   1 
ATOM   412 O  O   . ASP A 1 53  ? -1.294  -5.476  15.962  1.00 7.53  ? 53  ASP A O   1 
ATOM   413 C  CB  . ASP A 1 53  ? 1.391   -5.637  14.765  1.00 7.65  ? 53  ASP A CB  1 
ATOM   414 C  CG  . ASP A 1 53  ? 1.596   -4.123  14.690  1.00 7.62  ? 53  ASP A CG  1 
ATOM   415 O  OD1 . ASP A 1 53  ? 0.739   -3.350  14.210  1.00 7.64  ? 53  ASP A OD1 1 
ATOM   416 O  OD2 . ASP A 1 53  ? 2.633   -3.593  15.109  1.00 5.75  ? 53  ASP A OD2 1 
ATOM   417 N  N   . LYS A 1 54  ? -2.014  -4.995  13.854  1.00 7.23  ? 54  LYS A N   1 
ATOM   418 C  CA  . LYS A 1 54  ? -3.252  -4.348  14.241  1.00 8.27  ? 54  LYS A CA  1 
ATOM   419 C  C   . LYS A 1 54  ? -3.063  -3.259  15.310  1.00 8.02  ? 54  LYS A C   1 
ATOM   420 O  O   . LYS A 1 54  ? -3.843  -3.185  16.250  1.00 7.94  ? 54  LYS A O   1 
ATOM   421 C  CB  . LYS A 1 54  ? -4.264  -5.411  14.717  1.00 8.57  ? 54  LYS A CB  1 
ATOM   422 C  CG  . LYS A 1 54  ? -4.615  -6.396  13.624  1.00 7.98  ? 54  LYS A CG  1 
ATOM   423 C  CD  . LYS A 1 54  ? -5.378  -5.699  12.509  1.00 6.96  ? 54  LYS A CD  1 
ATOM   424 C  CE  . LYS A 1 54  ? -5.732  -6.694  11.411  1.00 7.33  ? 54  LYS A CE  1 
ATOM   425 N  NZ  . LYS A 1 54  ? -4.444  -7.080  10.677  1.00 3.68  ? 54  LYS A NZ  1 
ATOM   426 N  N   . SER A 1 55  ? -2.026  -2.433  15.159  1.00 7.76  ? 55  SER A N   1 
ATOM   427 C  CA  . SER A 1 55  ? -1.767  -1.346  16.086  1.00 6.71  ? 55  SER A CA  1 
ATOM   428 C  C   . SER A 1 55  ? -2.646  -0.137  15.760  1.00 7.14  ? 55  SER A C   1 
ATOM   429 O  O   . SER A 1 55  ? -2.627  0.857   16.501  1.00 7.67  ? 55  SER A O   1 
ATOM   430 C  CB  . SER A 1 55  ? -0.327  -0.907  15.997  1.00 6.15  ? 55  SER A CB  1 
ATOM   431 O  OG  . SER A 1 55  ? -0.123  -0.354  14.712  1.00 5.27  ? 55  SER A OG  1 
ATOM   432 N  N   . GLY A 1 56  ? -3.376  -0.214  14.641  1.00 6.11  ? 56  GLY A N   1 
ATOM   433 C  CA  . GLY A 1 56  ? -4.152  0.904   14.150  1.00 5.90  ? 56  GLY A CA  1 
ATOM   434 C  C   . GLY A 1 56  ? -3.387  1.822   13.204  1.00 5.77  ? 56  GLY A C   1 
ATOM   435 O  O   . GLY A 1 56  ? -3.956  2.763   12.669  1.00 6.47  ? 56  GLY A O   1 
ATOM   436 N  N   . PHE A 1 57  ? -2.101  1.546   13.001  1.00 5.24  ? 57  PHE A N   1 
ATOM   437 C  CA  . PHE A 1 57  ? -1.258  2.319   12.078  1.00 5.56  ? 57  PHE A CA  1 
ATOM   438 C  C   . PHE A 1 57  ? -0.435  1.367   11.245  1.00 5.35  ? 57  PHE A C   1 
ATOM   439 O  O   . PHE A 1 57  ? -0.138  0.251   11.704  1.00 4.65  ? 57  PHE A O   1 
ATOM   440 C  CB  . PHE A 1 57  ? -0.311  3.233   12.836  1.00 4.79  ? 57  PHE A CB  1 
ATOM   441 C  CG  . PHE A 1 57  ? -0.996  4.146   13.782  1.00 7.50  ? 57  PHE A CG  1 
ATOM   442 C  CD1 . PHE A 1 57  ? -1.503  5.362   13.338  1.00 7.97  ? 57  PHE A CD1 1 
ATOM   443 C  CD2 . PHE A 1 57  ? -1.128  3.789   15.132  1.00 8.84  ? 57  PHE A CD2 1 
ATOM   444 C  CE1 . PHE A 1 57  ? -2.167  6.196   14.230  1.00 11.56 ? 57  PHE A CE1 1 
ATOM   445 C  CE2 . PHE A 1 57  ? -1.780  4.620   16.048  1.00 9.48  ? 57  PHE A CE2 1 
ATOM   446 C  CZ  . PHE A 1 57  ? -2.290  5.819   15.600  1.00 9.41  ? 57  PHE A CZ  1 
ATOM   447 N  N   . ILE A 1 58  ? -0.087  1.794   10.032  1.00 4.72  ? 58  ILE A N   1 
ATOM   448 C  CA  . ILE A 1 58  ? 0.940   1.100   9.270   1.00 3.96  ? 58  ILE A CA  1 
ATOM   449 C  C   . ILE A 1 58  ? 2.240   1.793   9.633   1.00 4.27  ? 58  ILE A C   1 
ATOM   450 O  O   . ILE A 1 58  ? 2.533   2.894   9.196   1.00 4.47  ? 58  ILE A O   1 
ATOM   451 C  CB  . ILE A 1 58  ? 0.702   1.111   7.719   1.00 4.26  ? 58  ILE A CB  1 
ATOM   452 C  CG1 . ILE A 1 58  ? -0.665  0.497   7.350   1.00 3.15  ? 58  ILE A CG1 1 
ATOM   453 C  CG2 . ILE A 1 58  ? 1.857   0.372   6.982   1.00 2.16  ? 58  ILE A CG2 1 
ATOM   454 C  CD1 . ILE A 1 58  ? -1.183  0.818   5.953   1.00 2.54  ? 58  ILE A CD1 1 
ATOM   455 N  N   . GLU A 1 59  ? 3.044   1.107   10.410  1.00 4.47  ? 59  GLU A N   1 
ATOM   456 C  CA  . GLU A 1 59  ? 4.317   1.623   10.806  1.00 5.05  ? 59  GLU A CA  1 
ATOM   457 C  C   . GLU A 1 59  ? 5.308   1.326   9.691   1.00 5.63  ? 59  GLU A C   1 
ATOM   458 O  O   . GLU A 1 59  ? 4.956   0.666   8.701   1.00 4.74  ? 59  GLU A O   1 
ATOM   459 C  CB  . GLU A 1 59  ? 4.721   1.024   12.166  1.00 4.96  ? 59  GLU A CB  1 
ATOM   460 C  CG  . GLU A 1 59  ? 3.816   1.534   13.308  1.00 5.67  ? 59  GLU A CG  1 
ATOM   461 C  CD  . GLU A 1 59  ? 2.638   0.649   13.654  1.00 7.14  ? 59  GLU A CD  1 
ATOM   462 O  OE1 . GLU A 1 59  ? 2.556   -0.517  13.172  1.00 5.97  ? 59  GLU A OE1 1 
ATOM   463 O  OE2 . GLU A 1 59  ? 1.770   1.117   14.432  1.00 7.71  ? 59  GLU A OE2 1 
ATOM   464 N  N   . GLU A 1 60  ? 6.531   1.831   9.845   1.00 5.70  ? 60  GLU A N   1 
ATOM   465 C  CA  . GLU A 1 60  ? 7.547   1.735   8.803   1.00 6.61  ? 60  GLU A CA  1 
ATOM   466 C  C   . GLU A 1 60  ? 7.929   0.311   8.383   1.00 5.47  ? 60  GLU A C   1 
ATOM   467 O  O   . GLU A 1 60  ? 8.175   0.041   7.206   1.00 5.08  ? 60  GLU A O   1 
ATOM   468 C  CB  . GLU A 1 60  ? 8.787   2.525   9.214   1.00 6.72  ? 60  GLU A CB  1 
ATOM   469 C  CG  . GLU A 1 60  ? 9.785   2.634   8.072   1.00 11.16 ? 60  GLU A CG  1 
ATOM   470 C  CD  . GLU A 1 60  ? 10.968  3.490   8.434   1.00 16.50 ? 60  GLU A CD  1 
ATOM   471 O  OE1 . GLU A 1 60  ? 10.873  4.228   9.433   1.00 21.88 ? 60  GLU A OE1 1 
ATOM   472 O  OE2 . GLU A 1 60  ? 11.982  3.452   7.723   1.00 18.38 ? 60  GLU A OE2 1 
ATOM   473 N  N   . ASP A 1 61  ? 7.986   -0.617  9.335   1.00 6.18  ? 61  ASP A N   1 
ATOM   474 C  CA  . ASP A 1 61  ? 8.206   -2.015  8.946   1.00 5.46  ? 61  ASP A CA  1 
ATOM   475 C  C   . ASP A 1 61  ? 7.070   -2.545  8.053   1.00 5.34  ? 61  ASP A C   1 
ATOM   476 O  O   . ASP A 1 61  ? 7.294   -3.019  6.930   1.00 3.68  ? 61  ASP A O   1 
ATOM   477 C  CB  . ASP A 1 61  ? 8.468   -2.937  10.153  1.00 5.65  ? 61  ASP A CB  1 
ATOM   478 C  CG  . ASP A 1 61  ? 7.410   -2.875  11.208  1.00 6.48  ? 61  ASP A CG  1 
ATOM   479 O  OD1 . ASP A 1 61  ? 6.532   -1.977  11.215  1.00 7.82  ? 61  ASP A OD1 1 
ATOM   480 O  OD2 . ASP A 1 61  ? 7.390   -3.720  12.123  1.00 9.08  ? 61  ASP A OD2 1 
ATOM   481 N  N   . GLU A 1 62  ? 5.848   -2.399  8.530   1.00 4.92  ? 62  GLU A N   1 
ATOM   482 C  CA  . GLU A 1 62  ? 4.703   -2.830  7.789   1.00 4.30  ? 62  GLU A CA  1 
ATOM   483 C  C   . GLU A 1 62  ? 4.587   -2.137  6.449   1.00 4.40  ? 62  GLU A C   1 
ATOM   484 O  O   . GLU A 1 62  ? 4.185   -2.755  5.477   1.00 4.97  ? 62  GLU A O   1 
ATOM   485 C  CB  . GLU A 1 62  ? 3.461   -2.555  8.615   1.00 5.68  ? 62  GLU A CB  1 
ATOM   486 C  CG  . GLU A 1 62  ? 3.380   -3.396  9.867   1.00 2.17  ? 62  GLU A CG  1 
ATOM   487 C  CD  . GLU A 1 62  ? 2.264   -2.936  10.756  1.00 2.25  ? 62  GLU A CD  1 
ATOM   488 O  OE1 . GLU A 1 62  ? 1.715   -1.845  10.524  1.00 3.04  ? 62  GLU A OE1 1 
ATOM   489 O  OE2 . GLU A 1 62  ? 1.928   -3.647  11.711  1.00 6.53  ? 62  GLU A OE2 1 
ATOM   490 N  N   . LEU A 1 63  ? 4.960   -0.870  6.396   1.00 3.50  ? 63  LEU A N   1 
ATOM   491 C  CA  . LEU A 1 63  ? 4.931   -0.139  5.141   1.00 3.93  ? 63  LEU A CA  1 
ATOM   492 C  C   . LEU A 1 63  ? 5.934   -0.681  4.081   1.00 5.15  ? 63  LEU A C   1 
ATOM   493 O  O   . LEU A 1 63  ? 5.599   -0.805  2.878   1.00 5.01  ? 63  LEU A O   1 
ATOM   494 C  CB  . LEU A 1 63  ? 5.127   1.336   5.407   1.00 2.45  ? 63  LEU A CB  1 
ATOM   495 C  CG  . LEU A 1 63  ? 4.853   2.216   4.205   1.00 4.42  ? 63  LEU A CG  1 
ATOM   496 C  CD1 . LEU A 1 63  ? 3.353   2.234   3.802   1.00 3.61  ? 63  LEU A CD1 1 
ATOM   497 C  CD2 . LEU A 1 63  ? 5.366   3.593   4.553   1.00 2.47  ? 63  LEU A CD2 1 
ATOM   498 N  N   . GLY A 1 64  ? 7.150   -0.995  4.529   1.00 5.96  ? 64  GLY A N   1 
ATOM   499 C  CA  . GLY A 1 64  ? 8.169   -1.595  3.657   1.00 6.58  ? 64  GLY A CA  1 
ATOM   500 C  C   . GLY A 1 64  ? 7.734   -2.963  3.162   1.00 6.10  ? 64  GLY A C   1 
ATOM   501 O  O   . GLY A 1 64  ? 8.087   -3.377  2.067   1.00 5.61  ? 64  GLY A O   1 
ATOM   502 N  N   . SER A 1 65  ? 6.939   -3.654  3.970   1.00 5.75  ? 65  SER A N   1 
ATOM   503 C  CA  . SER A 1 65  ? 6.341   -4.918  3.541   1.00 6.46  ? 65  SER A CA  1 
ATOM   504 C  C   . SER A 1 65  ? 4.974   -4.741  2.886   1.00 5.77  ? 65  SER A C   1 
ATOM   505 O  O   . SER A 1 65  ? 4.235   -5.715  2.766   1.00 5.88  ? 65  SER A O   1 
ATOM   506 C  CB  . SER A 1 65  ? 6.252   -5.933  4.704   1.00 5.25  ? 65  SER A CB  1 
ATOM   507 O  OG  . SER A 1 65  ? 7.552   -6.159  5.233   1.00 8.22  ? 65  SER A OG  1 
ATOM   508 N  N   . ILE A 1 66  ? 4.625   -3.529  2.454   1.00 5.58  ? 66  ILE A N   1 
ATOM   509 C  CA  . ILE A 1 66  ? 3.259   -3.305  1.912   1.00 6.17  ? 66  ILE A CA  1 
ATOM   510 C  C   . ILE A 1 66  ? 2.888   -4.291  0.791   1.00 5.78  ? 66  ILE A C   1 
ATOM   511 O  O   . ILE A 1 66  ? 1.777   -4.841  0.733   1.00 6.10  ? 66  ILE A O   1 
ATOM   512 C  CB  . ILE A 1 66  ? 3.055   -1.820  1.471   1.00 6.55  ? 66  ILE A CB  1 
ATOM   513 C  CG1 . ILE A 1 66  ? 1.593   -1.549  1.095   1.00 8.00  ? 66  ILE A CG1 1 
ATOM   514 C  CG2 . ILE A 1 66  ? 4.032   -1.414  0.333   1.00 6.03  ? 66  ILE A CG2 1 
ATOM   515 C  CD1 . ILE A 1 66  ? 1.245   -0.041  0.888   1.00 6.32  ? 66  ILE A CD1 1 
ATOM   516 N  N   . LEU A 1 67  ? 3.832   -4.538  -0.101  1.00 6.07  ? 67  LEU A N   1 
ATOM   517 C  CA  . LEU A 1 67  ? 3.533   -5.333  -1.262  1.00 5.91  ? 67  LEU A CA  1 
ATOM   518 C  C   . LEU A 1 67  ? 3.231   -6.776  -0.877  1.00 6.08  ? 67  LEU A C   1 
ATOM   519 O  O   . LEU A 1 67  ? 2.490   -7.454  -1.600  1.00 5.66  ? 67  LEU A O   1 
ATOM   520 C  CB  . LEU A 1 67  ? 4.671   -5.244  -2.297  1.00 5.45  ? 67  LEU A CB  1 
ATOM   521 C  CG  . LEU A 1 67  ? 4.909   -3.879  -2.951  1.00 6.38  ? 67  LEU A CG  1 
ATOM   522 C  CD1 . LEU A 1 67  ? 6.057   -3.994  -3.964  1.00 4.57  ? 67  LEU A CD1 1 
ATOM   523 C  CD2 . LEU A 1 67  ? 3.661   -3.306  -3.628  1.00 7.14  ? 67  LEU A CD2 1 
ATOM   524 N  N   . LYS A 1 68  ? 3.803   -7.218  0.247   1.00 6.56  ? 68  LYS A N   1 
ATOM   525 C  CA  . LYS A 1 68  ? 3.541   -8.540  0.811   1.00 7.89  ? 68  LYS A CA  1 
ATOM   526 C  C   . LYS A 1 68  ? 2.081   -8.676  1.237   1.00 9.03  ? 68  LYS A C   1 
ATOM   527 O  O   . LYS A 1 68  ? 1.537   -9.773  1.232   1.00 8.73  ? 68  LYS A O   1 
ATOM   528 C  CB  . LYS A 1 68  ? 4.490   -8.874  1.961   1.00 7.89  ? 68  LYS A CB  1 
ATOM   529 C  CG  . LYS A 1 68  ? 5.969   -8.769  1.597   1.00 7.80  ? 68  LYS A CG  1 
ATOM   530 C  CD  . LYS A 1 68  ? 6.882   -9.352  2.666   1.00 9.15  ? 68  LYS A CD  1 
ATOM   531 C  CE  . LYS A 1 68  ? 8.326   -9.399  2.165   1.00 7.94  ? 68  LYS A CE  1 
ATOM   532 N  NZ  . LYS A 1 68  ? 9.165   -10.358 2.906   1.00 16.20 ? 68  LYS A NZ  1 
ATOM   533 N  N   . GLY A 1 69  ? 1.436   -7.560  1.587   1.00 10.06 ? 69  GLY A N   1 
ATOM   534 C  CA  . GLY A 1 69  ? -0.001  -7.576  1.840   1.00 9.61  ? 69  GLY A CA  1 
ATOM   535 C  C   . GLY A 1 69  ? -0.813  -8.022  0.645   1.00 9.81  ? 69  GLY A C   1 
ATOM   536 O  O   . GLY A 1 69  ? -1.880  -8.649  0.792   1.00 10.28 ? 69  GLY A O   1 
ATOM   537 N  N   . PHE A 1 70  ? -0.321  -7.697  -0.545  1.00 8.66  ? 70  PHE A N   1 
ATOM   538 C  CA  . PHE A 1 70  ? -1.023  -7.992  -1.788  1.00 7.82  ? 70  PHE A CA  1 
ATOM   539 C  C   . PHE A 1 70  ? -0.560  -9.320  -2.317  1.00 8.06  ? 70  PHE A C   1 
ATOM   540 O  O   . PHE A 1 70  ? -1.354  -10.099 -2.815  1.00 7.90  ? 70  PHE A O   1 
ATOM   541 C  CB  . PHE A 1 70  ? -0.839  -6.852  -2.807  1.00 6.56  ? 70  PHE A CB  1 
ATOM   542 C  CG  . PHE A 1 70  ? -1.375  -5.523  -2.320  1.00 7.21  ? 70  PHE A CG  1 
ATOM   543 C  CD1 . PHE A 1 70  ? -2.681  -5.133  -2.601  1.00 4.11  ? 70  PHE A CD1 1 
ATOM   544 C  CD2 . PHE A 1 70  ? -0.601  -4.702  -1.505  1.00 3.69  ? 70  PHE A CD2 1 
ATOM   545 C  CE1 . PHE A 1 70  ? -3.166  -3.922  -2.130  1.00 4.00  ? 70  PHE A CE1 1 
ATOM   546 C  CE2 . PHE A 1 70  ? -1.083  -3.500  -1.052  1.00 2.08  ? 70  PHE A CE2 1 
ATOM   547 C  CZ  . PHE A 1 70  ? -2.375  -3.124  -1.345  1.00 5.26  ? 70  PHE A CZ  1 
ATOM   548 N  N   . SER A 1 71  ? 0.724   -9.611  -2.165  1.00 9.15  ? 71  SER A N   1 
ATOM   549 C  CA  . SER A 1 71  ? 1.246   -10.911 -2.595  1.00 10.87 ? 71  SER A CA  1 
ATOM   550 C  C   . SER A 1 71  ? 2.419   -11.308 -1.703  1.00 10.43 ? 71  SER A C   1 
ATOM   551 O  O   . SER A 1 71  ? 3.449   -10.671 -1.720  1.00 9.83  ? 71  SER A O   1 
ATOM   552 C  CB  . SER A 1 71  ? 1.611   -10.847 -4.083  1.00 10.67 ? 71  SER A CB  1 
ATOM   553 O  OG  . SER A 1 71  ? 2.410   -11.928 -4.431  1.00 14.79 ? 71  SER A OG  1 
ATOM   554 N  N   . SER A 1 72  ? 2.239   -12.347 -0.884  1.00 11.50 ? 72  SER A N   1 
ATOM   555 C  CA  . SER A 1 72  ? 3.150   -12.580 0.248   1.00 13.12 ? 72  SER A CA  1 
ATOM   556 C  C   . SER A 1 72  ? 4.603   -12.821 -0.148  1.00 12.96 ? 72  SER A C   1 
ATOM   557 O  O   . SER A 1 72  ? 5.507   -12.505 0.600   1.00 11.60 ? 72  SER A O   1 
ATOM   558 C  CB  . SER A 1 72  ? 2.656   -13.728 1.115   1.00 13.90 ? 72  SER A CB  1 
ATOM   559 O  OG  . SER A 1 72  ? 2.611   -14.876 0.310   1.00 17.85 ? 72  SER A OG  1 
ATOM   560 N  N   . ASP A 1 73  ? 4.816   -13.369 -1.342  1.00 13.03 ? 73  ASP A N   1 
ATOM   561 C  CA  . ASP A 1 73  ? 6.154   -13.559 -1.884  1.00 13.07 ? 73  ASP A CA  1 
ATOM   562 C  C   . ASP A 1 73  ? 6.843   -12.233 -2.332  1.00 11.66 ? 73  ASP A C   1 
ATOM   563 O  O   . ASP A 1 73  ? 8.038   -12.218 -2.560  1.00 9.10  ? 73  ASP A O   1 
ATOM   564 C  CB  . ASP A 1 73  ? 6.015   -14.455 -3.106  1.00 14.46 ? 73  ASP A CB  1 
ATOM   565 C  CG  . ASP A 1 73  ? 5.109   -13.824 -4.161  1.00 18.29 ? 73  ASP A CG  1 
ATOM   566 O  OD1 . ASP A 1 73  ? 3.854   -14.006 -4.073  1.00 20.60 ? 73  ASP A OD1 1 
ATOM   567 O  OD2 . ASP A 1 73  ? 5.561   -13.051 -5.044  1.00 23.20 ? 73  ASP A OD2 1 
ATOM   568 N  N   . ALA A 1 74  ? 6.078   -11.146 -2.500  1.00 11.15 ? 74  ALA A N   1 
ATOM   569 C  CA  . ALA A 1 74  ? 6.664   -9.884  -2.993  1.00 11.21 ? 74  ALA A CA  1 
ATOM   570 C  C   . ALA A 1 74  ? 7.790   -9.398  -2.045  1.00 10.63 ? 74  ALA A C   1 
ATOM   571 O  O   . ALA A 1 74  ? 7.764   -9.655  -0.856  1.00 10.61 ? 74  ALA A O   1 
ATOM   572 C  CB  . ALA A 1 74  ? 5.602   -8.825  -3.160  1.00 10.99 ? 74  ALA A CB  1 
ATOM   573 N  N   . ALA A 1 75  ? 8.797   -8.734  -2.581  1.00 9.95  ? 75  ALA A N   1 
ATOM   574 C  CA  . ALA A 1 75  ? 9.915   -8.312  -1.754  1.00 8.76  ? 75  ALA A CA  1 
ATOM   575 C  C   . ALA A 1 75  ? 9.503   -7.039  -1.052  1.00 8.16  ? 75  ALA A C   1 
ATOM   576 O  O   . ALA A 1 75  ? 8.590   -6.345  -1.478  1.00 8.36  ? 75  ALA A O   1 
ATOM   577 C  CB  . ALA A 1 75  ? 11.164  -8.064  -2.630  1.00 8.75  ? 75  ALA A CB  1 
ATOM   578 N  N   . ASP A 1 76  ? 10.203  -6.735  0.029   1.00 8.98  ? 76  ASP A N   1 
ATOM   579 C  CA  . ASP A 1 76  ? 10.046  -5.475  0.715   1.00 7.52  ? 76  ASP A CA  1 
ATOM   580 C  C   . ASP A 1 76  ? 10.505  -4.353  -0.184  1.00 8.34  ? 76  ASP A C   1 
ATOM   581 O  O   . ASP A 1 76  ? 11.354  -4.532  -1.080  1.00 8.54  ? 76  ASP A O   1 
ATOM   582 C  CB  . ASP A 1 76  ? 10.928  -5.451  1.947   1.00 8.17  ? 76  ASP A CB  1 
ATOM   583 C  CG  . ASP A 1 76  ? 10.298  -6.097  3.149   1.00 8.04  ? 76  ASP A CG  1 
ATOM   584 O  OD1 . ASP A 1 76  ? 9.196   -6.686  3.083   1.00 9.09  ? 76  ASP A OD1 1 
ATOM   585 O  OD2 . ASP A 1 76  ? 10.889  -6.055  4.234   1.00 8.45  ? 76  ASP A OD2 1 
ATOM   586 N  N   . LEU A 1 77  ? 9.961   -3.171  0.077   1.00 7.78  ? 77  LEU A N   1 
ATOM   587 C  CA  . LEU A 1 77  ? 10.451  -1.974  -0.537  1.00 7.25  ? 77  LEU A CA  1 
ATOM   588 C  C   . LEU A 1 77  ? 11.807  -1.783  0.075   1.00 6.89  ? 77  LEU A C   1 
ATOM   589 O  O   . LEU A 1 77  ? 12.082  -2.305  1.157   1.00 6.30  ? 77  LEU A O   1 
ATOM   590 C  CB  . LEU A 1 77  ? 9.508   -0.782  -0.248  1.00 7.26  ? 77  LEU A CB  1 
ATOM   591 C  CG  . LEU A 1 77  ? 8.091   -0.937  -0.812  1.00 7.38  ? 77  LEU A CG  1 
ATOM   592 C  CD1 . LEU A 1 77  ? 7.253   0.308   -0.470  1.00 8.40  ? 77  LEU A CD1 1 
ATOM   593 C  CD2 . LEU A 1 77  ? 8.135   -1.189  -2.323  1.00 5.80  ? 77  LEU A CD2 1 
ATOM   594 N  N   . SER A 1 78  ? 12.682  -1.090  -0.641  1.00 7.11  ? 78  SER A N   1 
ATOM   595 C  CA  . SER A 1 78  ? 13.962  -0.699  -0.060  1.00 7.33  ? 78  SER A CA  1 
ATOM   596 C  C   . SER A 1 78  ? 13.726  0.323   1.029   1.00 8.02  ? 78  SER A C   1 
ATOM   597 O  O   . SER A 1 78  ? 12.620  0.904   1.132   1.00 8.46  ? 78  SER A O   1 
ATOM   598 C  CB  . SER A 1 78  ? 14.865  -0.104  -1.123  1.00 6.73  ? 78  SER A CB  1 
ATOM   599 O  OG  . SER A 1 78  ? 14.313  1.122   -1.567  1.00 5.87  ? 78  SER A OG  1 
ATOM   600 N  N   . ALA A 1 79  ? 14.758  0.556   1.840   1.00 8.23  ? 79  ALA A N   1 
ATOM   601 C  CA  . ALA A 1 79  ? 14.682  1.604   2.842   1.00 8.82  ? 79  ALA A CA  1 
ATOM   602 C  C   . ALA A 1 79  ? 14.208  2.908   2.196   1.00 9.35  ? 79  ALA A C   1 
ATOM   603 O  O   . ALA A 1 79  ? 13.243  3.548   2.663   1.00 9.87  ? 79  ALA A O   1 
ATOM   604 C  CB  . ALA A 1 79  ? 16.047  1.794   3.591   1.00 7.76  ? 79  ALA A CB  1 
ATOM   605 N  N   . LYS A 1 80  ? 14.868  3.292   1.115   1.00 8.89  ? 80  LYS A N   1 
ATOM   606 C  CA  . LYS A 1 80  ? 14.523  4.516   0.436   1.00 9.01  ? 80  LYS A CA  1 
ATOM   607 C  C   . LYS A 1 80  ? 13.072  4.531   -0.073  1.00 8.56  ? 80  LYS A C   1 
ATOM   608 O  O   . LYS A 1 80  ? 12.371  5.514   0.095   1.00 8.91  ? 80  LYS A O   1 
ATOM   609 C  CB  . LYS A 1 80  ? 15.510  4.799   -0.699  1.00 9.31  ? 80  LYS A CB  1 
ATOM   610 C  CG  . LYS A 1 80  ? 15.285  6.163   -1.353  1.00 10.86 ? 80  LYS A CG  1 
ATOM   611 C  CD  . LYS A 1 80  ? 16.239  6.373   -2.511  1.00 14.12 ? 80  LYS A CD  1 
ATOM   612 C  CE  . LYS A 1 80  ? 15.903  7.657   -3.254  1.00 15.45 ? 80  LYS A CE  1 
ATOM   613 N  NZ  . LYS A 1 80  ? 17.161  8.310   -3.724  1.00 18.53 ? 80  LYS A NZ  1 
ATOM   614 N  N   . GLU A 1 81  ? 12.634  3.458   -0.719  1.00 7.65  ? 81  GLU A N   1 
ATOM   615 C  CA  . GLU A 1 81  ? 11.278  3.418   -1.257  1.00 6.63  ? 81  GLU A CA  1 
ATOM   616 C  C   . GLU A 1 81  ? 10.252  3.495   -0.135  1.00 5.72  ? 81  GLU A C   1 
ATOM   617 O  O   . GLU A 1 81  ? 9.235   4.146   -0.274  1.00 5.71  ? 81  GLU A O   1 
ATOM   618 C  CB  . GLU A 1 81  ? 11.061  2.138   -2.015  1.00 6.04  ? 81  GLU A CB  1 
ATOM   619 C  CG  . GLU A 1 81  ? 11.786  2.075   -3.341  1.00 8.52  ? 81  GLU A CG  1 
ATOM   620 C  CD  . GLU A 1 81  ? 11.747  0.682   -3.947  1.00 10.98 ? 81  GLU A CD  1 
ATOM   621 O  OE1 . GLU A 1 81  ? 11.817  -0.349  -3.220  1.00 10.68 ? 81  GLU A OE1 1 
ATOM   622 O  OE2 . GLU A 1 81  ? 11.633  0.610   -5.173  1.00 13.85 ? 81  GLU A OE2 1 
ATOM   623 N  N   . THR A 1 82  ? 10.527  2.772   0.952   1.00 5.81  ? 82  THR A N   1 
ATOM   624 C  CA  . THR A 1 82  ? 9.726   2.808   2.180   1.00 5.52  ? 82  THR A CA  1 
ATOM   625 C  C   . THR A 1 82  ? 9.618   4.219   2.723   1.00 5.38  ? 82  THR A C   1 
ATOM   626 O  O   . THR A 1 82  ? 8.514   4.679   3.041   1.00 4.20  ? 82  THR A O   1 
ATOM   627 C  CB  . THR A 1 82  ? 10.364  1.902   3.258   1.00 5.37  ? 82  THR A CB  1 
ATOM   628 O  OG1 . THR A 1 82  ? 10.499  0.569   2.733   1.00 7.32  ? 82  THR A OG1 1 
ATOM   629 C  CG2 . THR A 1 82  ? 9.447   1.754   4.496   1.00 5.01  ? 82  THR A CG2 1 
ATOM   630 N  N   . LYS A 1 83  ? 10.755  4.878   2.909   1.00 5.61  ? 83  LYS A N   1 
ATOM   631 C  CA  . LYS A 1 83  ? 10.717  6.262   3.405   1.00 8.41  ? 83  LYS A CA  1 
ATOM   632 C  C   . LYS A 1 83  ? 10.020  7.242   2.404   1.00 7.14  ? 83  LYS A C   1 
ATOM   633 O  O   . LYS A 1 83  ? 9.411   8.240   2.807   1.00 7.28  ? 83  LYS A O   1 
ATOM   634 C  CB  . LYS A 1 83  ? 12.125  6.772   3.758   1.00 8.40  ? 83  LYS A CB  1 
ATOM   635 C  CG  . LYS A 1 83  ? 12.872  5.982   4.809   1.00 11.69 ? 83  LYS A CG  1 
ATOM   636 C  CD  . LYS A 1 83  ? 14.064  6.806   5.334   1.00 15.93 ? 83  LYS A CD  1 
ATOM   637 C  CE  . LYS A 1 83  ? 13.635  8.148   6.042   1.00 22.09 ? 83  LYS A CE  1 
ATOM   638 N  NZ  . LYS A 1 83  ? 13.230  8.127   7.533   1.00 26.57 ? 83  LYS A NZ  1 
ATOM   639 N  N   . THR A 1 84  ? 10.124  6.983   1.105   1.00 7.85  ? 84  THR A N   1 
ATOM   640 C  CA  . THR A 1 84  ? 9.399   7.795   0.106   1.00 6.91  ? 84  THR A CA  1 
ATOM   641 C  C   . THR A 1 84  ? 7.891   7.645   0.287   1.00 7.39  ? 84  THR A C   1 
ATOM   642 O  O   . THR A 1 84  ? 7.150   8.606   0.205   1.00 7.64  ? 84  THR A O   1 
ATOM   643 C  CB  . THR A 1 84  ? 9.781   7.395   -1.307  1.00 7.51  ? 84  THR A CB  1 
ATOM   644 O  OG1 . THR A 1 84  ? 11.169  7.712   -1.548  1.00 8.54  ? 84  THR A OG1 1 
ATOM   645 C  CG2 . THR A 1 84  ? 8.979   8.215   -2.323  1.00 7.27  ? 84  THR A CG2 1 
ATOM   646 N  N   . LEU A 1 85  ? 7.445   6.428   0.553   1.00 7.13  ? 85  LEU A N   1 
ATOM   647 C  CA  . LEU A 1 85  ? 6.033   6.172   0.703   1.00 6.48  ? 85  LEU A CA  1 
ATOM   648 C  C   . LEU A 1 85  ? 5.542   6.750   2.015   1.00 6.08  ? 85  LEU A C   1 
ATOM   649 O  O   . LEU A 1 85  ? 4.491   7.362   2.037   1.00 4.96  ? 85  LEU A O   1 
ATOM   650 C  CB  . LEU A 1 85  ? 5.730   4.691   0.531   1.00 5.94  ? 85  LEU A CB  1 
ATOM   651 C  CG  . LEU A 1 85  ? 4.286   4.201   0.554   1.00 7.86  ? 85  LEU A CG  1 
ATOM   652 C  CD1 . LEU A 1 85  ? 3.410   4.930   -0.442  1.00 5.39  ? 85  LEU A CD1 1 
ATOM   653 C  CD2 . LEU A 1 85  ? 4.240   2.677   0.359   1.00 6.76  ? 85  LEU A CD2 1 
ATOM   654 N  N   . MET A 1 86  ? 6.336   6.599   3.083   1.00 5.88  ? 86  MET A N   1 
ATOM   655 C  CA  . MET A 1 86  ? 6.060   7.244   4.379   1.00 5.82  ? 86  MET A CA  1 
ATOM   656 C  C   . MET A 1 86  ? 5.980   8.777   4.267   1.00 5.98  ? 86  MET A C   1 
ATOM   657 O  O   . MET A 1 86  ? 5.082   9.406   4.829   1.00 6.04  ? 86  MET A O   1 
ATOM   658 C  CB  . MET A 1 86  ? 7.131   6.846   5.410   1.00 5.61  ? 86  MET A CB  1 
ATOM   659 C  CG  . MET A 1 86  ? 6.795   7.231   6.832   1.00 5.22  ? 86  MET A CG  1 
ATOM   660 S  SD  . MET A 1 86  ? 5.239   6.472   7.389   1.00 7.10  ? 86  MET A SD  1 
ATOM   661 C  CE  . MET A 1 86  ? 5.766   4.849   7.941   1.00 5.24  ? 86  MET A CE  1 
ATOM   662 N  N   . ALA A 1 87  ? 6.933   9.383   3.567   1.00 5.22  ? 87  ALA A N   1 
ATOM   663 C  CA  . ALA A 1 87  ? 6.835   10.819  3.284   1.00 5.68  ? 87  ALA A CA  1 
ATOM   664 C  C   . ALA A 1 87  ? 5.541   11.183  2.555   1.00 5.76  ? 87  ALA A C   1 
ATOM   665 O  O   . ALA A 1 87  ? 4.945   12.211  2.886   1.00 5.20  ? 87  ALA A O   1 
ATOM   666 C  CB  . ALA A 1 87  ? 8.077   11.341  2.504   1.00 4.67  ? 87  ALA A CB  1 
ATOM   667 N  N   . ALA A 1 88  ? 5.102   10.368  1.575   1.00 4.97  ? 88  ALA A N   1 
ATOM   668 C  CA  . ALA A 1 88  ? 3.841   10.656  0.887   1.00 6.35  ? 88  ALA A CA  1 
ATOM   669 C  C   . ALA A 1 88  ? 2.633   10.492  1.797   1.00 6.76  ? 88  ALA A C   1 
ATOM   670 O  O   . ALA A 1 88  ? 1.748   11.333  1.785   1.00 8.10  ? 88  ALA A O   1 
ATOM   671 C  CB  . ALA A 1 88  ? 3.667   9.815   -0.386  1.00 5.84  ? 88  ALA A CB  1 
ATOM   672 N  N   . GLY A 1 89  ? 2.610   9.442   2.615   1.00 6.21  ? 89  GLY A N   1 
ATOM   673 C  CA  . GLY A 1 89  ? 1.393   9.066   3.351   1.00 5.77  ? 89  GLY A CA  1 
ATOM   674 C  C   . GLY A 1 89  ? 1.250   9.684   4.730   1.00 6.14  ? 89  GLY A C   1 
ATOM   675 O  O   . GLY A 1 89  ? 0.123   9.939   5.187   1.00 5.36  ? 89  GLY A O   1 
ATOM   676 N  N   . ASP A 1 90  ? 2.387   9.927   5.386   1.00 5.42  ? 90  ASP A N   1 
ATOM   677 C  CA  . ASP A 1 90  ? 2.381   10.364  6.779   1.00 7.18  ? 90  ASP A CA  1 
ATOM   678 C  C   . ASP A 1 90  ? 2.196   11.894  6.952   1.00 7.37  ? 90  ASP A C   1 
ATOM   679 O  O   . ASP A 1 90  ? 3.143   12.655  7.262   1.00 7.15  ? 90  ASP A O   1 
ATOM   680 C  CB  . ASP A 1 90  ? 3.653   9.891   7.476   1.00 7.47  ? 90  ASP A CB  1 
ATOM   681 C  CG  . ASP A 1 90  ? 3.739   10.351  8.905   1.00 6.87  ? 90  ASP A CG  1 
ATOM   682 O  OD1 . ASP A 1 90  ? 2.689   10.610  9.552   1.00 6.66  ? 90  ASP A OD1 1 
ATOM   683 O  OD2 . ASP A 1 90  ? 4.837   10.503  9.441   1.00 8.70  ? 90  ASP A OD2 1 
ATOM   684 N  N   . LYS A 1 91  ? 0.962   12.328  6.766   1.00 6.69  ? 91  LYS A N   1 
ATOM   685 C  CA  . LYS A 1 91  ? 0.652   13.744  6.767   1.00 7.03  ? 91  LYS A CA  1 
ATOM   686 C  C   . LYS A 1 91  ? 0.750   14.437  8.132   1.00 6.98  ? 91  LYS A C   1 
ATOM   687 O  O   . LYS A 1 91  ? 0.917   15.662  8.182   1.00 6.16  ? 91  LYS A O   1 
ATOM   688 C  CB  . LYS A 1 91  ? -0.735  13.955  6.178   1.00 7.11  ? 91  LYS A CB  1 
ATOM   689 C  CG  . LYS A 1 91  ? -0.669  14.434  4.769   1.00 11.95 ? 91  LYS A CG  1 
ATOM   690 C  CD  . LYS A 1 91  ? -0.791  13.320  3.835   1.00 12.07 ? 91  LYS A CD  1 
ATOM   691 C  CE  . LYS A 1 91  ? -1.043  13.812  2.424   1.00 8.53  ? 91  LYS A CE  1 
ATOM   692 N  NZ  . LYS A 1 91  ? -0.962  12.524  1.708   1.00 6.80  ? 91  LYS A NZ  1 
ATOM   693 N  N   . ASP A 1 92  ? 0.667   13.695  9.236   1.00 6.55  ? 92  ASP A N   1 
ATOM   694 C  CA  . ASP A 1 92  ? 0.786   14.374  10.534  1.00 7.20  ? 92  ASP A CA  1 
ATOM   695 C  C   . ASP A 1 92  ? 2.170   14.254  11.127  1.00 7.80  ? 92  ASP A C   1 
ATOM   696 O  O   . ASP A 1 92  ? 2.432   14.804  12.215  1.00 8.10  ? 92  ASP A O   1 
ATOM   697 C  CB  . ASP A 1 92  ? -0.293  13.949  11.527  1.00 7.47  ? 92  ASP A CB  1 
ATOM   698 C  CG  . ASP A 1 92  ? -0.271  12.473  11.833  1.00 8.97  ? 92  ASP A CG  1 
ATOM   699 O  OD1 . ASP A 1 92  ? 0.771   11.799  11.606  1.00 8.67  ? 92  ASP A OD1 1 
ATOM   700 O  OD2 . ASP A 1 92  ? -1.266  11.887  12.335  1.00 13.16 ? 92  ASP A OD2 1 
ATOM   701 N  N   . GLY A 1 93  ? 3.069   13.566  10.406  1.00 7.64  ? 93  GLY A N   1 
ATOM   702 C  CA  . GLY A 1 93  ? 4.469   13.495  10.790  1.00 8.68  ? 93  GLY A CA  1 
ATOM   703 C  C   . GLY A 1 93  ? 4.753   12.690  12.050  1.00 9.29  ? 93  GLY A C   1 
ATOM   704 O  O   . GLY A 1 93  ? 5.798   12.861  12.677  1.00 11.18 ? 93  GLY A O   1 
ATOM   705 N  N   . ASP A 1 94  ? 3.845   11.794  12.429  1.00 9.23  ? 94  ASP A N   1 
ATOM   706 C  CA  . ASP A 1 94  ? 4.099   10.888  13.562  1.00 9.24  ? 94  ASP A CA  1 
ATOM   707 C  C   . ASP A 1 94  ? 4.840   9.596   13.181  1.00 8.47  ? 94  ASP A C   1 
ATOM   708 O  O   . ASP A 1 94  ? 4.976   8.704   13.999  1.00 9.30  ? 94  ASP A O   1 
ATOM   709 C  CB  . ASP A 1 94  ? 2.787   10.573  14.276  1.00 9.66  ? 94  ASP A CB  1 
ATOM   710 C  CG  . ASP A 1 94  ? 1.926   9.579   13.519  1.00 9.21  ? 94  ASP A CG  1 
ATOM   711 O  OD1 . ASP A 1 94  ? 2.092   9.410   12.290  1.00 10.87 ? 94  ASP A OD1 1 
ATOM   712 O  OD2 . ASP A 1 94  ? 1.022   8.933   14.073  1.00 9.84  ? 94  ASP A OD2 1 
ATOM   713 N  N   . GLY A 1 95  ? 5.278   9.504   11.930  1.00 7.61  ? 95  GLY A N   1 
ATOM   714 C  CA  . GLY A 1 95  ? 6.123   8.404   11.447  1.00 7.01  ? 95  GLY A CA  1 
ATOM   715 C  C   . GLY A 1 95  ? 5.426   7.086   11.171  1.00 6.41  ? 95  GLY A C   1 
ATOM   716 O  O   . GLY A 1 95  ? 6.084   6.042   10.980  1.00 6.11  ? 95  GLY A O   1 
ATOM   717 N  N   . LYS A 1 96  ? 4.095   7.116   11.116  1.00 5.88  ? 96  LYS A N   1 
ATOM   718 C  CA  . LYS A 1 96  ? 3.329   5.941   10.747  1.00 4.90  ? 96  LYS A CA  1 
ATOM   719 C  C   . LYS A 1 96  ? 2.061   6.426   10.005  1.00 5.33  ? 96  LYS A C   1 
ATOM   720 O  O   . LYS A 1 96  ? 1.791   7.618   9.984   1.00 5.75  ? 96  LYS A O   1 
ATOM   721 C  CB  . LYS A 1 96  ? 2.998   5.107   11.989  1.00 4.86  ? 96  LYS A CB  1 
ATOM   722 C  CG  . LYS A 1 96  ? 2.452   5.943   13.101  1.00 4.36  ? 96  LYS A CG  1 
ATOM   723 C  CD  . LYS A 1 96  ? 2.285   5.165   14.374  1.00 7.42  ? 96  LYS A CD  1 
ATOM   724 C  CE  . LYS A 1 96  ? 1.683   6.062   15.468  1.00 7.61  ? 96  LYS A CE  1 
ATOM   725 N  NZ  . LYS A 1 96  ? 1.777   5.313   16.760  1.00 9.68  ? 96  LYS A NZ  1 
ATOM   726 N  N   . ILE A 1 97  ? 1.320   5.506   9.378   1.00 4.22  ? 97  ILE A N   1 
ATOM   727 C  CA  . ILE A 1 97  ? 0.175   5.871   8.523   1.00 4.37  ? 97  ILE A CA  1 
ATOM   728 C  C   . ILE A 1 97  ? -1.101  5.348   9.194   1.00 4.48  ? 97  ILE A C   1 
ATOM   729 O  O   . ILE A 1 97  ? -1.244  4.142   9.419   1.00 4.14  ? 97  ILE A O   1 
ATOM   730 C  CB  . ILE A 1 97  ? 0.344   5.293   7.095   1.00 4.04  ? 97  ILE A CB  1 
ATOM   731 C  CG1 . ILE A 1 97  ? 1.469   6.061   6.393   1.00 5.46  ? 97  ILE A CG1 1 
ATOM   732 C  CG2 . ILE A 1 97  ? -1.022  5.344   6.290   1.00 2.84  ? 97  ILE A CG2 1 
ATOM   733 C  CD1 . ILE A 1 97  ? 1.944   5.434   5.132   1.00 7.60  ? 97  ILE A CD1 1 
ATOM   734 N  N   . GLY A 1 98  ? -1.994  6.261   9.536   1.00 4.49  ? 98  GLY A N   1 
ATOM   735 C  CA  . GLY A 1 98  ? -3.287  5.854   10.075  1.00 5.12  ? 98  GLY A CA  1 
ATOM   736 C  C   . GLY A 1 98  ? -4.328  5.633   8.998   1.00 4.33  ? 98  GLY A C   1 
ATOM   737 O  O   . GLY A 1 98  ? -4.043  5.719   7.803   1.00 4.97  ? 98  GLY A O   1 
ATOM   738 N  N   . VAL A 1 99  ? -5.558  5.381   9.427   1.00 4.95  ? 99  VAL A N   1 
ATOM   739 C  CA  . VAL A 1 99  ? -6.643  5.048   8.510   1.00 5.41  ? 99  VAL A CA  1 
ATOM   740 C  C   . VAL A 1 99  ? -6.886  6.197   7.516   1.00 5.56  ? 99  VAL A C   1 
ATOM   741 O  O   . VAL A 1 99  ? -6.873  5.968   6.309   1.00 5.51  ? 99  VAL A O   1 
ATOM   742 C  CB  . VAL A 1 99  ? -7.938  4.724   9.268   1.00 5.18  ? 99  VAL A CB  1 
ATOM   743 C  CG1 . VAL A 1 99  ? -9.060  4.356   8.271   1.00 8.05  ? 99  VAL A CG1 1 
ATOM   744 C  CG2 . VAL A 1 99  ? -7.705  3.560   10.253  1.00 5.59  ? 99  VAL A CG2 1 
ATOM   745 N  N   . GLU A 1 100 ? -7.094  7.412   8.045   1.00 5.54  ? 100 GLU A N   1 
ATOM   746 C  CA  . GLU A 1 100 ? -7.322  8.623   7.221   1.00 5.10  ? 100 GLU A CA  1 
ATOM   747 C  C   . GLU A 1 100 ? -6.186  8.840   6.217   1.00 4.50  ? 100 GLU A C   1 
ATOM   748 O  O   . GLU A 1 100 ? -6.421  9.150   5.056   1.00 4.61  ? 100 GLU A O   1 
ATOM   749 C  CB  . GLU A 1 100 ? -7.488  9.855   8.122   1.00 4.14  ? 100 GLU A CB  1 
ATOM   750 C  CG  . GLU A 1 100 ? -7.999  11.119  7.435   1.00 6.59  ? 100 GLU A CG  1 
ATOM   751 C  CD  . GLU A 1 100 ? -9.327  10.937  6.662   1.00 10.44 ? 100 GLU A CD  1 
ATOM   752 O  OE1 . GLU A 1 100 ? -10.137 10.061  7.026   1.00 9.53  ? 100 GLU A OE1 1 
ATOM   753 O  OE2 . GLU A 1 100 ? -9.565  11.672  5.661   1.00 9.56  ? 100 GLU A OE2 1 
ATOM   754 N  N   . GLU A 1 101 ? -4.953  8.687   6.685   1.00 4.17  ? 101 GLU A N   1 
ATOM   755 C  CA  . GLU A 1 101 ? -3.791  8.894   5.855   1.00 3.85  ? 101 GLU A CA  1 
ATOM   756 C  C   . GLU A 1 101 ? -3.737  7.868   4.751   1.00 4.34  ? 101 GLU A C   1 
ATOM   757 O  O   . GLU A 1 101 ? -3.384  8.190   3.617   1.00 3.31  ? 101 GLU A O   1 
ATOM   758 C  CB  . GLU A 1 101 ? -2.516  8.848   6.695   1.00 2.87  ? 101 GLU A CB  1 
ATOM   759 C  CG  . GLU A 1 101 ? -2.317  10.143  7.478   1.00 4.31  ? 101 GLU A CG  1 
ATOM   760 C  CD  . GLU A 1 101 ? -1.237  10.052  8.548   1.00 4.68  ? 101 GLU A CD  1 
ATOM   761 O  OE1 . GLU A 1 101 ? -0.857  8.949   8.976   1.00 5.58  ? 101 GLU A OE1 1 
ATOM   762 O  OE2 . GLU A 1 101 ? -0.747  11.095  8.983   1.00 2.42  ? 101 GLU A OE2 1 
ATOM   763 N  N   . PHE A 1 102 ? -4.068  6.618   5.089   1.00 4.31  ? 102 PHE A N   1 
ATOM   764 C  CA  . PHE A 1 102 ? -4.097  5.591   4.090   1.00 4.88  ? 102 PHE A CA  1 
ATOM   765 C  C   . PHE A 1 102 ? -5.161  5.904   3.033   1.00 5.49  ? 102 PHE A C   1 
ATOM   766 O  O   . PHE A 1 102 ? -4.855  5.842   1.846   1.00 5.88  ? 102 PHE A O   1 
ATOM   767 C  CB  . PHE A 1 102 ? -4.294  4.184   4.660   1.00 4.17  ? 102 PHE A CB  1 
ATOM   768 C  CG  . PHE A 1 102 ? -4.116  3.125   3.622   1.00 6.03  ? 102 PHE A CG  1 
ATOM   769 C  CD1 . PHE A 1 102 ? -2.832  2.830   3.124   1.00 6.83  ? 102 PHE A CD1 1 
ATOM   770 C  CD2 . PHE A 1 102 ? -5.222  2.462   3.096   1.00 5.54  ? 102 PHE A CD2 1 
ATOM   771 C  CE1 . PHE A 1 102 ? -2.647  1.871   2.143   1.00 2.00  ? 102 PHE A CE1 1 
ATOM   772 C  CE2 . PHE A 1 102 ? -5.061  1.504   2.123   1.00 3.74  ? 102 PHE A CE2 1 
ATOM   773 C  CZ  . PHE A 1 102 ? -3.754  1.211   1.625   1.00 4.94  ? 102 PHE A CZ  1 
ATOM   774 N  N   . SER A 1 103 ? -6.374  6.263   3.453   1.00 5.71  ? 103 SER A N   1 
ATOM   775 C  CA  . SER A 1 103 ? -7.411  6.653   2.476   1.00 6.87  ? 103 SER A CA  1 
ATOM   776 C  C   . SER A 1 103 ? -6.940  7.830   1.627   1.00 6.70  ? 103 SER A C   1 
ATOM   777 O  O   . SER A 1 103 ? -7.188  7.851   0.425   1.00 6.92  ? 103 SER A O   1 
ATOM   778 C  CB  . SER A 1 103 ? -8.724  7.016   3.150   1.00 7.04  ? 103 SER A CB  1 
ATOM   779 O  OG  . SER A 1 103 ? -9.071  5.987   4.027   1.00 10.42 ? 103 SER A OG  1 
ATOM   780 N  N   . THR A 1 104 ? -6.246  8.788   2.252   1.00 6.57  ? 104 THR A N   1 
ATOM   781 C  CA  . THR A 1 104 ? -5.748  9.951   1.513   1.00 7.08  ? 104 THR A CA  1 
ATOM   782 C  C   . THR A 1 104 ? -4.746  9.561   0.459   1.00 6.91  ? 104 THR A C   1 
ATOM   783 O  O   . THR A 1 104 ? -4.796  10.066  -0.647  1.00 5.66  ? 104 THR A O   1 
ATOM   784 C  CB  . THR A 1 104 ? -5.174  11.027  2.452   1.00 6.31  ? 104 THR A CB  1 
ATOM   785 O  OG1 . THR A 1 104 ? -6.223  11.462  3.311   1.00 6.00  ? 104 THR A OG1 1 
ATOM   786 C  CG2 . THR A 1 104 ? -4.875  12.298  1.664   1.00 6.31  ? 104 THR A CG2 1 
ATOM   787 N  N   . LEU A 1 105 ? -3.820  8.672   0.844   1.00 8.16  ? 105 LEU A N   1 
ATOM   788 C  CA  . LEU A 1 105 ? -2.831  8.090   -0.058  1.00 8.55  ? 105 LEU A CA  1 
ATOM   789 C  C   . LEU A 1 105 ? -3.486  7.480   -1.293  1.00 8.94  ? 105 LEU A C   1 
ATOM   790 O  O   . LEU A 1 105 ? -2.999  7.665   -2.423  1.00 8.73  ? 105 LEU A O   1 
ATOM   791 C  CB  . LEU A 1 105 ? -2.019  7.028   0.709   1.00 8.15  ? 105 LEU A CB  1 
ATOM   792 C  CG  . LEU A 1 105 ? -0.563  6.743   0.372   1.00 10.88 ? 105 LEU A CG  1 
ATOM   793 C  CD1 . LEU A 1 105 ? 0.251   7.993   0.143   1.00 10.10 ? 105 LEU A CD1 1 
ATOM   794 C  CD2 . LEU A 1 105 ? 0.045   5.888   1.502   1.00 9.85  ? 105 LEU A CD2 1 
ATOM   795 N  N   . VAL A 1 106 ? -4.571  6.727   -1.076  1.00 8.64  ? 106 VAL A N   1 
ATOM   796 C  CA  . VAL A 1 106 ? -5.315  6.136   -2.161  1.00 9.54  ? 106 VAL A CA  1 
ATOM   797 C  C   . VAL A 1 106 ? -6.051  7.227   -2.970  1.00 9.96  ? 106 VAL A C   1 
ATOM   798 O  O   . VAL A 1 106 ? -6.024  7.209   -4.196  1.00 9.51  ? 106 VAL A O   1 
ATOM   799 C  CB  . VAL A 1 106 ? -6.272  5.005   -1.699  1.00 9.83  ? 106 VAL A CB  1 
ATOM   800 C  CG1 . VAL A 1 106 ? -7.096  4.470   -2.894  1.00 9.75  ? 106 VAL A CG1 1 
ATOM   801 C  CG2 . VAL A 1 106 ? -5.461  3.885   -1.101  1.00 10.02 ? 106 VAL A CG2 1 
ATOM   802 N  N   . ALA A 1 107 ? -6.667  8.178   -2.276  1.00 9.62  ? 107 ALA A N   1 
ATOM   803 C  CA  . ALA A 1 107 ? -7.363  9.260   -2.953  1.00 10.31 ? 107 ALA A CA  1 
ATOM   804 C  C   . ALA A 1 107 ? -6.424  10.100  -3.806  1.00 11.29 ? 107 ALA A C   1 
ATOM   805 O  O   . ALA A 1 107 ? -6.817  10.581  -4.846  1.00 11.03 ? 107 ALA A O   1 
ATOM   806 C  CB  . ALA A 1 107 ? -8.075  10.144  -1.937  1.00 10.75 ? 107 ALA A CB  1 
ATOM   807 N  N   . GLU A 1 108 ? -5.187  10.292  -3.347  1.00 13.15 ? 108 GLU A N   1 
ATOM   808 C  CA  . GLU A 1 108 ? -4.225  11.160  -4.036  1.00 14.79 ? 108 GLU A CA  1 
ATOM   809 C  C   . GLU A 1 108 ? -3.590  10.409  -5.193  1.00 16.81 ? 108 GLU A C   1 
ATOM   810 O  O   . GLU A 1 108 ? -2.874  10.996  -5.994  1.00 17.58 ? 108 GLU A O   1 
ATOM   811 C  CB  . GLU A 1 108 ? -3.167  11.715  -3.051  1.00 13.51 ? 108 GLU A CB  1 
ATOM   812 C  CG  . GLU A 1 108 ? -3.761  12.804  -2.165  1.00 13.84 ? 108 GLU A CG  1 
ATOM   813 C  CD  . GLU A 1 108 ? -2.850  13.361  -1.081  1.00 13.45 ? 108 GLU A CD  1 
ATOM   814 O  OE1 . GLU A 1 108 ? -2.022  12.583  -0.558  1.00 10.08 ? 108 GLU A OE1 1 
ATOM   815 O  OE2 . GLU A 1 108 ? -2.983  14.581  -0.755  1.00 6.07  ? 108 GLU A OE2 1 
ATOM   816 N  N   . SER A 1 109 ? -3.896  9.123   -5.309  1.00 18.71 ? 109 SER A N   1 
ATOM   817 C  CA  . SER A 1 109 ? -3.133  8.259   -6.193  1.00 20.78 ? 109 SER A CA  1 
ATOM   818 C  C   . SER A 1 109 ? -3.533  8.413   -7.643  1.00 22.66 ? 109 SER A C   1 
ATOM   819 O  O   . SER A 1 109 ? -4.693  8.617   -8.027  1.00 23.65 ? 109 SER A O   1 
ATOM   820 C  CB  . SER A 1 109 ? -3.209  6.789   -5.766  1.00 20.36 ? 109 SER A CB  1 
ATOM   821 O  OG  . SER A 1 109 ? -2.330  6.569   -4.678  1.00 19.51 ? 109 SER A OG  1 
ATOM   822 O  OXT . SER A 1 109 ? -2.630  8.317   -8.469  1.00 24.94 ? 109 SER A OXT 1 
HETATM 823 CA CA  . CA  B 2 .   ? 0.681   -1.727  12.602  1.00 6.08  ? 110 CA  A CA  1 
HETATM 824 CA CA  . CA  C 2 .   ? 0.747   9.697   10.539  1.00 8.69  ? 111 CA  A CA  1 
HETATM 825 S  S   . SO4 D 3 .   ? 18.336  -0.845  1.286   1.00 11.64 ? 112 SO4 A S   1 
HETATM 826 O  O1  . SO4 D 3 .   ? 18.538  -0.139  0.034   1.00 6.39  ? 112 SO4 A O1  1 
HETATM 827 O  O2  . SO4 D 3 .   ? 18.974  -0.067  2.355   1.00 13.68 ? 112 SO4 A O2  1 
HETATM 828 O  O3  . SO4 D 3 .   ? 18.977  -2.167  1.188   1.00 12.95 ? 112 SO4 A O3  1 
HETATM 829 O  O4  . SO4 D 3 .   ? 16.965  -1.138  1.571   1.00 10.26 ? 112 SO4 A O4  1 
HETATM 830 S  S   . SO4 E 3 .   ? 12.407  -9.557  1.187   1.00 38.07 ? 113 SO4 A S   1 
HETATM 831 O  O1  . SO4 E 3 .   ? 12.471  -8.613  0.081   1.00 38.04 ? 113 SO4 A O1  1 
HETATM 832 O  O2  . SO4 E 3 .   ? 12.034  -8.842  2.399   1.00 40.60 ? 113 SO4 A O2  1 
HETATM 833 O  O3  . SO4 E 3 .   ? 11.413  -10.600 0.943   1.00 39.23 ? 113 SO4 A O3  1 
HETATM 834 O  O4  . SO4 E 3 .   ? 13.715  -10.168 1.394   1.00 39.64 ? 113 SO4 A O4  1 
HETATM 835 O  O   . HOH F 4 .   ? 7.703   -5.014  -9.240  1.00 3.31  ? 114 HOH A O   1 
HETATM 836 O  O   . HOH F 4 .   ? 15.894  10.995  -5.409  1.00 29.63 ? 115 HOH A O   1 
HETATM 837 O  O   . HOH F 4 .   ? -16.627 2.256   6.468   1.00 28.01 ? 116 HOH A O   1 
HETATM 838 O  O   . HOH F 4 .   ? -7.637  2.030   13.011  1.00 24.33 ? 117 HOH A O   1 
HETATM 839 O  O   . HOH F 4 .   ? 2.462   -6.674  4.418   1.00 17.08 ? 118 HOH A O   1 
HETATM 840 O  O   . HOH F 4 .   ? 6.665   10.309  -3.715  1.00 17.83 ? 119 HOH A O   1 
HETATM 841 O  O   . HOH F 4 .   ? -5.886  -13.608 1.743   1.00 28.74 ? 120 HOH A O   1 
HETATM 842 O  O   . HOH F 4 .   ? -9.399  -6.110  6.538   1.00 16.27 ? 121 HOH A O   1 
HETATM 843 O  O   . HOH F 4 .   ? -15.583 -1.687  -3.309  1.00 11.87 ? 122 HOH A O   1 
HETATM 844 O  O   . HOH F 4 .   ? 7.925   4.677   -2.558  1.00 9.79  ? 123 HOH A O   1 
HETATM 845 O  O   . HOH F 4 .   ? 7.166   10.458  8.334   1.00 7.73  ? 124 HOH A O   1 
HETATM 846 O  O   . HOH F 4 .   ? 17.508  2.415   0.419   1.00 5.30  ? 125 HOH A O   1 
HETATM 847 O  O   . HOH F 4 .   ? -8.224  -5.546  -8.232  1.00 7.96  ? 126 HOH A O   1 
HETATM 848 O  O   . HOH F 4 .   ? -3.421  16.006  1.474   1.00 2.00  ? 127 HOH A O   1 
HETATM 849 O  O   . HOH F 4 .   ? -7.727  1.510   -9.307  1.00 12.72 ? 128 HOH A O   1 
HETATM 850 O  O   . HOH F 4 .   ? -10.894 -2.434  -8.546  1.00 19.36 ? 129 HOH A O   1 
HETATM 851 O  O   . HOH F 4 .   ? 13.539  8.231   1.041   1.00 16.74 ? 130 HOH A O   1 
HETATM 852 O  O   . HOH F 4 .   ? 10.213  9.594   5.212   1.00 8.44  ? 131 HOH A O   1 
HETATM 853 O  O   . HOH F 4 .   ? -4.651  2.448   17.630  1.00 23.95 ? 132 HOH A O   1 
HETATM 854 O  O   . HOH F 4 .   ? 1.542   14.221  0.317   1.00 30.21 ? 133 HOH A O   1 
HETATM 855 O  O   . HOH F 4 .   ? -4.532  8.844   9.695   1.00 7.76  ? 134 HOH A O   1 
HETATM 856 O  O   . HOH F 4 .   ? 6.837   3.645   11.892  1.00 12.33 ? 135 HOH A O   1 
HETATM 857 O  O   . HOH F 4 .   ? 9.637   -4.235  6.548   1.00 8.84  ? 136 HOH A O   1 
HETATM 858 O  O   . HOH F 4 .   ? 5.651   6.066   -3.599  1.00 16.82 ? 137 HOH A O   1 
HETATM 859 O  O   . HOH F 4 .   ? 2.027   -4.423  5.741   1.00 12.59 ? 138 HOH A O   1 
HETATM 860 O  O   . HOH F 4 .   ? -6.002  -2.088  12.242  1.00 12.68 ? 139 HOH A O   1 
HETATM 861 O  O   . HOH F 4 .   ? -5.577  -6.629  -14.533 1.00 7.90  ? 140 HOH A O   1 
HETATM 862 O  O   . HOH F 4 .   ? -2.530  13.060  9.077   1.00 11.01 ? 141 HOH A O   1 
HETATM 863 O  O   . HOH F 4 .   ? -1.287  17.328  2.703   1.00 9.02  ? 142 HOH A O   1 
HETATM 864 O  O   . HOH F 4 .   ? -11.174 -5.257  -7.602  1.00 21.17 ? 143 HOH A O   1 
HETATM 865 O  O   . HOH F 4 .   ? 6.684   -4.573  0.128   1.00 5.29  ? 144 HOH A O   1 
HETATM 866 O  O   . HOH F 4 .   ? 7.419   10.920  -1.076  1.00 7.91  ? 145 HOH A O   1 
HETATM 867 O  O   . HOH F 4 .   ? -6.355  -0.894  -12.868 1.00 11.20 ? 146 HOH A O   1 
HETATM 868 O  O   . HOH F 4 .   ? -1.804  10.386  3.254   1.00 9.13  ? 147 HOH A O   1 
HETATM 869 O  O   . HOH F 4 .   ? 11.729  6.169   -3.854  1.00 14.36 ? 148 HOH A O   1 
HETATM 870 O  O   . HOH F 4 .   ? -9.712  -8.243  -11.809 1.00 13.68 ? 149 HOH A O   1 
HETATM 871 O  O   . HOH F 4 .   ? -4.815  15.449  3.691   1.00 10.22 ? 150 HOH A O   1 
HETATM 872 O  O   . HOH F 4 .   ? -2.397  -9.947  -14.442 1.00 12.00 ? 151 HOH A O   1 
HETATM 873 O  O   . HOH F 4 .   ? -18.399 -1.491  -0.127  1.00 13.94 ? 152 HOH A O   1 
HETATM 874 O  O   . HOH F 4 .   ? 1.310   17.220  12.748  1.00 25.20 ? 153 HOH A O   1 
HETATM 875 O  O   . HOH F 4 .   ? 3.942   9.084   -6.437  1.00 21.19 ? 154 HOH A O   1 
HETATM 876 O  O   . HOH F 4 .   ? 2.017   14.305  14.875  1.00 24.11 ? 155 HOH A O   1 
HETATM 877 O  O   . HOH F 4 .   ? -3.735  16.288  -2.596  1.00 8.22  ? 156 HOH A O   1 
HETATM 878 O  O   . HOH F 4 .   ? -8.585  -7.015  -13.897 1.00 7.15  ? 157 HOH A O   1 
HETATM 879 O  O   . HOH F 4 .   ? -0.606  8.611   12.134  1.00 12.27 ? 158 HOH A O   1 
HETATM 880 O  O   . HOH F 4 .   ? 5.775   6.517   14.918  1.00 21.19 ? 159 HOH A O   1 
HETATM 881 O  O   . HOH F 4 .   ? 3.022   -1.831  16.948  1.00 12.30 ? 160 HOH A O   1 
HETATM 882 O  O   . HOH F 4 .   ? -10.833 3.854   -3.275  1.00 11.92 ? 161 HOH A O   1 
HETATM 883 O  O   . HOH F 4 .   ? -0.256  -14.049 -1.466  1.00 19.40 ? 162 HOH A O   1 
HETATM 884 O  O   . HOH F 4 .   ? -11.821 -7.078  -10.064 1.00 18.19 ? 163 HOH A O   1 
HETATM 885 O  O   . HOH F 4 .   ? -1.768  18.113  5.107   1.00 18.14 ? 164 HOH A O   1 
HETATM 886 O  O   . HOH F 4 .   ? -3.646  -1.116  -15.234 1.00 11.14 ? 165 HOH A O   1 
HETATM 887 O  O   . HOH F 4 .   ? -9.775  -3.253  -11.231 1.00 20.89 ? 166 HOH A O   1 
HETATM 888 O  O   . HOH F 4 .   ? -3.527  10.873  11.058  1.00 23.10 ? 167 HOH A O   1 
HETATM 889 O  O   . HOH F 4 .   ? 3.698   -9.740  -11.124 1.00 17.62 ? 168 HOH A O   1 
HETATM 890 O  O   . HOH F 4 .   ? 1.962   2.371   16.530  1.00 11.15 ? 169 HOH A O   1 
HETATM 891 O  O   . HOH F 4 .   ? 5.657   -6.068  10.340  1.00 12.64 ? 170 HOH A O   1 
HETATM 892 O  O   . HOH F 4 .   ? -11.273 4.807   2.910   1.00 15.71 ? 171 HOH A O   1 
HETATM 893 O  O   . HOH F 4 .   ? 13.194  -1.942  3.693   1.00 15.58 ? 172 HOH A O   1 
HETATM 894 O  O   . HOH F 4 .   ? 19.125  7.345   0.203   1.00 25.97 ? 173 HOH A O   1 
HETATM 895 O  O   . HOH F 4 .   ? -2.848  -10.488 2.126   1.00 19.52 ? 174 HOH A O   1 
HETATM 896 O  O   . HOH F 4 .   ? 3.426   12.660  16.949  1.00 27.44 ? 175 HOH A O   1 
HETATM 897 O  O   . HOH F 4 .   ? -3.930  1.569   -14.658 1.00 19.29 ? 176 HOH A O   1 
HETATM 898 O  O   . HOH F 4 .   ? 0.824   -11.956 -7.687  1.00 19.89 ? 177 HOH A O   1 
HETATM 899 O  O   . HOH F 4 .   ? -0.659  9.065   -3.045  1.00 13.45 ? 178 HOH A O   1 
HETATM 900 O  O   . HOH F 4 .   ? 12.710  -4.685  4.708   1.00 19.01 ? 179 HOH A O   1 
HETATM 901 O  O   . HOH F 4 .   ? 12.970  0.099   5.724   1.00 24.60 ? 180 HOH A O   1 
HETATM 902 O  O   . HOH F 4 .   ? -8.820  -13.292 -7.397  1.00 15.26 ? 181 HOH A O   1 
HETATM 903 O  O   . HOH F 4 .   ? -9.523  -13.385 -9.820  1.00 13.80 ? 182 HOH A O   1 
HETATM 904 O  O   . HOH F 4 .   ? 10.305  -1.409  6.362   1.00 14.53 ? 183 HOH A O   1 
HETATM 905 O  O   . HOH F 4 .   ? -10.144 1.095   -12.673 1.00 29.06 ? 184 HOH A O   1 
HETATM 906 O  O   . HOH F 4 .   ? -0.021  17.741  7.129   1.00 12.54 ? 185 HOH A O   1 
HETATM 907 O  O   . HOH F 4 .   ? -10.879 7.441   5.953   1.00 12.55 ? 186 HOH A O   1 
HETATM 908 O  O   . HOH F 4 .   ? -3.037  -8.695  8.100   1.00 10.44 ? 187 HOH A O   1 
HETATM 909 O  O   . HOH F 4 .   ? -5.686  -8.995  8.397   1.00 16.21 ? 188 HOH A O   1 
HETATM 910 O  O   . HOH F 4 .   ? -7.992  -7.480  8.518   1.00 18.75 ? 189 HOH A O   1 
HETATM 911 O  O   . HOH F 4 .   ? -0.362  12.583  -8.405  1.00 17.86 ? 190 HOH A O   1 
HETATM 912 O  O   . HOH F 4 .   ? -6.857  0.426   -15.186 1.00 18.94 ? 191 HOH A O   1 
HETATM 913 O  O   . HOH F 4 .   ? -9.146  10.670  3.341   1.00 18.37 ? 192 HOH A O   1 
HETATM 914 O  O   . HOH F 4 .   ? -5.859  4.095   13.768  1.00 18.69 ? 193 HOH A O   1 
HETATM 915 O  O   . HOH F 4 .   ? 2.923   -10.695 -8.344  1.00 36.61 ? 194 HOH A O   1 
HETATM 916 O  O   . HOH F 4 .   ? 13.917  5.447   7.878   1.00 20.13 ? 195 HOH A O   1 
HETATM 917 O  O   . HOH F 4 .   ? 0.045   13.422  -3.810  1.00 21.63 ? 196 HOH A O   1 
HETATM 918 O  O   . HOH F 4 .   ? 15.012  -5.464  2.037   1.00 32.33 ? 197 HOH A O   1 
HETATM 919 O  O   . HOH F 4 .   ? -16.726 0.675   -5.895  1.00 24.32 ? 198 HOH A O   1 
HETATM 920 O  O   . HOH F 4 .   ? 9.830   8.580   -6.146  1.00 42.59 ? 199 HOH A O   1 
HETATM 921 O  O   . HOH F 4 .   ? 3.660   12.941  -2.175  1.00 30.97 ? 200 HOH A O   1 
HETATM 922 O  O   . HOH F 4 .   ? 16.026  6.031   9.310   1.00 24.77 ? 201 HOH A O   1 
HETATM 923 O  O   . HOH F 4 .   ? -13.455 -8.754  -4.053  1.00 36.02 ? 202 HOH A O   1 
HETATM 924 O  O   . HOH F 4 .   ? -17.438 -2.785  1.836   1.00 24.40 ? 203 HOH A O   1 
HETATM 925 O  O   . HOH F 4 .   ? -1.701  -12.450 -7.823  1.00 24.30 ? 204 HOH A O   1 
HETATM 926 O  O   . HOH F 4 .   ? 12.584  3.282   11.854  1.00 27.67 ? 205 HOH A O   1 
HETATM 927 O  O   . HOH F 4 .   ? 1.698   -0.922  -10.385 1.00 26.09 ? 206 HOH A O   1 
HETATM 928 O  O   . HOH F 4 .   ? -15.312 3.191   -8.162  1.00 16.37 ? 207 HOH A O   1 
HETATM 929 O  O   . HOH F 4 .   ? -12.940 -6.665  8.548   1.00 28.00 ? 208 HOH A O   1 
HETATM 930 O  O   . HOH F 4 .   ? -10.372 6.507   -4.820  1.00 19.15 ? 209 HOH A O   1 
HETATM 931 O  O   . HOH F 4 .   ? 14.355  1.591   -8.697  1.00 15.69 ? 210 HOH A O   1 
HETATM 932 O  O   . HOH F 4 .   ? 11.962  2.406   -6.623  1.00 18.52 ? 211 HOH A O   1 
HETATM 933 O  O   . HOH F 4 .   ? 6.710   3.984   -11.861 1.00 33.45 ? 212 HOH A O   1 
HETATM 934 O  O   . HOH F 4 .   ? 9.641   4.996   -4.516  1.00 15.58 ? 213 HOH A O   1 
HETATM 935 O  O   . HOH F 4 .   ? 3.722   11.120  -3.644  1.00 25.59 ? 214 HOH A O   1 
HETATM 936 O  O   . HOH F 4 .   ? 3.698   11.528  -6.310  1.00 23.29 ? 215 HOH A O   1 
HETATM 937 O  O   . HOH F 4 .   ? -0.364  11.132  -1.761  1.00 25.79 ? 216 HOH A O   1 
HETATM 938 O  O   . HOH F 4 .   ? -0.195  -3.976  17.941  1.00 22.30 ? 217 HOH A O   1 
HETATM 939 O  O   . HOH F 4 .   ? -15.562 -2.627  -5.842  1.00 19.39 ? 218 HOH A O   1 
HETATM 940 O  O   . HOH F 4 .   ? 6.624   -8.488  -15.000 1.00 24.70 ? 219 HOH A O   1 
HETATM 941 O  O   . HOH F 4 .   ? -1.426  1.601   18.867  1.00 20.33 ? 220 HOH A O   1 
HETATM 942 O  O   . HOH F 4 .   ? -12.894 -13.236 -2.954  1.00 24.56 ? 221 HOH A O   1 
HETATM 943 O  O   . HOH F 4 .   ? 4.633   5.317   17.166  1.00 20.50 ? 222 HOH A O   1 
HETATM 944 O  O   . HOH F 4 .   ? -10.881 -12.858 -13.475 1.00 32.14 ? 223 HOH A O   1 
HETATM 945 O  O   . HOH F 4 .   ? -12.430 -2.754  8.197   1.00 27.16 ? 224 HOH A O   1 
HETATM 946 O  O   . HOH F 4 .   ? 8.702   -15.078 -3.064  1.00 18.40 ? 225 HOH A O   1 
HETATM 947 O  O   . HOH F 4 .   ? -11.540 1.525   10.061  1.00 19.40 ? 226 HOH A O   1 
HETATM 948 O  O   . HOH F 4 .   ? 14.057  -4.540  -0.332  1.00 19.48 ? 227 HOH A O   1 
HETATM 949 O  O   . HOH F 4 .   ? -6.192  12.313  10.005  1.00 20.93 ? 228 HOH A O   1 
HETATM 950 O  O   . HOH F 4 .   ? 9.988   11.681  -0.631  1.00 24.06 ? 229 HOH A O   1 
HETATM 951 O  O   . HOH F 4 .   ? 9.856   5.847   7.493   1.00 27.88 ? 230 HOH A O   1 
HETATM 952 O  O   . HOH F 4 .   ? 9.056   8.570   9.603   1.00 18.26 ? 231 HOH A O   1 
HETATM 953 O  O   . HOH F 4 .   ? -2.603  -8.943  14.644  1.00 22.63 ? 232 HOH A O   1 
HETATM 954 O  O   . HOH F 4 .   ? 12.133  8.612   -4.863  1.00 22.53 ? 233 HOH A O   1 
HETATM 955 O  O   . HOH F 4 .   ? 13.241  -0.965  -7.588  1.00 26.38 ? 234 HOH A O   1 
HETATM 956 O  O   . HOH F 4 .   ? 4.733   6.083   -11.491 1.00 41.37 ? 235 HOH A O   1 
HETATM 957 O  O   . HOH F 4 .   ? 7.067   -5.763  13.834  1.00 16.67 ? 236 HOH A O   1 
HETATM 958 O  O   . HOH F 4 .   ? -8.140  13.862  5.294   1.00 20.84 ? 237 HOH A O   1 
HETATM 959 O  O   . HOH F 4 .   ? 3.792   -12.666 -10.934 1.00 20.62 ? 238 HOH A O   1 
HETATM 960 O  O   . HOH F 4 .   ? -3.280  6.746   -10.893 1.00 23.74 ? 239 HOH A O   1 
HETATM 961 O  O   . HOH F 4 .   ? 17.060  9.493   0.329   1.00 31.96 ? 240 HOH A O   1 
HETATM 962 O  O   . HOH F 4 .   ? -3.023  -11.805 -1.557  1.00 23.20 ? 241 HOH A O   1 
HETATM 963 O  O   . HOH F 4 .   ? 10.034  11.084  -4.547  1.00 28.48 ? 242 HOH A O   1 
HETATM 964 O  O   . HOH F 4 .   ? 8.687   6.015   10.327  1.00 22.25 ? 243 HOH A O   1 
HETATM 965 O  O   . HOH F 4 .   ? -4.228  10.507  -10.243 1.00 29.00 ? 244 HOH A O   1 
HETATM 966 O  O   . HOH F 4 .   ? -9.152  -14.197 -0.527  1.00 33.11 ? 245 HOH A O   1 
HETATM 967 O  O   . HOH F 4 .   ? -17.422 -3.806  -1.656  1.00 27.36 ? 246 HOH A O   1 
HETATM 968 O  O   . HOH F 4 .   ? 15.945  -2.826  2.935   1.00 17.27 ? 247 HOH A O   1 
HETATM 969 O  O   . HOH F 4 .   ? -12.797 -9.715  -9.172  1.00 29.59 ? 248 HOH A O   1 
HETATM 970 O  O   . HOH F 4 .   ? -10.411 -8.022  5.037   1.00 24.37 ? 249 HOH A O   1 
HETATM 971 O  O   . HOH F 4 .   ? -4.547  1.675   19.924  1.00 36.97 ? 250 HOH A O   1 
HETATM 972 O  O   . HOH F 4 .   ? -14.669 -6.556  -2.766  1.00 34.13 ? 251 HOH A O   1 
HETATM 973 O  O   . HOH F 4 .   ? -0.280  14.648  15.282  1.00 30.08 ? 252 HOH A O   1 
HETATM 974 O  O   . HOH F 4 .   ? -8.449  7.494   -6.298  1.00 33.79 ? 253 HOH A O   1 
HETATM 975 O  O   . HOH F 4 .   ? -11.834 13.039  5.714   1.00 32.61 ? 254 HOH A O   1 
HETATM 976 O  O   . HOH F 4 .   ? 6.669   7.944   -10.203 1.00 32.67 ? 255 HOH A O   1 
HETATM 977 O  O   . HOH F 4 .   ? 11.931  10.731  -2.263  1.00 39.82 ? 256 HOH A O   1 
HETATM 978 O  O   . HOH F 4 .   ? -15.274 -6.448  -0.013  1.00 33.64 ? 257 HOH A O   1 
HETATM 979 O  O   . HOH F 4 .   ? -10.921 -11.318 -6.145  1.00 40.08 ? 258 HOH A O   1 
HETATM 980 O  O   . HOH F 4 .   ? -0.632  -7.641  4.924   1.00 38.26 ? 259 HOH A O   1 
HETATM 981 O  O   . HOH F 4 .   ? -11.204 -5.016  8.155   1.00 29.83 ? 260 HOH A O   1 
HETATM 982 O  O   . HOH F 4 .   ? 19.542  8.012   -2.422  1.00 34.90 ? 261 HOH A O   1 
HETATM 983 O  O   . HOH F 4 .   ? 11.192  -10.328 5.011   1.00 30.37 ? 262 HOH A O   1 
HETATM 984 O  O   . HOH F 4 .   ? -1.211  -10.633 4.205   1.00 32.89 ? 263 HOH A O   1 
HETATM 985 O  O   . HOH F 4 .   ? 5.288   -2.499  -17.330 1.00 29.48 ? 264 HOH A O   1 
HETATM 986 O  O   . HOH F 4 .   ? -5.470  12.912  5.266   1.00 29.47 ? 265 HOH A O   1 
HETATM 987 O  O   . HOH F 4 .   ? 0.621   9.030   17.118  1.00 29.17 ? 266 HOH A O   1 
HETATM 988 O  O   . HOH F 4 .   ? -0.446  11.501  15.389  1.00 35.28 ? 267 HOH A O   1 
HETATM 989 O  O   . HOH F 4 .   ? 15.560  8.149   2.066   1.00 19.20 ? 268 HOH A O   1 
# 
loop_
_pdbx_poly_seq_scheme.asym_id 
_pdbx_poly_seq_scheme.entity_id 
_pdbx_poly_seq_scheme.seq_id 
_pdbx_poly_seq_scheme.mon_id 
_pdbx_poly_seq_scheme.ndb_seq_num 
_pdbx_poly_seq_scheme.pdb_seq_num 
_pdbx_poly_seq_scheme.auth_seq_num 
_pdbx_poly_seq_scheme.pdb_mon_id 
_pdbx_poly_seq_scheme.auth_mon_id 
_pdbx_poly_seq_scheme.pdb_strand_id 
_pdbx_poly_seq_scheme.pdb_ins_code 
_pdbx_poly_seq_scheme.hetero 
A 1 1   SER 1   1   1   SER SER A . n 
A 1 2   MET 2   2   2   MET MET A . n 
A 1 3   THR 3   3   3   THR THR A . n 
A 1 4   ASP 4   4   4   ASP ASP A . n 
A 1 5   LEU 5   5   5   LEU LEU A . n 
A 1 6   LEU 6   6   6   LEU LEU A . n 
A 1 7   SER 7   7   7   SER SER A . n 
A 1 8   ALA 8   8   8   ALA ALA A . n 
A 1 9   GLU 9   9   9   GLU GLU A . n 
A 1 10  ASP 10  10  10  ASP ASP A . n 
A 1 11  ILE 11  11  11  ILE ILE A . n 
A 1 12  LYS 12  12  12  LYS LYS A . n 
A 1 13  LYS 13  13  13  LYS LYS A . n 
A 1 14  ALA 14  14  14  ALA ALA A . n 
A 1 15  ILE 15  15  15  ILE ILE A . n 
A 1 16  GLY 16  16  16  GLY GLY A . n 
A 1 17  ALA 17  17  17  ALA ALA A . n 
A 1 18  PHE 18  18  18  PHE PHE A . n 
A 1 19  THR 19  19  19  THR THR A . n 
A 1 20  ALA 20  20  20  ALA ALA A . n 
A 1 21  ALA 21  21  21  ALA ALA A . n 
A 1 22  ASP 22  22  22  ASP ASP A . n 
A 1 23  SER 23  23  23  SER SER A . n 
A 1 24  PHE 24  24  24  PHE PHE A . n 
A 1 25  ASP 25  25  25  ASP ASP A . n 
A 1 26  HIS 26  26  26  HIS HIS A . n 
A 1 27  LYS 27  27  27  LYS LYS A . n 
A 1 28  LYS 28  28  28  LYS LYS A . n 
A 1 29  PHE 29  29  29  PHE PHE A . n 
A 1 30  PHE 30  30  30  PHE PHE A . n 
A 1 31  GLN 31  31  31  GLN GLN A . n 
A 1 32  MET 32  32  32  MET MET A . n 
A 1 33  VAL 33  33  33  VAL VAL A . n 
A 1 34  GLY 34  34  34  GLY GLY A . n 
A 1 35  LEU 35  35  35  LEU LEU A . n 
A 1 36  LYS 36  36  36  LYS LYS A . n 
A 1 37  LYS 37  37  37  LYS LYS A . n 
A 1 38  LYS 38  38  38  LYS LYS A . n 
A 1 39  SER 39  39  39  SER SER A . n 
A 1 40  ALA 40  40  40  ALA ALA A . n 
A 1 41  ASP 41  41  41  ASP ASP A . n 
A 1 42  ASP 42  42  42  ASP ASP A . n 
A 1 43  VAL 43  43  43  VAL VAL A . n 
A 1 44  LYS 44  44  44  LYS LYS A . n 
A 1 45  LYS 45  45  45  LYS LYS A . n 
A 1 46  VAL 46  46  46  VAL VAL A . n 
A 1 47  PHE 47  47  47  PHE PHE A . n 
A 1 48  HIS 48  48  48  HIS HIS A . n 
A 1 49  ILE 49  49  49  ILE ILE A . n 
A 1 50  LEU 50  50  50  LEU LEU A . n 
A 1 51  ASP 51  51  51  ASP ASP A . n 
A 1 52  LYS 52  52  52  LYS LYS A . n 
A 1 53  ASP 53  53  53  ASP ASP A . n 
A 1 54  LYS 54  54  54  LYS LYS A . n 
A 1 55  SER 55  55  55  SER SER A . n 
A 1 56  GLY 56  56  56  GLY GLY A . n 
A 1 57  PHE 57  57  57  PHE PHE A . n 
A 1 58  ILE 58  58  58  ILE ILE A . n 
A 1 59  GLU 59  59  59  GLU GLU A . n 
A 1 60  GLU 60  60  60  GLU GLU A . n 
A 1 61  ASP 61  61  61  ASP ASP A . n 
A 1 62  GLU 62  62  62  GLU GLU A . n 
A 1 63  LEU 63  63  63  LEU LEU A . n 
A 1 64  GLY 64  64  64  GLY GLY A . n 
A 1 65  SER 65  65  65  SER SER A . n 
A 1 66  ILE 66  66  66  ILE ILE A . n 
A 1 67  LEU 67  67  67  LEU LEU A . n 
A 1 68  LYS 68  68  68  LYS LYS A . n 
A 1 69  GLY 69  69  69  GLY GLY A . n 
A 1 70  PHE 70  70  70  PHE PHE A . n 
A 1 71  SER 71  71  71  SER SER A . n 
A 1 72  SER 72  72  72  SER SER A . n 
A 1 73  ASP 73  73  73  ASP ASP A . n 
A 1 74  ALA 74  74  74  ALA ALA A . n 
A 1 75  ALA 75  75  75  ALA ALA A . n 
A 1 76  ASP 76  76  76  ASP ASP A . n 
A 1 77  LEU 77  77  77  LEU LEU A . n 
A 1 78  SER 78  78  78  SER SER A . n 
A 1 79  ALA 79  79  79  ALA ALA A . n 
A 1 80  LYS 80  80  80  LYS LYS A . n 
A 1 81  GLU 81  81  81  GLU GLU A . n 
A 1 82  THR 82  82  82  THR THR A . n 
A 1 83  LYS 83  83  83  LYS LYS A . n 
A 1 84  THR 84  84  84  THR THR A . n 
A 1 85  LEU 85  85  85  LEU LEU A . n 
A 1 86  MET 86  86  86  MET MET A . n 
A 1 87  ALA 87  87  87  ALA ALA A . n 
A 1 88  ALA 88  88  88  ALA ALA A . n 
A 1 89  GLY 89  89  89  GLY GLY A . n 
A 1 90  ASP 90  90  90  ASP ASP A . n 
A 1 91  LYS 91  91  91  LYS LYS A . n 
A 1 92  ASP 92  92  92  ASP ASP A . n 
A 1 93  GLY 93  93  93  GLY GLY A . n 
A 1 94  ASP 94  94  94  ASP ASP A . n 
A 1 95  GLY 95  95  95  GLY GLY A . n 
A 1 96  LYS 96  96  96  LYS LYS A . n 
A 1 97  ILE 97  97  97  ILE ILE A . n 
A 1 98  GLY 98  98  98  GLY GLY A . n 
A 1 99  VAL 99  99  99  VAL VAL A . n 
A 1 100 GLU 100 100 100 GLU GLU A . n 
A 1 101 GLU 101 101 101 GLU GLU A . n 
A 1 102 PHE 102 102 102 PHE PHE A . n 
A 1 103 SER 103 103 103 SER SER A . n 
A 1 104 THR 104 104 104 THR THR A . n 
A 1 105 LEU 105 105 105 LEU LEU A . n 
A 1 106 VAL 106 106 106 VAL VAL A . n 
A 1 107 ALA 107 107 107 ALA ALA A . n 
A 1 108 GLU 108 108 108 GLU GLU A . n 
A 1 109 SER 109 109 109 SER SER A . n 
# 
loop_
_pdbx_nonpoly_scheme.asym_id 
_pdbx_nonpoly_scheme.entity_id 
_pdbx_nonpoly_scheme.mon_id 
_pdbx_nonpoly_scheme.ndb_seq_num 
_pdbx_nonpoly_scheme.pdb_seq_num 
_pdbx_nonpoly_scheme.auth_seq_num 
_pdbx_nonpoly_scheme.pdb_mon_id 
_pdbx_nonpoly_scheme.auth_mon_id 
_pdbx_nonpoly_scheme.pdb_strand_id 
_pdbx_nonpoly_scheme.pdb_ins_code 
B 2 CA  1   110 110 CA  CA  A . 
C 2 CA  1   111 111 CA  CA  A . 
D 3 SO4 1   112 112 SO4 SO4 A . 
E 3 SO4 1   113 113 SO4 SO4 A . 
F 4 HOH 1   114 3   HOH HOH A . 
F 4 HOH 2   115 115 HOH HOH A . 
F 4 HOH 3   116 116 HOH HOH A . 
F 4 HOH 4   117 117 HOH HOH A . 
F 4 HOH 5   118 5   HOH HOH A . 
F 4 HOH 6   119 119 HOH HOH A . 
F 4 HOH 7   120 120 HOH HOH A . 
F 4 HOH 8   121 121 HOH HOH A . 
F 4 HOH 9   122 7   HOH HOH A . 
F 4 HOH 10  123 8   HOH HOH A . 
F 4 HOH 11  124 9   HOH HOH A . 
F 4 HOH 12  125 10  HOH HOH A . 
F 4 HOH 13  126 11  HOH HOH A . 
F 4 HOH 14  127 12  HOH HOH A . 
F 4 HOH 15  128 14  HOH HOH A . 
F 4 HOH 16  129 15  HOH HOH A . 
F 4 HOH 17  130 16  HOH HOH A . 
F 4 HOH 18  131 17  HOH HOH A . 
F 4 HOH 19  132 18  HOH HOH A . 
F 4 HOH 20  133 19  HOH HOH A . 
F 4 HOH 21  134 20  HOH HOH A . 
F 4 HOH 22  135 21  HOH HOH A . 
F 4 HOH 23  136 22  HOH HOH A . 
F 4 HOH 24  137 25  HOH HOH A . 
F 4 HOH 25  138 26  HOH HOH A . 
F 4 HOH 26  139 27  HOH HOH A . 
F 4 HOH 27  140 28  HOH HOH A . 
F 4 HOH 28  141 29  HOH HOH A . 
F 4 HOH 29  142 31  HOH HOH A . 
F 4 HOH 30  143 32  HOH HOH A . 
F 4 HOH 31  144 33  HOH HOH A . 
F 4 HOH 32  145 34  HOH HOH A . 
F 4 HOH 33  146 37  HOH HOH A . 
F 4 HOH 34  147 38  HOH HOH A . 
F 4 HOH 35  148 39  HOH HOH A . 
F 4 HOH 36  149 40  HOH HOH A . 
F 4 HOH 37  150 42  HOH HOH A . 
F 4 HOH 38  151 43  HOH HOH A . 
F 4 HOH 39  152 44  HOH HOH A . 
F 4 HOH 40  153 46  HOH HOH A . 
F 4 HOH 41  154 49  HOH HOH A . 
F 4 HOH 42  155 51  HOH HOH A . 
F 4 HOH 43  156 52  HOH HOH A . 
F 4 HOH 44  157 53  HOH HOH A . 
F 4 HOH 45  158 56  HOH HOH A . 
F 4 HOH 46  159 57  HOH HOH A . 
F 4 HOH 47  160 58  HOH HOH A . 
F 4 HOH 48  161 60  HOH HOH A . 
F 4 HOH 49  162 61  HOH HOH A . 
F 4 HOH 50  163 62  HOH HOH A . 
F 4 HOH 51  164 63  HOH HOH A . 
F 4 HOH 52  165 64  HOH HOH A . 
F 4 HOH 53  166 66  HOH HOH A . 
F 4 HOH 54  167 68  HOH HOH A . 
F 4 HOH 55  168 71  HOH HOH A . 
F 4 HOH 56  169 74  HOH HOH A . 
F 4 HOH 57  170 75  HOH HOH A . 
F 4 HOH 58  171 78  HOH HOH A . 
F 4 HOH 59  172 82  HOH HOH A . 
F 4 HOH 60  173 84  HOH HOH A . 
F 4 HOH 61  174 87  HOH HOH A . 
F 4 HOH 62  175 88  HOH HOH A . 
F 4 HOH 63  176 89  HOH HOH A . 
F 4 HOH 64  177 91  HOH HOH A . 
F 4 HOH 65  178 100 HOH HOH A . 
F 4 HOH 66  179 101 HOH HOH A . 
F 4 HOH 67  180 102 HOH HOH A . 
F 4 HOH 68  181 103 HOH HOH A . 
F 4 HOH 69  182 104 HOH HOH A . 
F 4 HOH 70  183 105 HOH HOH A . 
F 4 HOH 71  184 106 HOH HOH A . 
F 4 HOH 72  185 107 HOH HOH A . 
F 4 HOH 73  186 108 HOH HOH A . 
F 4 HOH 74  187 110 HOH HOH A . 
F 4 HOH 75  188 111 HOH HOH A . 
F 4 HOH 76  189 112 HOH HOH A . 
F 4 HOH 77  190 113 HOH HOH A . 
F 4 HOH 78  191 4   HOH HOH A . 
F 4 HOH 79  192 6   HOH HOH A . 
F 4 HOH 80  193 7   HOH HOH A . 
F 4 HOH 81  194 8   HOH HOH A . 
F 4 HOH 82  195 9   HOH HOH A . 
F 4 HOH 83  196 10  HOH HOH A . 
F 4 HOH 84  197 11  HOH HOH A . 
F 4 HOH 85  198 12  HOH HOH A . 
F 4 HOH 86  199 13  HOH HOH A . 
F 4 HOH 87  200 15  HOH HOH A . 
F 4 HOH 88  201 201 HOH HOH A . 
F 4 HOH 89  202 202 HOH HOH A . 
F 4 HOH 90  203 17  HOH HOH A . 
F 4 HOH 91  204 204 HOH HOH A . 
F 4 HOH 92  205 205 HOH HOH A . 
F 4 HOH 93  206 206 HOH HOH A . 
F 4 HOH 94  207 207 HOH HOH A . 
F 4 HOH 95  208 18  HOH HOH A . 
F 4 HOH 96  209 209 HOH HOH A . 
F 4 HOH 97  210 210 HOH HOH A . 
F 4 HOH 98  211 211 HOH HOH A . 
F 4 HOH 99  212 212 HOH HOH A . 
F 4 HOH 100 213 213 HOH HOH A . 
F 4 HOH 101 214 214 HOH HOH A . 
F 4 HOH 102 215 215 HOH HOH A . 
F 4 HOH 103 216 216 HOH HOH A . 
F 4 HOH 104 217 217 HOH HOH A . 
F 4 HOH 105 218 218 HOH HOH A . 
F 4 HOH 106 219 219 HOH HOH A . 
F 4 HOH 107 220 220 HOH HOH A . 
F 4 HOH 108 221 221 HOH HOH A . 
F 4 HOH 109 222 222 HOH HOH A . 
F 4 HOH 110 223 223 HOH HOH A . 
F 4 HOH 111 224 224 HOH HOH A . 
F 4 HOH 112 225 225 HOH HOH A . 
F 4 HOH 113 226 226 HOH HOH A . 
F 4 HOH 114 227 227 HOH HOH A . 
F 4 HOH 115 228 228 HOH HOH A . 
F 4 HOH 116 229 229 HOH HOH A . 
F 4 HOH 117 230 230 HOH HOH A . 
F 4 HOH 118 231 231 HOH HOH A . 
F 4 HOH 119 232 232 HOH HOH A . 
F 4 HOH 120 233 233 HOH HOH A . 
F 4 HOH 121 234 234 HOH HOH A . 
F 4 HOH 122 235 235 HOH HOH A . 
F 4 HOH 123 236 20  HOH HOH A . 
F 4 HOH 124 237 237 HOH HOH A . 
F 4 HOH 125 238 23  HOH HOH A . 
F 4 HOH 126 239 24  HOH HOH A . 
F 4 HOH 127 240 25  HOH HOH A . 
F 4 HOH 128 241 27  HOH HOH A . 
F 4 HOH 129 242 28  HOH HOH A . 
F 4 HOH 130 243 29  HOH HOH A . 
F 4 HOH 131 244 30  HOH HOH A . 
F 4 HOH 132 245 31  HOH HOH A . 
F 4 HOH 133 246 32  HOH HOH A . 
F 4 HOH 134 247 34  HOH HOH A . 
F 4 HOH 135 248 35  HOH HOH A . 
F 4 HOH 136 249 36  HOH HOH A . 
F 4 HOH 137 250 39  HOH HOH A . 
F 4 HOH 138 251 40  HOH HOH A . 
F 4 HOH 139 252 41  HOH HOH A . 
F 4 HOH 140 253 42  HOH HOH A . 
F 4 HOH 141 254 43  HOH HOH A . 
F 4 HOH 142 255 44  HOH HOH A . 
F 4 HOH 143 256 45  HOH HOH A . 
F 4 HOH 144 257 46  HOH HOH A . 
F 4 HOH 145 258 47  HOH HOH A . 
F 4 HOH 146 259 49  HOH HOH A . 
F 4 HOH 147 260 50  HOH HOH A . 
F 4 HOH 148 261 51  HOH HOH A . 
F 4 HOH 149 262 53  HOH HOH A . 
F 4 HOH 150 263 56  HOH HOH A . 
F 4 HOH 151 264 59  HOH HOH A . 
F 4 HOH 152 265 61  HOH HOH A . 
F 4 HOH 153 266 65  HOH HOH A . 
F 4 HOH 154 267 66  HOH HOH A . 
F 4 HOH 155 268 67  HOH HOH A . 
# 
_pdbx_struct_assembly.id                   1 
_pdbx_struct_assembly.details              author_and_software_defined_assembly 
_pdbx_struct_assembly.method_details       PISA 
_pdbx_struct_assembly.oligomeric_details   monomeric 
_pdbx_struct_assembly.oligomeric_count     1 
# 
_pdbx_struct_assembly_gen.assembly_id       1 
_pdbx_struct_assembly_gen.oper_expression   1 
_pdbx_struct_assembly_gen.asym_id_list      A,B,C,D,E,F 
# 
_pdbx_struct_oper_list.id                   1 
_pdbx_struct_oper_list.type                 'identity operation' 
_pdbx_struct_oper_list.name                 1_555 
_pdbx_struct_oper_list.symmetry_operation   x,y,z 
_pdbx_struct_oper_list.matrix[1][1]         1.0000000000 
_pdbx_struct_oper_list.matrix[1][2]         0.0000000000 
_pdbx_struct_oper_list.matrix[1][3]         0.0000000000 
_pdbx_struct_oper_list.vector[1]            0.0000000000 
_pdbx_struct_oper_list.matrix[2][1]         0.0000000000 
_pdbx_struct_oper_list.matrix[2][2]         1.0000000000 
_pdbx_struct_oper_list.matrix[2][3]         0.0000000000 
_pdbx_struct_oper_list.vector[2]            0.0000000000 
_pdbx_struct_oper_list.matrix[3][1]         0.0000000000 
_pdbx_struct_oper_list.matrix[3][2]         0.0000000000 
_pdbx_struct_oper_list.matrix[3][3]         1.0000000000 
_pdbx_struct_oper_list.vector[3]            0.0000000000 
# 
loop_
_pdbx_struct_conn_angle.id 
_pdbx_struct_conn_angle.ptnr1_label_atom_id 
_pdbx_struct_conn_angle.ptnr1_label_alt_id 
_pdbx_struct_conn_angle.ptnr1_label_asym_id 
_pdbx_struct_conn_angle.ptnr1_label_comp_id 
_pdbx_struct_conn_angle.ptnr1_label_seq_id 
_pdbx_struct_conn_angle.ptnr1_auth_atom_id 
_pdbx_struct_conn_angle.ptnr1_auth_asym_id 
_pdbx_struct_conn_angle.ptnr1_auth_comp_id 
_pdbx_struct_conn_angle.ptnr1_auth_seq_id 
_pdbx_struct_conn_angle.ptnr1_PDB_ins_code 
_pdbx_struct_conn_angle.ptnr1_symmetry 
_pdbx_struct_conn_angle.ptnr2_label_atom_id 
_pdbx_struct_conn_angle.ptnr2_label_alt_id 
_pdbx_struct_conn_angle.ptnr2_label_asym_id 
_pdbx_struct_conn_angle.ptnr2_label_comp_id 
_pdbx_struct_conn_angle.ptnr2_label_seq_id 
_pdbx_struct_conn_angle.ptnr2_auth_atom_id 
_pdbx_struct_conn_angle.ptnr2_auth_asym_id 
_pdbx_struct_conn_angle.ptnr2_auth_comp_id 
_pdbx_struct_conn_angle.ptnr2_auth_seq_id 
_pdbx_struct_conn_angle.ptnr2_PDB_ins_code 
_pdbx_struct_conn_angle.ptnr2_symmetry 
_pdbx_struct_conn_angle.ptnr3_label_atom_id 
_pdbx_struct_conn_angle.ptnr3_label_alt_id 
_pdbx_struct_conn_angle.ptnr3_label_asym_id 
_pdbx_struct_conn_angle.ptnr3_label_comp_id 
_pdbx_struct_conn_angle.ptnr3_label_seq_id 
_pdbx_struct_conn_angle.ptnr3_auth_atom_id 
_pdbx_struct_conn_angle.ptnr3_auth_asym_id 
_pdbx_struct_conn_angle.ptnr3_auth_comp_id 
_pdbx_struct_conn_angle.ptnr3_auth_seq_id 
_pdbx_struct_conn_angle.ptnr3_PDB_ins_code 
_pdbx_struct_conn_angle.ptnr3_symmetry 
_pdbx_struct_conn_angle.value 
_pdbx_struct_conn_angle.value_esd 
1  OD1 ? A ASP 51  ? A ASP 51  ? 1_555 CA ? B CA . ? A CA 110 ? 1_555 OD1 ? A ASP 53  ? A ASP 53  ? 1_555 87.6  ? 
2  OD1 ? A ASP 51  ? A ASP 51  ? 1_555 CA ? B CA . ? A CA 110 ? 1_555 OG  ? A SER 55  ? A SER 55  ? 1_555 90.7  ? 
3  OD1 ? A ASP 53  ? A ASP 53  ? 1_555 CA ? B CA . ? A CA 110 ? 1_555 OG  ? A SER 55  ? A SER 55  ? 1_555 79.3  ? 
4  OD1 ? A ASP 51  ? A ASP 51  ? 1_555 CA ? B CA . ? A CA 110 ? 1_555 O   ? A PHE 57  ? A PHE 57  ? 1_555 80.5  ? 
5  OD1 ? A ASP 53  ? A ASP 53  ? 1_555 CA ? B CA . ? A CA 110 ? 1_555 O   ? A PHE 57  ? A PHE 57  ? 1_555 152.4 ? 
6  OG  ? A SER 55  ? A SER 55  ? 1_555 CA ? B CA . ? A CA 110 ? 1_555 O   ? A PHE 57  ? A PHE 57  ? 1_555 76.0  ? 
7  OD1 ? A ASP 51  ? A ASP 51  ? 1_555 CA ? B CA . ? A CA 110 ? 1_555 OE1 ? A GLU 59  ? A GLU 59  ? 1_555 163.9 ? 
8  OD1 ? A ASP 53  ? A ASP 53  ? 1_555 CA ? B CA . ? A CA 110 ? 1_555 OE1 ? A GLU 59  ? A GLU 59  ? 1_555 100.3 ? 
9  OG  ? A SER 55  ? A SER 55  ? 1_555 CA ? B CA . ? A CA 110 ? 1_555 OE1 ? A GLU 59  ? A GLU 59  ? 1_555 77.1  ? 
10 O   ? A PHE 57  ? A PHE 57  ? 1_555 CA ? B CA . ? A CA 110 ? 1_555 OE1 ? A GLU 59  ? A GLU 59  ? 1_555 86.3  ? 
11 OD1 ? A ASP 51  ? A ASP 51  ? 1_555 CA ? B CA . ? A CA 110 ? 1_555 OE1 ? A GLU 62  ? A GLU 62  ? 1_555 103.5 ? 
12 OD1 ? A ASP 53  ? A ASP 53  ? 1_555 CA ? B CA . ? A CA 110 ? 1_555 OE1 ? A GLU 62  ? A GLU 62  ? 1_555 125.6 ? 
13 OG  ? A SER 55  ? A SER 55  ? 1_555 CA ? B CA . ? A CA 110 ? 1_555 OE1 ? A GLU 62  ? A GLU 62  ? 1_555 151.1 ? 
14 O   ? A PHE 57  ? A PHE 57  ? 1_555 CA ? B CA . ? A CA 110 ? 1_555 OE1 ? A GLU 62  ? A GLU 62  ? 1_555 81.6  ? 
15 OE1 ? A GLU 59  ? A GLU 59  ? 1_555 CA ? B CA . ? A CA 110 ? 1_555 OE1 ? A GLU 62  ? A GLU 62  ? 1_555 83.5  ? 
16 OD1 ? A ASP 51  ? A ASP 51  ? 1_555 CA ? B CA . ? A CA 110 ? 1_555 OE2 ? A GLU 62  ? A GLU 62  ? 1_555 100.9 ? 
17 OD1 ? A ASP 53  ? A ASP 53  ? 1_555 CA ? B CA . ? A CA 110 ? 1_555 OE2 ? A GLU 62  ? A GLU 62  ? 1_555 71.8  ? 
18 OG  ? A SER 55  ? A SER 55  ? 1_555 CA ? B CA . ? A CA 110 ? 1_555 OE2 ? A GLU 62  ? A GLU 62  ? 1_555 148.2 ? 
19 O   ? A PHE 57  ? A PHE 57  ? 1_555 CA ? B CA . ? A CA 110 ? 1_555 OE2 ? A GLU 62  ? A GLU 62  ? 1_555 134.8 ? 
20 OE1 ? A GLU 59  ? A GLU 59  ? 1_555 CA ? B CA . ? A CA 110 ? 1_555 OE2 ? A GLU 62  ? A GLU 62  ? 1_555 95.0  ? 
21 OE1 ? A GLU 62  ? A GLU 62  ? 1_555 CA ? B CA . ? A CA 110 ? 1_555 OE2 ? A GLU 62  ? A GLU 62  ? 1_555 53.9  ? 
22 OD1 ? A ASP 90  ? A ASP 90  ? 1_555 CA ? C CA . ? A CA 111 ? 1_555 OD1 ? A ASP 92  ? A ASP 92  ? 1_555 80.6  ? 
23 OD1 ? A ASP 90  ? A ASP 90  ? 1_555 CA ? C CA . ? A CA 111 ? 1_555 OD1 ? A ASP 94  ? A ASP 94  ? 1_555 83.2  ? 
24 OD1 ? A ASP 92  ? A ASP 92  ? 1_555 CA ? C CA . ? A CA 111 ? 1_555 OD1 ? A ASP 94  ? A ASP 94  ? 1_555 75.7  ? 
25 OD1 ? A ASP 90  ? A ASP 90  ? 1_555 CA ? C CA . ? A CA 111 ? 1_555 O   ? A LYS 96  ? A LYS 96  ? 1_555 83.1  ? 
26 OD1 ? A ASP 92  ? A ASP 92  ? 1_555 CA ? C CA . ? A CA 111 ? 1_555 O   ? A LYS 96  ? A LYS 96  ? 1_555 151.1 ? 
27 OD1 ? A ASP 94  ? A ASP 94  ? 1_555 CA ? C CA . ? A CA 111 ? 1_555 O   ? A LYS 96  ? A LYS 96  ? 1_555 78.9  ? 
28 OD1 ? A ASP 90  ? A ASP 90  ? 1_555 CA ? C CA . ? A CA 111 ? 1_555 OE1 ? A GLU 101 ? A GLU 101 ? 1_555 113.9 ? 
29 OD1 ? A ASP 92  ? A ASP 92  ? 1_555 CA ? C CA . ? A CA 111 ? 1_555 OE1 ? A GLU 101 ? A GLU 101 ? 1_555 126.1 ? 
30 OD1 ? A ASP 94  ? A ASP 94  ? 1_555 CA ? C CA . ? A CA 111 ? 1_555 OE1 ? A GLU 101 ? A GLU 101 ? 1_555 152.9 ? 
31 O   ? A LYS 96  ? A LYS 96  ? 1_555 CA ? C CA . ? A CA 111 ? 1_555 OE1 ? A GLU 101 ? A GLU 101 ? 1_555 82.4  ? 
32 OD1 ? A ASP 90  ? A ASP 90  ? 1_555 CA ? C CA . ? A CA 111 ? 1_555 OE2 ? A GLU 101 ? A GLU 101 ? 1_555 90.9  ? 
33 OD1 ? A ASP 92  ? A ASP 92  ? 1_555 CA ? C CA . ? A CA 111 ? 1_555 OE2 ? A GLU 101 ? A GLU 101 ? 1_555 78.2  ? 
34 OD1 ? A ASP 94  ? A ASP 94  ? 1_555 CA ? C CA . ? A CA 111 ? 1_555 OE2 ? A GLU 101 ? A GLU 101 ? 1_555 153.8 ? 
35 O   ? A LYS 96  ? A LYS 96  ? 1_555 CA ? C CA . ? A CA 111 ? 1_555 OE2 ? A GLU 101 ? A GLU 101 ? 1_555 125.9 ? 
36 OE1 ? A GLU 101 ? A GLU 101 ? 1_555 CA ? C CA . ? A CA 111 ? 1_555 OE2 ? A GLU 101 ? A GLU 101 ? 1_555 51.5  ? 
37 OD1 ? A ASP 90  ? A ASP 90  ? 1_555 CA ? C CA . ? A CA 111 ? 1_555 O   ? F HOH .   ? A HOH 158 ? 1_555 158.9 ? 
38 OD1 ? A ASP 92  ? A ASP 92  ? 1_555 CA ? C CA . ? A CA 111 ? 1_555 O   ? F HOH .   ? A HOH 158 ? 1_555 96.3  ? 
39 OD1 ? A ASP 94  ? A ASP 94  ? 1_555 CA ? C CA . ? A CA 111 ? 1_555 O   ? F HOH .   ? A HOH 158 ? 1_555 75.8  ? 
40 O   ? A LYS 96  ? A LYS 96  ? 1_555 CA ? C CA . ? A CA 111 ? 1_555 O   ? F HOH .   ? A HOH 158 ? 1_555 90.4  ? 
41 OE1 ? A GLU 101 ? A GLU 101 ? 1_555 CA ? C CA . ? A CA 111 ? 1_555 O   ? F HOH .   ? A HOH 158 ? 1_555 84.9  ? 
42 OE2 ? A GLU 101 ? A GLU 101 ? 1_555 CA ? C CA . ? A CA 111 ? 1_555 O   ? F HOH .   ? A HOH 158 ? 1_555 109.1 ? 
# 
loop_
_pdbx_audit_revision_history.ordinal 
_pdbx_audit_revision_history.data_content_type 
_pdbx_audit_revision_history.major_revision 
_pdbx_audit_revision_history.minor_revision 
_pdbx_audit_revision_history.revision_date 
1 'Structure model' 1 0 2009-07-07 
2 'Structure model' 1 1 2011-07-13 
3 'Structure model' 1 2 2021-11-10 
4 'Structure model' 1 3 2023-11-01 
# 
_pdbx_audit_revision_details.ordinal             1 
_pdbx_audit_revision_details.revision_ordinal    1 
_pdbx_audit_revision_details.data_content_type   'Structure model' 
_pdbx_audit_revision_details.provider            repository 
_pdbx_audit_revision_details.type                'Initial release' 
_pdbx_audit_revision_details.description         ? 
_pdbx_audit_revision_details.details             ? 
# 
loop_
_pdbx_audit_revision_group.ordinal 
_pdbx_audit_revision_group.revision_ordinal 
_pdbx_audit_revision_group.data_content_type 
_pdbx_audit_revision_group.group 
1 2 'Structure model' 'Version format compliance' 
2 3 'Structure model' 'Database references'       
3 3 'Structure model' 'Derived calculations'      
4 4 'Structure model' 'Data collection'           
5 4 'Structure model' 'Refinement description'    
# 
loop_
_pdbx_audit_revision_category.ordinal 
_pdbx_audit_revision_category.revision_ordinal 
_pdbx_audit_revision_category.data_content_type 
_pdbx_audit_revision_category.category 
1 3 'Structure model' database_2                    
2 3 'Structure model' struct_ref_seq_dif            
3 3 'Structure model' struct_site                   
4 4 'Structure model' chem_comp_atom                
5 4 'Structure model' chem_comp_bond                
6 4 'Structure model' pdbx_initial_refinement_model 
# 
loop_
_pdbx_audit_revision_item.ordinal 
_pdbx_audit_revision_item.revision_ordinal 
_pdbx_audit_revision_item.data_content_type 
_pdbx_audit_revision_item.item 
1 3 'Structure model' '_database_2.pdbx_DOI'                
2 3 'Structure model' '_database_2.pdbx_database_accession' 
3 3 'Structure model' '_struct_ref_seq_dif.details'         
4 3 'Structure model' '_struct_site.pdbx_auth_asym_id'      
5 3 'Structure model' '_struct_site.pdbx_auth_comp_id'      
6 3 'Structure model' '_struct_site.pdbx_auth_seq_id'       
# 
loop_
_software.name 
_software.classification 
_software.version 
_software.citation_id 
_software.pdbx_ordinal 
EPMR   phasing          .        ? 1 
REFMAC refinement       5.2.0005 ? 2 
MOSFLM 'data reduction' .        ? 3 
SCALA  'data scaling'   .        ? 4 
# 
_pdbx_validate_close_contact.id               1 
_pdbx_validate_close_contact.PDB_model_num    1 
_pdbx_validate_close_contact.auth_atom_id_1   NE2 
_pdbx_validate_close_contact.auth_asym_id_1   A 
_pdbx_validate_close_contact.auth_comp_id_1   HIS 
_pdbx_validate_close_contact.auth_seq_id_1    26 
_pdbx_validate_close_contact.PDB_ins_code_1   ? 
_pdbx_validate_close_contact.label_alt_id_1   ? 
_pdbx_validate_close_contact.auth_atom_id_2   O 
_pdbx_validate_close_contact.auth_asym_id_2   A 
_pdbx_validate_close_contact.auth_comp_id_2   HOH 
_pdbx_validate_close_contact.auth_seq_id_2    178 
_pdbx_validate_close_contact.PDB_ins_code_2   ? 
_pdbx_validate_close_contact.label_alt_id_2   ? 
_pdbx_validate_close_contact.dist             2.19 
# 
loop_
_chem_comp_atom.comp_id 
_chem_comp_atom.atom_id 
_chem_comp_atom.type_symbol 
_chem_comp_atom.pdbx_aromatic_flag 
_chem_comp_atom.pdbx_stereo_config 
_chem_comp_atom.pdbx_ordinal 
ALA N    N  N N 1   
ALA CA   C  N S 2   
ALA C    C  N N 3   
ALA O    O  N N 4   
ALA CB   C  N N 5   
ALA OXT  O  N N 6   
ALA H    H  N N 7   
ALA H2   H  N N 8   
ALA HA   H  N N 9   
ALA HB1  H  N N 10  
ALA HB2  H  N N 11  
ALA HB3  H  N N 12  
ALA HXT  H  N N 13  
ARG N    N  N N 14  
ARG CA   C  N S 15  
ARG C    C  N N 16  
ARG O    O  N N 17  
ARG CB   C  N N 18  
ARG CG   C  N N 19  
ARG CD   C  N N 20  
ARG NE   N  N N 21  
ARG CZ   C  N N 22  
ARG NH1  N  N N 23  
ARG NH2  N  N N 24  
ARG OXT  O  N N 25  
ARG H    H  N N 26  
ARG H2   H  N N 27  
ARG HA   H  N N 28  
ARG HB2  H  N N 29  
ARG HB3  H  N N 30  
ARG HG2  H  N N 31  
ARG HG3  H  N N 32  
ARG HD2  H  N N 33  
ARG HD3  H  N N 34  
ARG HE   H  N N 35  
ARG HH11 H  N N 36  
ARG HH12 H  N N 37  
ARG HH21 H  N N 38  
ARG HH22 H  N N 39  
ARG HXT  H  N N 40  
ASP N    N  N N 41  
ASP CA   C  N S 42  
ASP C    C  N N 43  
ASP O    O  N N 44  
ASP CB   C  N N 45  
ASP CG   C  N N 46  
ASP OD1  O  N N 47  
ASP OD2  O  N N 48  
ASP OXT  O  N N 49  
ASP H    H  N N 50  
ASP H2   H  N N 51  
ASP HA   H  N N 52  
ASP HB2  H  N N 53  
ASP HB3  H  N N 54  
ASP HD2  H  N N 55  
ASP HXT  H  N N 56  
CA  CA   CA N N 57  
GLN N    N  N N 58  
GLN CA   C  N S 59  
GLN C    C  N N 60  
GLN O    O  N N 61  
GLN CB   C  N N 62  
GLN CG   C  N N 63  
GLN CD   C  N N 64  
GLN OE1  O  N N 65  
GLN NE2  N  N N 66  
GLN OXT  O  N N 67  
GLN H    H  N N 68  
GLN H2   H  N N 69  
GLN HA   H  N N 70  
GLN HB2  H  N N 71  
GLN HB3  H  N N 72  
GLN HG2  H  N N 73  
GLN HG3  H  N N 74  
GLN HE21 H  N N 75  
GLN HE22 H  N N 76  
GLN HXT  H  N N 77  
GLU N    N  N N 78  
GLU CA   C  N S 79  
GLU C    C  N N 80  
GLU O    O  N N 81  
GLU CB   C  N N 82  
GLU CG   C  N N 83  
GLU CD   C  N N 84  
GLU OE1  O  N N 85  
GLU OE2  O  N N 86  
GLU OXT  O  N N 87  
GLU H    H  N N 88  
GLU H2   H  N N 89  
GLU HA   H  N N 90  
GLU HB2  H  N N 91  
GLU HB3  H  N N 92  
GLU HG2  H  N N 93  
GLU HG3  H  N N 94  
GLU HE2  H  N N 95  
GLU HXT  H  N N 96  
GLY N    N  N N 97  
GLY CA   C  N N 98  
GLY C    C  N N 99  
GLY O    O  N N 100 
GLY OXT  O  N N 101 
GLY H    H  N N 102 
GLY H2   H  N N 103 
GLY HA2  H  N N 104 
GLY HA3  H  N N 105 
GLY HXT  H  N N 106 
HIS N    N  N N 107 
HIS CA   C  N S 108 
HIS C    C  N N 109 
HIS O    O  N N 110 
HIS CB   C  N N 111 
HIS CG   C  Y N 112 
HIS ND1  N  Y N 113 
HIS CD2  C  Y N 114 
HIS CE1  C  Y N 115 
HIS NE2  N  Y N 116 
HIS OXT  O  N N 117 
HIS H    H  N N 118 
HIS H2   H  N N 119 
HIS HA   H  N N 120 
HIS HB2  H  N N 121 
HIS HB3  H  N N 122 
HIS HD1  H  N N 123 
HIS HD2  H  N N 124 
HIS HE1  H  N N 125 
HIS HE2  H  N N 126 
HIS HXT  H  N N 127 
HOH O    O  N N 128 
HOH H1   H  N N 129 
HOH H2   H  N N 130 
ILE N    N  N N 131 
ILE CA   C  N S 132 
ILE C    C  N N 133 
ILE O    O  N N 134 
ILE CB   C  N S 135 
ILE CG1  C  N N 136 
ILE CG2  C  N N 137 
ILE CD1  C  N N 138 
ILE OXT  O  N N 139 
ILE H    H  N N 140 
ILE H2   H  N N 141 
ILE HA   H  N N 142 
ILE HB   H  N N 143 
ILE HG12 H  N N 144 
ILE HG13 H  N N 145 
ILE HG21 H  N N 146 
ILE HG22 H  N N 147 
ILE HG23 H  N N 148 
ILE HD11 H  N N 149 
ILE HD12 H  N N 150 
ILE HD13 H  N N 151 
ILE HXT  H  N N 152 
LEU N    N  N N 153 
LEU CA   C  N S 154 
LEU C    C  N N 155 
LEU O    O  N N 156 
LEU CB   C  N N 157 
LEU CG   C  N N 158 
LEU CD1  C  N N 159 
LEU CD2  C  N N 160 
LEU OXT  O  N N 161 
LEU H    H  N N 162 
LEU H2   H  N N 163 
LEU HA   H  N N 164 
LEU HB2  H  N N 165 
LEU HB3  H  N N 166 
LEU HG   H  N N 167 
LEU HD11 H  N N 168 
LEU HD12 H  N N 169 
LEU HD13 H  N N 170 
LEU HD21 H  N N 171 
LEU HD22 H  N N 172 
LEU HD23 H  N N 173 
LEU HXT  H  N N 174 
LYS N    N  N N 175 
LYS CA   C  N S 176 
LYS C    C  N N 177 
LYS O    O  N N 178 
LYS CB   C  N N 179 
LYS CG   C  N N 180 
LYS CD   C  N N 181 
LYS CE   C  N N 182 
LYS NZ   N  N N 183 
LYS OXT  O  N N 184 
LYS H    H  N N 185 
LYS H2   H  N N 186 
LYS HA   H  N N 187 
LYS HB2  H  N N 188 
LYS HB3  H  N N 189 
LYS HG2  H  N N 190 
LYS HG3  H  N N 191 
LYS HD2  H  N N 192 
LYS HD3  H  N N 193 
LYS HE2  H  N N 194 
LYS HE3  H  N N 195 
LYS HZ1  H  N N 196 
LYS HZ2  H  N N 197 
LYS HZ3  H  N N 198 
LYS HXT  H  N N 199 
MET N    N  N N 200 
MET CA   C  N S 201 
MET C    C  N N 202 
MET O    O  N N 203 
MET CB   C  N N 204 
MET CG   C  N N 205 
MET SD   S  N N 206 
MET CE   C  N N 207 
MET OXT  O  N N 208 
MET H    H  N N 209 
MET H2   H  N N 210 
MET HA   H  N N 211 
MET HB2  H  N N 212 
MET HB3  H  N N 213 
MET HG2  H  N N 214 
MET HG3  H  N N 215 
MET HE1  H  N N 216 
MET HE2  H  N N 217 
MET HE3  H  N N 218 
MET HXT  H  N N 219 
PHE N    N  N N 220 
PHE CA   C  N S 221 
PHE C    C  N N 222 
PHE O    O  N N 223 
PHE CB   C  N N 224 
PHE CG   C  Y N 225 
PHE CD1  C  Y N 226 
PHE CD2  C  Y N 227 
PHE CE1  C  Y N 228 
PHE CE2  C  Y N 229 
PHE CZ   C  Y N 230 
PHE OXT  O  N N 231 
PHE H    H  N N 232 
PHE H2   H  N N 233 
PHE HA   H  N N 234 
PHE HB2  H  N N 235 
PHE HB3  H  N N 236 
PHE HD1  H  N N 237 
PHE HD2  H  N N 238 
PHE HE1  H  N N 239 
PHE HE2  H  N N 240 
PHE HZ   H  N N 241 
PHE HXT  H  N N 242 
SER N    N  N N 243 
SER CA   C  N S 244 
SER C    C  N N 245 
SER O    O  N N 246 
SER CB   C  N N 247 
SER OG   O  N N 248 
SER OXT  O  N N 249 
SER H    H  N N 250 
SER H2   H  N N 251 
SER HA   H  N N 252 
SER HB2  H  N N 253 
SER HB3  H  N N 254 
SER HG   H  N N 255 
SER HXT  H  N N 256 
SO4 S    S  N N 257 
SO4 O1   O  N N 258 
SO4 O2   O  N N 259 
SO4 O3   O  N N 260 
SO4 O4   O  N N 261 
THR N    N  N N 262 
THR CA   C  N S 263 
THR C    C  N N 264 
THR O    O  N N 265 
THR CB   C  N R 266 
THR OG1  O  N N 267 
THR CG2  C  N N 268 
THR OXT  O  N N 269 
THR H    H  N N 270 
THR H2   H  N N 271 
THR HA   H  N N 272 
THR HB   H  N N 273 
THR HG1  H  N N 274 
THR HG21 H  N N 275 
THR HG22 H  N N 276 
THR HG23 H  N N 277 
THR HXT  H  N N 278 
VAL N    N  N N 279 
VAL CA   C  N S 280 
VAL C    C  N N 281 
VAL O    O  N N 282 
VAL CB   C  N N 283 
VAL CG1  C  N N 284 
VAL CG2  C  N N 285 
VAL OXT  O  N N 286 
VAL H    H  N N 287 
VAL H2   H  N N 288 
VAL HA   H  N N 289 
VAL HB   H  N N 290 
VAL HG11 H  N N 291 
VAL HG12 H  N N 292 
VAL HG13 H  N N 293 
VAL HG21 H  N N 294 
VAL HG22 H  N N 295 
VAL HG23 H  N N 296 
VAL HXT  H  N N 297 
# 
loop_
_chem_comp_bond.comp_id 
_chem_comp_bond.atom_id_1 
_chem_comp_bond.atom_id_2 
_chem_comp_bond.value_order 
_chem_comp_bond.pdbx_aromatic_flag 
_chem_comp_bond.pdbx_stereo_config 
_chem_comp_bond.pdbx_ordinal 
ALA N   CA   sing N N 1   
ALA N   H    sing N N 2   
ALA N   H2   sing N N 3   
ALA CA  C    sing N N 4   
ALA CA  CB   sing N N 5   
ALA CA  HA   sing N N 6   
ALA C   O    doub N N 7   
ALA C   OXT  sing N N 8   
ALA CB  HB1  sing N N 9   
ALA CB  HB2  sing N N 10  
ALA CB  HB3  sing N N 11  
ALA OXT HXT  sing N N 12  
ARG N   CA   sing N N 13  
ARG N   H    sing N N 14  
ARG N   H2   sing N N 15  
ARG CA  C    sing N N 16  
ARG CA  CB   sing N N 17  
ARG CA  HA   sing N N 18  
ARG C   O    doub N N 19  
ARG C   OXT  sing N N 20  
ARG CB  CG   sing N N 21  
ARG CB  HB2  sing N N 22  
ARG CB  HB3  sing N N 23  
ARG CG  CD   sing N N 24  
ARG CG  HG2  sing N N 25  
ARG CG  HG3  sing N N 26  
ARG CD  NE   sing N N 27  
ARG CD  HD2  sing N N 28  
ARG CD  HD3  sing N N 29  
ARG NE  CZ   sing N N 30  
ARG NE  HE   sing N N 31  
ARG CZ  NH1  sing N N 32  
ARG CZ  NH2  doub N N 33  
ARG NH1 HH11 sing N N 34  
ARG NH1 HH12 sing N N 35  
ARG NH2 HH21 sing N N 36  
ARG NH2 HH22 sing N N 37  
ARG OXT HXT  sing N N 38  
ASP N   CA   sing N N 39  
ASP N   H    sing N N 40  
ASP N   H2   sing N N 41  
ASP CA  C    sing N N 42  
ASP CA  CB   sing N N 43  
ASP CA  HA   sing N N 44  
ASP C   O    doub N N 45  
ASP C   OXT  sing N N 46  
ASP CB  CG   sing N N 47  
ASP CB  HB2  sing N N 48  
ASP CB  HB3  sing N N 49  
ASP CG  OD1  doub N N 50  
ASP CG  OD2  sing N N 51  
ASP OD2 HD2  sing N N 52  
ASP OXT HXT  sing N N 53  
GLN N   CA   sing N N 54  
GLN N   H    sing N N 55  
GLN N   H2   sing N N 56  
GLN CA  C    sing N N 57  
GLN CA  CB   sing N N 58  
GLN CA  HA   sing N N 59  
GLN C   O    doub N N 60  
GLN C   OXT  sing N N 61  
GLN CB  CG   sing N N 62  
GLN CB  HB2  sing N N 63  
GLN CB  HB3  sing N N 64  
GLN CG  CD   sing N N 65  
GLN CG  HG2  sing N N 66  
GLN CG  HG3  sing N N 67  
GLN CD  OE1  doub N N 68  
GLN CD  NE2  sing N N 69  
GLN NE2 HE21 sing N N 70  
GLN NE2 HE22 sing N N 71  
GLN OXT HXT  sing N N 72  
GLU N   CA   sing N N 73  
GLU N   H    sing N N 74  
GLU N   H2   sing N N 75  
GLU CA  C    sing N N 76  
GLU CA  CB   sing N N 77  
GLU CA  HA   sing N N 78  
GLU C   O    doub N N 79  
GLU C   OXT  sing N N 80  
GLU CB  CG   sing N N 81  
GLU CB  HB2  sing N N 82  
GLU CB  HB3  sing N N 83  
GLU CG  CD   sing N N 84  
GLU CG  HG2  sing N N 85  
GLU CG  HG3  sing N N 86  
GLU CD  OE1  doub N N 87  
GLU CD  OE2  sing N N 88  
GLU OE2 HE2  sing N N 89  
GLU OXT HXT  sing N N 90  
GLY N   CA   sing N N 91  
GLY N   H    sing N N 92  
GLY N   H2   sing N N 93  
GLY CA  C    sing N N 94  
GLY CA  HA2  sing N N 95  
GLY CA  HA3  sing N N 96  
GLY C   O    doub N N 97  
GLY C   OXT  sing N N 98  
GLY OXT HXT  sing N N 99  
HIS N   CA   sing N N 100 
HIS N   H    sing N N 101 
HIS N   H2   sing N N 102 
HIS CA  C    sing N N 103 
HIS CA  CB   sing N N 104 
HIS CA  HA   sing N N 105 
HIS C   O    doub N N 106 
HIS C   OXT  sing N N 107 
HIS CB  CG   sing N N 108 
HIS CB  HB2  sing N N 109 
HIS CB  HB3  sing N N 110 
HIS CG  ND1  sing Y N 111 
HIS CG  CD2  doub Y N 112 
HIS ND1 CE1  doub Y N 113 
HIS ND1 HD1  sing N N 114 
HIS CD2 NE2  sing Y N 115 
HIS CD2 HD2  sing N N 116 
HIS CE1 NE2  sing Y N 117 
HIS CE1 HE1  sing N N 118 
HIS NE2 HE2  sing N N 119 
HIS OXT HXT  sing N N 120 
HOH O   H1   sing N N 121 
HOH O   H2   sing N N 122 
ILE N   CA   sing N N 123 
ILE N   H    sing N N 124 
ILE N   H2   sing N N 125 
ILE CA  C    sing N N 126 
ILE CA  CB   sing N N 127 
ILE CA  HA   sing N N 128 
ILE C   O    doub N N 129 
ILE C   OXT  sing N N 130 
ILE CB  CG1  sing N N 131 
ILE CB  CG2  sing N N 132 
ILE CB  HB   sing N N 133 
ILE CG1 CD1  sing N N 134 
ILE CG1 HG12 sing N N 135 
ILE CG1 HG13 sing N N 136 
ILE CG2 HG21 sing N N 137 
ILE CG2 HG22 sing N N 138 
ILE CG2 HG23 sing N N 139 
ILE CD1 HD11 sing N N 140 
ILE CD1 HD12 sing N N 141 
ILE CD1 HD13 sing N N 142 
ILE OXT HXT  sing N N 143 
LEU N   CA   sing N N 144 
LEU N   H    sing N N 145 
LEU N   H2   sing N N 146 
LEU CA  C    sing N N 147 
LEU CA  CB   sing N N 148 
LEU CA  HA   sing N N 149 
LEU C   O    doub N N 150 
LEU C   OXT  sing N N 151 
LEU CB  CG   sing N N 152 
LEU CB  HB2  sing N N 153 
LEU CB  HB3  sing N N 154 
LEU CG  CD1  sing N N 155 
LEU CG  CD2  sing N N 156 
LEU CG  HG   sing N N 157 
LEU CD1 HD11 sing N N 158 
LEU CD1 HD12 sing N N 159 
LEU CD1 HD13 sing N N 160 
LEU CD2 HD21 sing N N 161 
LEU CD2 HD22 sing N N 162 
LEU CD2 HD23 sing N N 163 
LEU OXT HXT  sing N N 164 
LYS N   CA   sing N N 165 
LYS N   H    sing N N 166 
LYS N   H2   sing N N 167 
LYS CA  C    sing N N 168 
LYS CA  CB   sing N N 169 
LYS CA  HA   sing N N 170 
LYS C   O    doub N N 171 
LYS C   OXT  sing N N 172 
LYS CB  CG   sing N N 173 
LYS CB  HB2  sing N N 174 
LYS CB  HB3  sing N N 175 
LYS CG  CD   sing N N 176 
LYS CG  HG2  sing N N 177 
LYS CG  HG3  sing N N 178 
LYS CD  CE   sing N N 179 
LYS CD  HD2  sing N N 180 
LYS CD  HD3  sing N N 181 
LYS CE  NZ   sing N N 182 
LYS CE  HE2  sing N N 183 
LYS CE  HE3  sing N N 184 
LYS NZ  HZ1  sing N N 185 
LYS NZ  HZ2  sing N N 186 
LYS NZ  HZ3  sing N N 187 
LYS OXT HXT  sing N N 188 
MET N   CA   sing N N 189 
MET N   H    sing N N 190 
MET N   H2   sing N N 191 
MET CA  C    sing N N 192 
MET CA  CB   sing N N 193 
MET CA  HA   sing N N 194 
MET C   O    doub N N 195 
MET C   OXT  sing N N 196 
MET CB  CG   sing N N 197 
MET CB  HB2  sing N N 198 
MET CB  HB3  sing N N 199 
MET CG  SD   sing N N 200 
MET CG  HG2  sing N N 201 
MET CG  HG3  sing N N 202 
MET SD  CE   sing N N 203 
MET CE  HE1  sing N N 204 
MET CE  HE2  sing N N 205 
MET CE  HE3  sing N N 206 
MET OXT HXT  sing N N 207 
PHE N   CA   sing N N 208 
PHE N   H    sing N N 209 
PHE N   H2   sing N N 210 
PHE CA  C    sing N N 211 
PHE CA  CB   sing N N 212 
PHE CA  HA   sing N N 213 
PHE C   O    doub N N 214 
PHE C   OXT  sing N N 215 
PHE CB  CG   sing N N 216 
PHE CB  HB2  sing N N 217 
PHE CB  HB3  sing N N 218 
PHE CG  CD1  doub Y N 219 
PHE CG  CD2  sing Y N 220 
PHE CD1 CE1  sing Y N 221 
PHE CD1 HD1  sing N N 222 
PHE CD2 CE2  doub Y N 223 
PHE CD2 HD2  sing N N 224 
PHE CE1 CZ   doub Y N 225 
PHE CE1 HE1  sing N N 226 
PHE CE2 CZ   sing Y N 227 
PHE CE2 HE2  sing N N 228 
PHE CZ  HZ   sing N N 229 
PHE OXT HXT  sing N N 230 
SER N   CA   sing N N 231 
SER N   H    sing N N 232 
SER N   H2   sing N N 233 
SER CA  C    sing N N 234 
SER CA  CB   sing N N 235 
SER CA  HA   sing N N 236 
SER C   O    doub N N 237 
SER C   OXT  sing N N 238 
SER CB  OG   sing N N 239 
SER CB  HB2  sing N N 240 
SER CB  HB3  sing N N 241 
SER OG  HG   sing N N 242 
SER OXT HXT  sing N N 243 
SO4 S   O1   doub N N 244 
SO4 S   O2   doub N N 245 
SO4 S   O3   sing N N 246 
SO4 S   O4   sing N N 247 
THR N   CA   sing N N 248 
THR N   H    sing N N 249 
THR N   H2   sing N N 250 
THR CA  C    sing N N 251 
THR CA  CB   sing N N 252 
THR CA  HA   sing N N 253 
THR C   O    doub N N 254 
THR C   OXT  sing N N 255 
THR CB  OG1  sing N N 256 
THR CB  CG2  sing N N 257 
THR CB  HB   sing N N 258 
THR OG1 HG1  sing N N 259 
THR CG2 HG21 sing N N 260 
THR CG2 HG22 sing N N 261 
THR CG2 HG23 sing N N 262 
THR OXT HXT  sing N N 263 
VAL N   CA   sing N N 264 
VAL N   H    sing N N 265 
VAL N   H2   sing N N 266 
VAL CA  C    sing N N 267 
VAL CA  CB   sing N N 268 
VAL CA  HA   sing N N 269 
VAL C   O    doub N N 270 
VAL C   OXT  sing N N 271 
VAL CB  CG1  sing N N 272 
VAL CB  CG2  sing N N 273 
VAL CB  HB   sing N N 274 
VAL CG1 HG11 sing N N 275 
VAL CG1 HG12 sing N N 276 
VAL CG1 HG13 sing N N 277 
VAL CG2 HG21 sing N N 278 
VAL CG2 HG22 sing N N 279 
VAL CG2 HG23 sing N N 280 
VAL OXT HXT  sing N N 281 
# 
loop_
_pdbx_entity_nonpoly.entity_id 
_pdbx_entity_nonpoly.name 
_pdbx_entity_nonpoly.comp_id 
2 'CALCIUM ION' CA  
3 'SULFATE ION' SO4 
4 water         HOH 
# 
_pdbx_initial_refinement_model.id               1 
_pdbx_initial_refinement_model.entity_id_list   ? 
_pdbx_initial_refinement_model.type             'experimental model' 
_pdbx_initial_refinement_model.source_name      PDB 
_pdbx_initial_refinement_model.accession_code   1RTP 
_pdbx_initial_refinement_model.details          'PDB ENTRY 1RTP' 
# 
